data_9C90
# 
_entry.id   9C90 
# 
_audit_conform.dict_name       mmcif_pdbx.dic 
_audit_conform.dict_version    5.399 
_audit_conform.dict_location   http://mmcif.pdb.org/dictionaries/ascii/mmcif_pdbx.dic 
# 
loop_
_database_2.database_id 
_database_2.database_code 
_database_2.pdbx_database_accession 
_database_2.pdbx_DOI 
PDB   9C90         pdb_00009c90 10.2210/pdb9c90/pdb 
WWPDB D_1000284423 ?            ?                   
# 
loop_
_pdbx_audit_revision_history.ordinal 
_pdbx_audit_revision_history.data_content_type 
_pdbx_audit_revision_history.major_revision 
_pdbx_audit_revision_history.minor_revision 
_pdbx_audit_revision_history.revision_date 
1 'Structure model' 1 0 2024-10-16 
2 'Structure model' 1 1 2024-11-13 
# 
_pdbx_audit_revision_details.ordinal             1 
_pdbx_audit_revision_details.revision_ordinal    1 
_pdbx_audit_revision_details.data_content_type   'Structure model' 
_pdbx_audit_revision_details.provider            repository 
_pdbx_audit_revision_details.type                'Initial release' 
_pdbx_audit_revision_details.description         ? 
_pdbx_audit_revision_details.details             ? 
# 
_pdbx_audit_revision_group.ordinal             1 
_pdbx_audit_revision_group.revision_ordinal    2 
_pdbx_audit_revision_group.data_content_type   'Structure model' 
_pdbx_audit_revision_group.group               'Database references' 
# 
loop_
_pdbx_audit_revision_category.ordinal 
_pdbx_audit_revision_category.revision_ordinal 
_pdbx_audit_revision_category.data_content_type 
_pdbx_audit_revision_category.category 
1 2 'Structure model' citation        
2 2 'Structure model' citation_author 
# 
loop_
_pdbx_audit_revision_item.ordinal 
_pdbx_audit_revision_item.revision_ordinal 
_pdbx_audit_revision_item.data_content_type 
_pdbx_audit_revision_item.item 
1  2 'Structure model' '_citation.country'                 
2  2 'Structure model' '_citation.journal_abbrev'          
3  2 'Structure model' '_citation.journal_id_ASTM'         
4  2 'Structure model' '_citation.journal_id_CSD'          
5  2 'Structure model' '_citation.journal_id_ISSN'         
6  2 'Structure model' '_citation.journal_volume'          
7  2 'Structure model' '_citation.page_first'              
8  2 'Structure model' '_citation.page_last'               
9  2 'Structure model' '_citation.pdbx_database_id_DOI'    
10 2 'Structure model' '_citation.pdbx_database_id_PubMed' 
11 2 'Structure model' '_citation.title'                   
12 2 'Structure model' '_citation.year'                    
13 2 'Structure model' '_citation_author.identifier_ORCID' 
14 2 'Structure model' '_citation_author.name'             
# 
_pdbx_database_status.status_code                     REL 
_pdbx_database_status.status_code_sf                  REL 
_pdbx_database_status.status_code_mr                  ? 
_pdbx_database_status.entry_id                        9C90 
_pdbx_database_status.recvd_initial_deposition_date   2024-06-13 
_pdbx_database_status.SG_entry                        N 
_pdbx_database_status.deposit_site                    RCSB 
_pdbx_database_status.process_site                    RCSB 
_pdbx_database_status.status_code_cs                  ? 
_pdbx_database_status.status_code_nmr_data            ? 
_pdbx_database_status.methods_development_category    ? 
_pdbx_database_status.pdb_format_compatible           Y 
# 
_pdbx_contact_author.id                 2 
_pdbx_contact_author.email              akb20@psu.edu 
_pdbx_contact_author.name_first         Amie 
_pdbx_contact_author.name_last          Boal 
_pdbx_contact_author.name_mi            ? 
_pdbx_contact_author.role               'principal investigator/group leader' 
_pdbx_contact_author.identifier_ORCID   0000-0002-1234-8472 
# 
loop_
_audit_author.name 
_audit_author.pdbx_ordinal 
_audit_author.identifier_ORCID 
'Jung, J.J.' 1 0000-0002-2093-6207 
'Lin, C.-Y.' 2 0000-0001-6555-8767 
'Boal, A.K.' 3 0000-0002-1234-8472 
# 
_citation.abstract                  ? 
_citation.abstract_id_CAS           ? 
_citation.book_id_ISBN              ? 
_citation.book_publisher            ? 
_citation.book_publisher_city       ? 
_citation.book_title                ? 
_citation.coordinate_linkage        ? 
_citation.country                   US 
_citation.database_id_Medline       ? 
_citation.details                   ? 
_citation.id                        primary 
_citation.journal_abbrev            Proc.Natl.Acad.Sci.USA 
_citation.journal_id_ASTM           PNASA6 
_citation.journal_id_CSD            0040 
_citation.journal_id_ISSN           1091-6490 
_citation.journal_full              ? 
_citation.journal_issue             ? 
_citation.journal_volume            121 
_citation.language                  ? 
_citation.page_first                e2410926121 
_citation.page_last                 e2410926121 
_citation.title                     
'Modulating metal-centered dimerization of a lanthanide chaperone protein for separation of light lanthanides.' 
_citation.year                      2024 
_citation.database_id_CSD           ? 
_citation.pdbx_database_id_DOI      10.1073/pnas.2410926121 
_citation.pdbx_database_id_PubMed   39467132 
_citation.pdbx_database_id_patent   ? 
_citation.unpublished_flag          ? 
# 
loop_
_citation_author.citation_id 
_citation_author.name 
_citation_author.ordinal 
_citation_author.identifier_ORCID 
primary 'Larrinaga, W.B.'   1 0009-0009-0416-5121 
primary 'Jung, J.J.'        2 0000-0002-2093-6207 
primary 'Lin, C.Y.'         3 0000-0001-6555-8767 
primary 'Boal, A.K.'        4 ?                   
primary 'Cotruvo Jr., J.A.' 5 0000-0003-4243-8257 
# 
loop_
_entity.id 
_entity.type 
_entity.src_method 
_entity.pdbx_description 
_entity.formula_weight 
_entity.pdbx_number_of_molecules 
_entity.pdbx_ec 
_entity.pdbx_mutation 
_entity.pdbx_fragment 
_entity.details 
1 polymer     man landiscernin         6602.546 1 ? ? ? ? 
2 non-polymer syn 'HOLMIUM (III) ATOM' 164.930  1 ? ? ? ? 
3 water       nat water                18.015   8 ? ? ? ? 
# 
_entity_poly.entity_id                      1 
_entity_poly.type                           'polypeptide(L)' 
_entity_poly.nstd_linkage                   no 
_entity_poly.nstd_monomer                   no 
_entity_poly.pdbx_seq_one_letter_code       DDKAACADGIAAVKARVEKLAPEAVPQKLKRALKIAEREQGEGEFDECLEALDDAKRALPK 
_entity_poly.pdbx_seq_one_letter_code_can   DDKAACADGIAAVKARVEKLAPEAVPQKLKRALKIAEREQGEGEFDECLEALDDAKRALPK 
_entity_poly.pdbx_strand_id                 A 
_entity_poly.pdbx_target_identifier         ? 
# 
loop_
_pdbx_entity_nonpoly.entity_id 
_pdbx_entity_nonpoly.name 
_pdbx_entity_nonpoly.comp_id 
2 'HOLMIUM (III) ATOM' HO3 
3 water                HOH 
# 
loop_
_entity_poly_seq.entity_id 
_entity_poly_seq.num 
_entity_poly_seq.mon_id 
_entity_poly_seq.hetero 
1 1  ASP n 
1 2  ASP n 
1 3  LYS n 
1 4  ALA n 
1 5  ALA n 
1 6  CYS n 
1 7  ALA n 
1 8  ASP n 
1 9  GLY n 
1 10 ILE n 
1 11 ALA n 
1 12 ALA n 
1 13 VAL n 
1 14 LYS n 
1 15 ALA n 
1 16 ARG n 
1 17 VAL n 
1 18 GLU n 
1 19 LYS n 
1 20 LEU n 
1 21 ALA n 
1 22 PRO n 
1 23 GLU n 
1 24 ALA n 
1 25 VAL n 
1 26 PRO n 
1 27 GLN n 
1 28 LYS n 
1 29 LEU n 
1 30 LYS n 
1 31 ARG n 
1 32 ALA n 
1 33 LEU n 
1 34 LYS n 
1 35 ILE n 
1 36 ALA n 
1 37 GLU n 
1 38 ARG n 
1 39 GLU n 
1 40 GLN n 
1 41 GLY n 
1 42 GLU n 
1 43 GLY n 
1 44 GLU n 
1 45 PHE n 
1 46 ASP n 
1 47 GLU n 
1 48 CYS n 
1 49 LEU n 
1 50 GLU n 
1 51 ALA n 
1 52 LEU n 
1 53 ASP n 
1 54 ASP n 
1 55 ALA n 
1 56 LYS n 
1 57 ARG n 
1 58 ALA n 
1 59 LEU n 
1 60 PRO n 
1 61 LYS n 
# 
_entity_src_gen.entity_id                          1 
_entity_src_gen.pdbx_src_id                        1 
_entity_src_gen.pdbx_alt_source_flag               sample 
_entity_src_gen.pdbx_seq_type                      'Biological sequence' 
_entity_src_gen.pdbx_beg_seq_num                   1 
_entity_src_gen.pdbx_end_seq_num                   61 
_entity_src_gen.gene_src_common_name               ? 
_entity_src_gen.gene_src_genus                     ? 
_entity_src_gen.pdbx_gene_src_gene                 LanD 
_entity_src_gen.gene_src_species                   ? 
_entity_src_gen.gene_src_strain                    ? 
_entity_src_gen.gene_src_tissue                    ? 
_entity_src_gen.gene_src_tissue_fraction           ? 
_entity_src_gen.gene_src_details                   ? 
_entity_src_gen.pdbx_gene_src_fragment             ? 
_entity_src_gen.pdbx_gene_src_scientific_name      'Methylorubrum extorquens' 
_entity_src_gen.pdbx_gene_src_ncbi_taxonomy_id     408 
_entity_src_gen.pdbx_gene_src_variant              ? 
_entity_src_gen.pdbx_gene_src_cell_line            ? 
_entity_src_gen.pdbx_gene_src_atcc                 ? 
_entity_src_gen.pdbx_gene_src_organ                ? 
_entity_src_gen.pdbx_gene_src_organelle            ? 
_entity_src_gen.pdbx_gene_src_cell                 ? 
_entity_src_gen.pdbx_gene_src_cellular_location    ? 
_entity_src_gen.host_org_common_name               ? 
_entity_src_gen.pdbx_host_org_scientific_name      'Escherichia coli BL21(DE3)' 
_entity_src_gen.pdbx_host_org_ncbi_taxonomy_id     469008 
_entity_src_gen.host_org_genus                     ? 
_entity_src_gen.pdbx_host_org_gene                 ? 
_entity_src_gen.pdbx_host_org_organ                ? 
_entity_src_gen.host_org_species                   ? 
_entity_src_gen.pdbx_host_org_tissue               ? 
_entity_src_gen.pdbx_host_org_tissue_fraction      ? 
_entity_src_gen.pdbx_host_org_strain               ? 
_entity_src_gen.pdbx_host_org_variant              ? 
_entity_src_gen.pdbx_host_org_cell_line            ? 
_entity_src_gen.pdbx_host_org_atcc                 ? 
_entity_src_gen.pdbx_host_org_culture_collection   ? 
_entity_src_gen.pdbx_host_org_cell                 ? 
_entity_src_gen.pdbx_host_org_organelle            ? 
_entity_src_gen.pdbx_host_org_cellular_location    ? 
_entity_src_gen.pdbx_host_org_vector_type          ? 
_entity_src_gen.pdbx_host_org_vector               ? 
_entity_src_gen.host_org_details                   ? 
_entity_src_gen.expression_system_id               ? 
_entity_src_gen.plasmid_name                       ? 
_entity_src_gen.plasmid_details                    ? 
_entity_src_gen.pdbx_description                   ? 
# 
loop_
_chem_comp.id 
_chem_comp.type 
_chem_comp.mon_nstd_flag 
_chem_comp.name 
_chem_comp.pdbx_synonyms 
_chem_comp.formula 
_chem_comp.formula_weight 
ALA 'L-peptide linking' y ALANINE              ? 'C3 H7 N O2'     89.093  
ARG 'L-peptide linking' y ARGININE             ? 'C6 H15 N4 O2 1' 175.209 
ASP 'L-peptide linking' y 'ASPARTIC ACID'      ? 'C4 H7 N O4'     133.103 
CYS 'L-peptide linking' y CYSTEINE             ? 'C3 H7 N O2 S'   121.158 
GLN 'L-peptide linking' y GLUTAMINE            ? 'C5 H10 N2 O3'   146.144 
GLU 'L-peptide linking' y 'GLUTAMIC ACID'      ? 'C5 H9 N O4'     147.129 
GLY 'peptide linking'   y GLYCINE              ? 'C2 H5 N O2'     75.067  
HO3 non-polymer         . 'HOLMIUM (III) ATOM' ? 'Ho 3'           164.930 
HOH non-polymer         . WATER                ? 'H2 O'           18.015  
ILE 'L-peptide linking' y ISOLEUCINE           ? 'C6 H13 N O2'    131.173 
LEU 'L-peptide linking' y LEUCINE              ? 'C6 H13 N O2'    131.173 
LYS 'L-peptide linking' y LYSINE               ? 'C6 H15 N2 O2 1' 147.195 
PHE 'L-peptide linking' y PHENYLALANINE        ? 'C9 H11 N O2'    165.189 
PRO 'L-peptide linking' y PROLINE              ? 'C5 H9 N O2'     115.130 
VAL 'L-peptide linking' y VALINE               ? 'C5 H11 N O2'    117.146 
# 
loop_
_pdbx_poly_seq_scheme.asym_id 
_pdbx_poly_seq_scheme.entity_id 
_pdbx_poly_seq_scheme.seq_id 
_pdbx_poly_seq_scheme.mon_id 
_pdbx_poly_seq_scheme.ndb_seq_num 
_pdbx_poly_seq_scheme.pdb_seq_num 
_pdbx_poly_seq_scheme.auth_seq_num 
_pdbx_poly_seq_scheme.pdb_mon_id 
_pdbx_poly_seq_scheme.auth_mon_id 
_pdbx_poly_seq_scheme.pdb_strand_id 
_pdbx_poly_seq_scheme.pdb_ins_code 
_pdbx_poly_seq_scheme.hetero 
A 1 1  ASP 1  32 32 ASP ASP A . n 
A 1 2  ASP 2  33 33 ASP ASP A . n 
A 1 3  LYS 3  34 34 LYS LYS A . n 
A 1 4  ALA 4  35 35 ALA ALA A . n 
A 1 5  ALA 5  36 36 ALA ALA A . n 
A 1 6  CYS 6  37 37 CYS CYS A . n 
A 1 7  ALA 7  38 38 ALA ALA A . n 
A 1 8  ASP 8  39 39 ASP ASP A . n 
A 1 9  GLY 9  40 40 GLY GLY A . n 
A 1 10 ILE 10 41 41 ILE ILE A . n 
A 1 11 ALA 11 42 42 ALA ALA A . n 
A 1 12 ALA 12 43 43 ALA ALA A . n 
A 1 13 VAL 13 44 44 VAL VAL A . n 
A 1 14 LYS 14 45 45 LYS LYS A . n 
A 1 15 ALA 15 46 46 ALA ALA A . n 
A 1 16 ARG 16 47 47 ARG ARG A . n 
A 1 17 VAL 17 48 48 VAL VAL A . n 
A 1 18 GLU 18 49 49 GLU GLU A . n 
A 1 19 LYS 19 50 50 LYS LYS A . n 
A 1 20 LEU 20 51 51 LEU LEU A . n 
A 1 21 ALA 21 52 52 ALA ALA A . n 
A 1 22 PRO 22 53 53 PRO PRO A . n 
A 1 23 GLU 23 54 54 GLU GLU A . n 
A 1 24 ALA 24 55 55 ALA ALA A . n 
A 1 25 VAL 25 56 56 VAL VAL A . n 
A 1 26 PRO 26 57 57 PRO PRO A . n 
A 1 27 GLN 27 58 58 GLN GLN A . n 
A 1 28 LYS 28 59 59 LYS LYS A . n 
A 1 29 LEU 29 60 60 LEU LEU A . n 
A 1 30 LYS 30 61 61 LYS LYS A . n 
A 1 31 ARG 31 62 62 ARG ARG A . n 
A 1 32 ALA 32 63 63 ALA ALA A . n 
A 1 33 LEU 33 64 64 LEU LEU A . n 
A 1 34 LYS 34 65 65 LYS LYS A . n 
A 1 35 ILE 35 66 66 ILE ILE A . n 
A 1 36 ALA 36 67 67 ALA ALA A . n 
A 1 37 GLU 37 68 68 GLU GLU A . n 
A 1 38 ARG 38 69 69 ARG ARG A . n 
A 1 39 GLU 39 70 70 GLU GLU A . n 
A 1 40 GLN 40 71 71 GLN GLN A . n 
A 1 41 GLY 41 72 72 GLY GLY A . n 
A 1 42 GLU 42 73 73 GLU GLU A . n 
A 1 43 GLY 43 74 74 GLY GLY A . n 
A 1 44 GLU 44 75 75 GLU GLU A . n 
A 1 45 PHE 45 76 76 PHE PHE A . n 
A 1 46 ASP 46 77 77 ASP ASP A . n 
A 1 47 GLU 47 78 78 GLU GLU A . n 
A 1 48 CYS 48 79 79 CYS CYS A . n 
A 1 49 LEU 49 80 80 LEU LEU A . n 
A 1 50 GLU 50 81 81 GLU GLU A . n 
A 1 51 ALA 51 82 82 ALA ALA A . n 
A 1 52 LEU 52 83 83 LEU LEU A . n 
A 1 53 ASP 53 84 84 ASP ASP A . n 
A 1 54 ASP 54 85 85 ASP ASP A . n 
A 1 55 ALA 55 86 86 ALA ALA A . n 
A 1 56 LYS 56 87 87 LYS LYS A . n 
A 1 57 ARG 57 88 88 ARG ARG A . n 
A 1 58 ALA 58 89 89 ALA ALA A . n 
A 1 59 LEU 59 90 90 LEU LEU A . n 
A 1 60 PRO 60 91 91 PRO PRO A . n 
A 1 61 LYS 61 92 ?  ?   ?   A . n 
# 
_pdbx_entity_instance_feature.ordinal        1 
_pdbx_entity_instance_feature.comp_id        HO3 
_pdbx_entity_instance_feature.asym_id        ? 
_pdbx_entity_instance_feature.seq_num        ? 
_pdbx_entity_instance_feature.auth_comp_id   HO3 
_pdbx_entity_instance_feature.auth_asym_id   ? 
_pdbx_entity_instance_feature.auth_seq_num   ? 
_pdbx_entity_instance_feature.feature_type   'SUBJECT OF INVESTIGATION' 
_pdbx_entity_instance_feature.details        ? 
# 
loop_
_pdbx_nonpoly_scheme.asym_id 
_pdbx_nonpoly_scheme.entity_id 
_pdbx_nonpoly_scheme.mon_id 
_pdbx_nonpoly_scheme.ndb_seq_num 
_pdbx_nonpoly_scheme.pdb_seq_num 
_pdbx_nonpoly_scheme.auth_seq_num 
_pdbx_nonpoly_scheme.pdb_mon_id 
_pdbx_nonpoly_scheme.auth_mon_id 
_pdbx_nonpoly_scheme.pdb_strand_id 
_pdbx_nonpoly_scheme.pdb_ins_code 
B 2 HO3 1 101 1 HO3 HO  A . 
C 3 HOH 1 201 6 HOH HOH A . 
C 3 HOH 2 202 1 HOH HOH A . 
C 3 HOH 3 203 3 HOH HOH A . 
C 3 HOH 4 204 5 HOH HOH A . 
C 3 HOH 5 205 8 HOH HOH A . 
C 3 HOH 6 206 2 HOH HOH A . 
C 3 HOH 7 207 4 HOH HOH A . 
C 3 HOH 8 208 7 HOH HOH A . 
# 
loop_
_software.citation_id 
_software.classification 
_software.compiler_name 
_software.compiler_version 
_software.contact_author 
_software.contact_author_email 
_software.date 
_software.description 
_software.dependencies 
_software.hardware 
_software.language 
_software.location 
_software.mods 
_software.name 
_software.os 
_software.os_version 
_software.type 
_software.version 
_software.pdbx_ordinal 
? refinement       ? ? ? ? ? ? ? ? ? ? ? PHENIX ? ? ? '(1.20.1_4487: ???)' 1 
? 'data scaling'   ? ? ? ? ? ? ? ? ? ? ? XDS    ? ? ? .                    2 
? 'data reduction' ? ? ? ? ? ? ? ? ? ? ? XDS    ? ? ? .                    3 
? phasing          ? ? ? ? ? ? ? ? ? ? ? PHENIX ? ? ? .                    4 
# 
_cell.angle_alpha                  90.00 
_cell.angle_alpha_esd              ? 
_cell.angle_beta                   90.00 
_cell.angle_beta_esd               ? 
_cell.angle_gamma                  90.00 
_cell.angle_gamma_esd              ? 
_cell.entry_id                     9C90 
_cell.details                      ? 
_cell.formula_units_Z              ? 
_cell.length_a                     78.164 
_cell.length_a_esd                 ? 
_cell.length_b                     78.164 
_cell.length_b_esd                 ? 
_cell.length_c                     78.164 
_cell.length_c_esd                 ? 
_cell.volume                       ? 
_cell.volume_esd                   ? 
_cell.Z_PDB                        24 
_cell.reciprocal_angle_alpha       ? 
_cell.reciprocal_angle_beta        ? 
_cell.reciprocal_angle_gamma       ? 
_cell.reciprocal_angle_alpha_esd   ? 
_cell.reciprocal_angle_beta_esd    ? 
_cell.reciprocal_angle_gamma_esd   ? 
_cell.reciprocal_length_a          ? 
_cell.reciprocal_length_b          ? 
_cell.reciprocal_length_c          ? 
_cell.reciprocal_length_a_esd      ? 
_cell.reciprocal_length_b_esd      ? 
_cell.reciprocal_length_c_esd      ? 
_cell.pdbx_unique_axis             ? 
_cell.pdbx_esd_method              ? 
# 
_symmetry.entry_id                         9C90 
_symmetry.cell_setting                     ? 
_symmetry.Int_Tables_number                199 
_symmetry.space_group_name_Hall            ? 
_symmetry.space_group_name_H-M             'I 21 3' 
_symmetry.pdbx_full_space_group_name_H-M   ? 
# 
_exptl.absorpt_coefficient_mu     ? 
_exptl.absorpt_correction_T_max   ? 
_exptl.absorpt_correction_T_min   ? 
_exptl.absorpt_correction_type    ? 
_exptl.absorpt_process_details    ? 
_exptl.entry_id                   9C90 
_exptl.crystals_number            1 
_exptl.details                    ? 
_exptl.method                     'X-RAY DIFFRACTION' 
_exptl.method_details             ? 
# 
_exptl_crystal.colour                       ? 
_exptl_crystal.density_diffrn               ? 
_exptl_crystal.density_Matthews             3.01 
_exptl_crystal.density_method               ? 
_exptl_crystal.density_percent_sol          59.19 
_exptl_crystal.description                  ? 
_exptl_crystal.F_000                        ? 
_exptl_crystal.id                           1 
_exptl_crystal.preparation                  ? 
_exptl_crystal.size_max                     ? 
_exptl_crystal.size_mid                     ? 
_exptl_crystal.size_min                     ? 
_exptl_crystal.size_rad                     ? 
_exptl_crystal.colour_lustre                ? 
_exptl_crystal.colour_modifier              ? 
_exptl_crystal.colour_primary               ? 
_exptl_crystal.density_meas                 ? 
_exptl_crystal.density_meas_esd             ? 
_exptl_crystal.density_meas_gt              ? 
_exptl_crystal.density_meas_lt              ? 
_exptl_crystal.density_meas_temp            ? 
_exptl_crystal.density_meas_temp_esd        ? 
_exptl_crystal.density_meas_temp_gt         ? 
_exptl_crystal.density_meas_temp_lt         ? 
_exptl_crystal.pdbx_crystal_image_url       ? 
_exptl_crystal.pdbx_crystal_image_format    ? 
_exptl_crystal.pdbx_mosaicity               ? 
_exptl_crystal.pdbx_mosaicity_esd           ? 
_exptl_crystal.pdbx_mosaic_method           ? 
_exptl_crystal.pdbx_mosaic_block_size       ? 
_exptl_crystal.pdbx_mosaic_block_size_esd   ? 
# 
_exptl_crystal_grow.apparatus       ? 
_exptl_crystal_grow.atmosphere      ? 
_exptl_crystal_grow.crystal_id      1 
_exptl_crystal_grow.details         ? 
_exptl_crystal_grow.method          'VAPOR DIFFUSION, SITTING DROP' 
_exptl_crystal_grow.method_ref      ? 
_exptl_crystal_grow.pH              ? 
_exptl_crystal_grow.pressure        ? 
_exptl_crystal_grow.pressure_esd    ? 
_exptl_crystal_grow.seeding         ? 
_exptl_crystal_grow.seeding_ref     ? 
_exptl_crystal_grow.temp_details    ? 
_exptl_crystal_grow.temp_esd        ? 
_exptl_crystal_grow.time            ? 
_exptl_crystal_grow.pdbx_details    '100 mM MES, pH 6.5, 50% w/v PEG200' 
_exptl_crystal_grow.pdbx_pH_range   ? 
_exptl_crystal_grow.temp            298 
# 
_diffrn.ambient_environment              ? 
_diffrn.ambient_temp                     100 
_diffrn.ambient_temp_details             ? 
_diffrn.ambient_temp_esd                 ? 
_diffrn.crystal_id                       1 
_diffrn.crystal_support                  ? 
_diffrn.crystal_treatment                ? 
_diffrn.details                          ? 
_diffrn.id                               1 
_diffrn.ambient_pressure                 ? 
_diffrn.ambient_pressure_esd             ? 
_diffrn.ambient_pressure_gt              ? 
_diffrn.ambient_pressure_lt              ? 
_diffrn.ambient_temp_gt                  ? 
_diffrn.ambient_temp_lt                  ? 
_diffrn.pdbx_serial_crystal_experiment   N 
# 
_diffrn_detector.details                      ? 
_diffrn_detector.detector                     PIXEL 
_diffrn_detector.diffrn_id                    1 
_diffrn_detector.type                         'DECTRIS EIGER X 16M' 
_diffrn_detector.area_resol_mean              ? 
_diffrn_detector.dtime                        ? 
_diffrn_detector.pdbx_frames_total            ? 
_diffrn_detector.pdbx_collection_time_total   ? 
_diffrn_detector.pdbx_collection_date         2023-08-28 
_diffrn_detector.pdbx_frequency               ? 
_diffrn_detector.id                           ? 
_diffrn_detector.number_of_axes               ? 
# 
_diffrn_radiation.collimation                      ? 
_diffrn_radiation.diffrn_id                        1 
_diffrn_radiation.filter_edge                      ? 
_diffrn_radiation.inhomogeneity                    ? 
_diffrn_radiation.monochromator                    ? 
_diffrn_radiation.polarisn_norm                    ? 
_diffrn_radiation.polarisn_ratio                   ? 
_diffrn_radiation.probe                            ? 
_diffrn_radiation.type                             ? 
_diffrn_radiation.xray_symbol                      ? 
_diffrn_radiation.wavelength_id                    1 
_diffrn_radiation.pdbx_monochromatic_or_laue_m_l   M 
_diffrn_radiation.pdbx_wavelength_list             ? 
_diffrn_radiation.pdbx_wavelength                  ? 
_diffrn_radiation.pdbx_diffrn_protocol             'SINGLE WAVELENGTH' 
_diffrn_radiation.pdbx_analyzer                    ? 
_diffrn_radiation.pdbx_scattering_type             x-ray 
# 
_diffrn_radiation_wavelength.id           1 
_diffrn_radiation_wavelength.wavelength   0.97949 
_diffrn_radiation_wavelength.wt           1.0 
# 
_diffrn_source.current                     ? 
_diffrn_source.details                     ? 
_diffrn_source.diffrn_id                   1 
_diffrn_source.power                       ? 
_diffrn_source.size                        ? 
_diffrn_source.source                      SYNCHROTRON 
_diffrn_source.target                      ? 
_diffrn_source.type                        'SSRL BEAMLINE BL12-1' 
_diffrn_source.voltage                     ? 
_diffrn_source.take-off_angle              ? 
_diffrn_source.pdbx_wavelength_list        0.97949 
_diffrn_source.pdbx_wavelength             ? 
_diffrn_source.pdbx_synchrotron_beamline   BL12-1 
_diffrn_source.pdbx_synchrotron_site       SSRL 
# 
_reflns.B_iso_Wilson_estimate                          ? 
_reflns.entry_id                                       9C90 
_reflns.data_reduction_details                         ? 
_reflns.data_reduction_method                          ? 
_reflns.d_resolution_high                              1.38 
_reflns.d_resolution_low                               39.08 
_reflns.details                                        ? 
_reflns.limit_h_max                                    ? 
_reflns.limit_h_min                                    ? 
_reflns.limit_k_max                                    ? 
_reflns.limit_k_min                                    ? 
_reflns.limit_l_max                                    ? 
_reflns.limit_l_min                                    ? 
_reflns.number_all                                     ? 
_reflns.number_obs                                     31728 
_reflns.observed_criterion                             ? 
_reflns.observed_criterion_F_max                       ? 
_reflns.observed_criterion_F_min                       ? 
_reflns.observed_criterion_I_max                       ? 
_reflns.observed_criterion_I_min                       ? 
_reflns.observed_criterion_sigma_F                     ? 
_reflns.observed_criterion_sigma_I                     ? 
_reflns.percent_possible_obs                           100 
_reflns.R_free_details                                 ? 
_reflns.Rmerge_F_all                                   ? 
_reflns.Rmerge_F_obs                                   ? 
_reflns.Friedel_coverage                               ? 
_reflns.number_gt                                      ? 
_reflns.threshold_expression                           ? 
_reflns.pdbx_redundancy                                39.3 
_reflns.pdbx_netI_over_av_sigmaI                       ? 
_reflns.pdbx_netI_over_sigmaI                          21.8 
_reflns.pdbx_res_netI_over_av_sigmaI_2                 ? 
_reflns.pdbx_res_netI_over_sigmaI_2                    ? 
_reflns.pdbx_chi_squared                               ? 
_reflns.pdbx_scaling_rejects                           ? 
_reflns.pdbx_d_res_high_opt                            ? 
_reflns.pdbx_d_res_low_opt                             ? 
_reflns.pdbx_d_res_opt_method                          ? 
_reflns.phase_calculation_details                      ? 
_reflns.pdbx_Rrim_I_all                                ? 
_reflns.pdbx_Rpim_I_all                                ? 
_reflns.pdbx_d_opt                                     ? 
_reflns.pdbx_number_measured_all                       ? 
_reflns.pdbx_diffrn_id                                 1 
_reflns.pdbx_ordinal                                   1 
_reflns.pdbx_CC_half                                   1.000 
_reflns.pdbx_CC_star                                   ? 
_reflns.pdbx_R_split                                   ? 
_reflns.pdbx_Rmerge_I_obs                              ? 
_reflns.pdbx_Rmerge_I_all                              ? 
_reflns.pdbx_Rsym_value                                ? 
_reflns.pdbx_CC_split_method                           ? 
_reflns.pdbx_aniso_diffraction_limit_axis_1_ortho[1]   ? 
_reflns.pdbx_aniso_diffraction_limit_axis_1_ortho[2]   ? 
_reflns.pdbx_aniso_diffraction_limit_axis_1_ortho[3]   ? 
_reflns.pdbx_aniso_diffraction_limit_axis_2_ortho[1]   ? 
_reflns.pdbx_aniso_diffraction_limit_axis_2_ortho[2]   ? 
_reflns.pdbx_aniso_diffraction_limit_axis_2_ortho[3]   ? 
_reflns.pdbx_aniso_diffraction_limit_axis_3_ortho[1]   ? 
_reflns.pdbx_aniso_diffraction_limit_axis_3_ortho[2]   ? 
_reflns.pdbx_aniso_diffraction_limit_axis_3_ortho[3]   ? 
_reflns.pdbx_aniso_diffraction_limit_1                 ? 
_reflns.pdbx_aniso_diffraction_limit_2                 ? 
_reflns.pdbx_aniso_diffraction_limit_3                 ? 
_reflns.pdbx_aniso_B_tensor_eigenvector_1_ortho[1]     ? 
_reflns.pdbx_aniso_B_tensor_eigenvector_1_ortho[2]     ? 
_reflns.pdbx_aniso_B_tensor_eigenvector_1_ortho[3]     ? 
_reflns.pdbx_aniso_B_tensor_eigenvector_2_ortho[1]     ? 
_reflns.pdbx_aniso_B_tensor_eigenvector_2_ortho[2]     ? 
_reflns.pdbx_aniso_B_tensor_eigenvector_2_ortho[3]     ? 
_reflns.pdbx_aniso_B_tensor_eigenvector_3_ortho[1]     ? 
_reflns.pdbx_aniso_B_tensor_eigenvector_3_ortho[2]     ? 
_reflns.pdbx_aniso_B_tensor_eigenvector_3_ortho[3]     ? 
_reflns.pdbx_aniso_B_tensor_eigenvalue_1               ? 
_reflns.pdbx_aniso_B_tensor_eigenvalue_2               ? 
_reflns.pdbx_aniso_B_tensor_eigenvalue_3               ? 
_reflns.pdbx_orthogonalization_convention              ? 
_reflns.pdbx_percent_possible_ellipsoidal              ? 
_reflns.pdbx_percent_possible_spherical                ? 
_reflns.pdbx_percent_possible_ellipsoidal_anomalous    ? 
_reflns.pdbx_percent_possible_spherical_anomalous      ? 
_reflns.pdbx_redundancy_anomalous                      ? 
_reflns.pdbx_CC_half_anomalous                         ? 
_reflns.pdbx_absDiff_over_sigma_anomalous              ? 
_reflns.pdbx_percent_possible_anomalous                ? 
_reflns.pdbx_observed_signal_threshold                 ? 
_reflns.pdbx_signal_type                               ? 
_reflns.pdbx_signal_details                            ? 
_reflns.pdbx_signal_software_id                        ? 
# 
_reflns_shell.d_res_high                                    1.38 
_reflns_shell.d_res_low                                     1.42 
_reflns_shell.meanI_over_sigI_all                           ? 
_reflns_shell.meanI_over_sigI_obs                           ? 
_reflns_shell.number_measured_all                           ? 
_reflns_shell.number_measured_obs                           ? 
_reflns_shell.number_possible                               ? 
_reflns_shell.number_unique_all                             ? 
_reflns_shell.number_unique_obs                             1210 
_reflns_shell.percent_possible_obs                          ? 
_reflns_shell.Rmerge_F_all                                  ? 
_reflns_shell.Rmerge_F_obs                                  ? 
_reflns_shell.meanI_over_sigI_gt                            ? 
_reflns_shell.meanI_over_uI_all                             ? 
_reflns_shell.meanI_over_uI_gt                              ? 
_reflns_shell.number_measured_gt                            ? 
_reflns_shell.number_unique_gt                              ? 
_reflns_shell.percent_possible_gt                           ? 
_reflns_shell.Rmerge_F_gt                                   ? 
_reflns_shell.Rmerge_I_gt                                   ? 
_reflns_shell.pdbx_redundancy                               ? 
_reflns_shell.pdbx_chi_squared                              ? 
_reflns_shell.pdbx_netI_over_sigmaI_all                     ? 
_reflns_shell.pdbx_netI_over_sigmaI_obs                     ? 
_reflns_shell.pdbx_Rrim_I_all                               ? 
_reflns_shell.pdbx_Rpim_I_all                               ? 
_reflns_shell.pdbx_rejects                                  ? 
_reflns_shell.pdbx_ordinal                                  1 
_reflns_shell.pdbx_diffrn_id                                1 
_reflns_shell.pdbx_CC_half                                  0.477 
_reflns_shell.pdbx_CC_star                                  ? 
_reflns_shell.pdbx_R_split                                  ? 
_reflns_shell.percent_possible_all                          ? 
_reflns_shell.Rmerge_I_all                                  ? 
_reflns_shell.Rmerge_I_obs                                  ? 
_reflns_shell.pdbx_Rsym_value                               ? 
_reflns_shell.pdbx_percent_possible_ellipsoidal             ? 
_reflns_shell.pdbx_percent_possible_spherical               ? 
_reflns_shell.pdbx_percent_possible_ellipsoidal_anomalous   ? 
_reflns_shell.pdbx_percent_possible_spherical_anomalous     ? 
_reflns_shell.pdbx_redundancy_anomalous                     ? 
_reflns_shell.pdbx_CC_half_anomalous                        ? 
_reflns_shell.pdbx_absDiff_over_sigma_anomalous             ? 
_reflns_shell.pdbx_percent_possible_anomalous               ? 
# 
_refine.aniso_B[1][1]                            ? 
_refine.aniso_B[1][2]                            ? 
_refine.aniso_B[1][3]                            ? 
_refine.aniso_B[2][2]                            ? 
_refine.aniso_B[2][3]                            ? 
_refine.aniso_B[3][3]                            ? 
_refine.B_iso_max                                ? 
_refine.B_iso_mean                               ? 
_refine.B_iso_min                                ? 
_refine.correlation_coeff_Fo_to_Fc               ? 
_refine.correlation_coeff_Fo_to_Fc_free          ? 
_refine.details                                  ? 
_refine.diff_density_max                         ? 
_refine.diff_density_max_esd                     ? 
_refine.diff_density_min                         ? 
_refine.diff_density_min_esd                     ? 
_refine.diff_density_rms                         ? 
_refine.diff_density_rms_esd                     ? 
_refine.entry_id                                 9C90 
_refine.pdbx_refine_id                           'X-RAY DIFFRACTION' 
_refine.ls_abs_structure_details                 ? 
_refine.ls_abs_structure_Flack                   ? 
_refine.ls_abs_structure_Flack_esd               ? 
_refine.ls_abs_structure_Rogers                  ? 
_refine.ls_abs_structure_Rogers_esd              ? 
_refine.ls_d_res_high                            1.38 
_refine.ls_d_res_low                             39.08 
_refine.ls_extinction_coef                       ? 
_refine.ls_extinction_coef_esd                   ? 
_refine.ls_extinction_expression                 ? 
_refine.ls_extinction_method                     ? 
_refine.ls_goodness_of_fit_all                   ? 
_refine.ls_goodness_of_fit_all_esd               ? 
_refine.ls_goodness_of_fit_obs                   ? 
_refine.ls_goodness_of_fit_obs_esd               ? 
_refine.ls_hydrogen_treatment                    ? 
_refine.ls_matrix_type                           ? 
_refine.ls_number_constraints                    ? 
_refine.ls_number_parameters                     ? 
_refine.ls_number_reflns_all                     ? 
_refine.ls_number_reflns_obs                     31728 
_refine.ls_number_reflns_R_free                  3150 
_refine.ls_number_reflns_R_work                  ? 
_refine.ls_number_restraints                     ? 
_refine.ls_percent_reflns_obs                    99.93 
_refine.ls_percent_reflns_R_free                 9.93 
_refine.ls_R_factor_all                          ? 
_refine.ls_R_factor_obs                          0.2212 
_refine.ls_R_factor_R_free                       0.2234 
_refine.ls_R_factor_R_free_error                 ? 
_refine.ls_R_factor_R_free_error_details         ? 
_refine.ls_R_factor_R_work                       0.2210 
_refine.ls_R_Fsqd_factor_obs                     ? 
_refine.ls_R_I_factor_obs                        ? 
_refine.ls_redundancy_reflns_all                 ? 
_refine.ls_redundancy_reflns_obs                 ? 
_refine.ls_restrained_S_all                      ? 
_refine.ls_restrained_S_obs                      ? 
_refine.ls_shift_over_esd_max                    ? 
_refine.ls_shift_over_esd_mean                   ? 
_refine.ls_structure_factor_coef                 ? 
_refine.ls_weighting_details                     ? 
_refine.ls_weighting_scheme                      ? 
_refine.ls_wR_factor_all                         ? 
_refine.ls_wR_factor_obs                         ? 
_refine.ls_wR_factor_R_free                      ? 
_refine.ls_wR_factor_R_work                      ? 
_refine.occupancy_max                            ? 
_refine.occupancy_min                            ? 
_refine.solvent_model_details                    'FLAT BULK SOLVENT MODEL' 
_refine.solvent_model_param_bsol                 ? 
_refine.solvent_model_param_ksol                 ? 
_refine.pdbx_R_complete                          ? 
_refine.ls_R_factor_gt                           ? 
_refine.ls_goodness_of_fit_gt                    ? 
_refine.ls_goodness_of_fit_ref                   ? 
_refine.ls_shift_over_su_max                     ? 
_refine.ls_shift_over_su_max_lt                  ? 
_refine.ls_shift_over_su_mean                    ? 
_refine.ls_shift_over_su_mean_lt                 ? 
_refine.pdbx_ls_sigma_I                          ? 
_refine.pdbx_ls_sigma_F                          1.34 
_refine.pdbx_ls_sigma_Fsqd                       ? 
_refine.pdbx_data_cutoff_high_absF               ? 
_refine.pdbx_data_cutoff_high_rms_absF           ? 
_refine.pdbx_data_cutoff_low_absF                ? 
_refine.pdbx_isotropic_thermal_model             ? 
_refine.pdbx_ls_cross_valid_method               'FREE R-VALUE' 
_refine.pdbx_method_to_determine_struct          SAD 
_refine.pdbx_starting_model                      ? 
_refine.pdbx_stereochemistry_target_values       MLHL 
_refine.pdbx_R_Free_selection_details            ? 
_refine.pdbx_stereochem_target_val_spec_case     ? 
_refine.pdbx_overall_ESU_R                       ? 
_refine.pdbx_overall_ESU_R_Free                  ? 
_refine.pdbx_solvent_vdw_probe_radii             1.10 
_refine.pdbx_solvent_ion_probe_radii             ? 
_refine.pdbx_solvent_shrinkage_radii             0.90 
_refine.pdbx_real_space_R                        ? 
_refine.pdbx_density_correlation                 ? 
_refine.pdbx_pd_number_of_powder_patterns        ? 
_refine.pdbx_pd_number_of_points                 ? 
_refine.pdbx_pd_meas_number_of_points            ? 
_refine.pdbx_pd_proc_ls_prof_R_factor            ? 
_refine.pdbx_pd_proc_ls_prof_wR_factor           ? 
_refine.pdbx_pd_Marquardt_correlation_coeff      ? 
_refine.pdbx_pd_Fsqrd_R_factor                   ? 
_refine.pdbx_pd_ls_matrix_band_width             ? 
_refine.pdbx_overall_phase_error                 28.36 
_refine.pdbx_overall_SU_R_free_Cruickshank_DPI   ? 
_refine.pdbx_overall_SU_R_free_Blow_DPI          ? 
_refine.pdbx_overall_SU_R_Blow_DPI               ? 
_refine.pdbx_TLS_residual_ADP_flag               ? 
_refine.pdbx_diffrn_id                           1 
_refine.overall_SU_B                             ? 
_refine.overall_SU_ML                            0.14 
_refine.overall_SU_R_Cruickshank_DPI             ? 
_refine.overall_SU_R_free                        ? 
_refine.overall_FOM_free_R_set                   ? 
_refine.overall_FOM_work_R_set                   ? 
_refine.pdbx_average_fsc_overall                 ? 
_refine.pdbx_average_fsc_work                    ? 
_refine.pdbx_average_fsc_free                    ? 
# 
_refine_hist.pdbx_refine_id                   'X-RAY DIFFRACTION' 
_refine_hist.cycle_id                         LAST 
_refine_hist.details                          ? 
_refine_hist.d_res_high                       1.38 
_refine_hist.d_res_low                        39.08 
_refine_hist.number_atoms_solvent             8 
_refine_hist.number_atoms_total               461 
_refine_hist.number_reflns_all                ? 
_refine_hist.number_reflns_obs                ? 
_refine_hist.number_reflns_R_free             ? 
_refine_hist.number_reflns_R_work             ? 
_refine_hist.R_factor_all                     ? 
_refine_hist.R_factor_obs                     ? 
_refine_hist.R_factor_R_free                  ? 
_refine_hist.R_factor_R_work                  ? 
_refine_hist.pdbx_number_residues_total       ? 
_refine_hist.pdbx_B_iso_mean_ligand           ? 
_refine_hist.pdbx_B_iso_mean_solvent          ? 
_refine_hist.pdbx_number_atoms_protein        452 
_refine_hist.pdbx_number_atoms_nucleic_acid   0 
_refine_hist.pdbx_number_atoms_ligand         1 
_refine_hist.pdbx_number_atoms_lipid          ? 
_refine_hist.pdbx_number_atoms_carb           ? 
_refine_hist.pdbx_pseudo_atom_details         ? 
# 
loop_
_refine_ls_restr.pdbx_refine_id 
_refine_ls_restr.criterion 
_refine_ls_restr.dev_ideal 
_refine_ls_restr.dev_ideal_target 
_refine_ls_restr.number 
_refine_ls_restr.rejects 
_refine_ls_restr.type 
_refine_ls_restr.weight 
_refine_ls_restr.pdbx_restraint_function 
'X-RAY DIFFRACTION' ? 0.008  ? ?   ? f_bond_d           ? ? 
'X-RAY DIFFRACTION' ? 0.917  ? ?   ? f_angle_d          ? ? 
'X-RAY DIFFRACTION' ? 16.432 ? 195 ? f_dihedral_angle_d ? ? 
'X-RAY DIFFRACTION' ? 0.052  ? 72  ? f_chiral_restr     ? ? 
'X-RAY DIFFRACTION' ? 0.006  ? 91  ? f_plane_restr      ? ? 
# 
loop_
_refine_ls_shell.pdbx_refine_id 
_refine_ls_shell.d_res_high 
_refine_ls_shell.d_res_low 
_refine_ls_shell.number_reflns_all 
_refine_ls_shell.number_reflns_obs 
_refine_ls_shell.number_reflns_R_free 
_refine_ls_shell.number_reflns_R_work 
_refine_ls_shell.percent_reflns_obs 
_refine_ls_shell.percent_reflns_R_free 
_refine_ls_shell.R_factor_all 
_refine_ls_shell.R_factor_obs 
_refine_ls_shell.R_factor_R_free_error 
_refine_ls_shell.R_factor_R_work 
_refine_ls_shell.redundancy_reflns_all 
_refine_ls_shell.redundancy_reflns_obs 
_refine_ls_shell.wR_factor_all 
_refine_ls_shell.wR_factor_obs 
_refine_ls_shell.wR_factor_R_free 
_refine_ls_shell.wR_factor_R_work 
_refine_ls_shell.pdbx_R_complete 
_refine_ls_shell.pdbx_total_number_of_bins_used 
_refine_ls_shell.pdbx_phase_error 
_refine_ls_shell.pdbx_fsc_work 
_refine_ls_shell.pdbx_fsc_free 
_refine_ls_shell.R_factor_R_free 
'X-RAY DIFFRACTION' 1.38 1.40  . . 125 1217 100.00 . . . . 0.3140 . . . . . . . . . . . 0.3262 
'X-RAY DIFFRACTION' 1.40 1.42  . . 146 1270 100.00 . . . . 0.2979 . . . . . . . . . . . 0.3454 
'X-RAY DIFFRACTION' 1.42 1.45  . . 131 1231 100.00 . . . . 0.2909 . . . . . . . . . . . 0.2935 
'X-RAY DIFFRACTION' 1.45 1.47  . . 146 1267 100.00 . . . . 0.2769 . . . . . . . . . . . 0.2759 
'X-RAY DIFFRACTION' 1.47 1.50  . . 140 1215 100.00 . . . . 0.2564 . . . . . . . . . . . 0.2584 
'X-RAY DIFFRACTION' 1.50 1.53  . . 130 1231 100.00 . . . . 0.2569 . . . . . . . . . . . 0.2340 
'X-RAY DIFFRACTION' 1.53 1.56  . . 134 1239 100.00 . . . . 0.2503 . . . . . . . . . . . 0.2227 
'X-RAY DIFFRACTION' 1.56 1.59  . . 134 1264 100.00 . . . . 0.2310 . . . . . . . . . . . 0.2448 
'X-RAY DIFFRACTION' 1.59 1.63  . . 138 1254 100.00 . . . . 0.2171 . . . . . . . . . . . 0.2330 
'X-RAY DIFFRACTION' 1.63 1.67  . . 136 1236 100.00 . . . . 0.2154 . . . . . . . . . . . 0.2317 
'X-RAY DIFFRACTION' 1.67 1.71  . . 130 1222 100.00 . . . . 0.1916 . . . . . . . . . . . 0.2096 
'X-RAY DIFFRACTION' 1.71 1.76  . . 144 1265 100.00 . . . . 0.2040 . . . . . . . . . . . 0.2088 
'X-RAY DIFFRACTION' 1.77 1.82  . . 130 1254 100.00 . . . . 0.1922 . . . . . . . . . . . 0.2168 
'X-RAY DIFFRACTION' 1.82 1.89  . . 140 1226 100.00 . . . . 0.2175 . . . . . . . . . . . 0.2136 
'X-RAY DIFFRACTION' 1.89 1.96  . . 140 1230 100.00 . . . . 0.2125 . . . . . . . . . . . 0.2126 
'X-RAY DIFFRACTION' 1.96 2.05  . . 143 1273 100.00 . . . . 0.1910 . . . . . . . . . . . 0.1956 
'X-RAY DIFFRACTION' 2.05 2.16  . . 136 1246 100.00 . . . . 0.2082 . . . . . . . . . . . 0.1705 
'X-RAY DIFFRACTION' 2.16 2.29  . . 140 1209 100.00 . . . . 0.2078 . . . . . . . . . . . 0.2498 
'X-RAY DIFFRACTION' 2.30 2.47  . . 132 1242 100.00 . . . . 0.2012 . . . . . . . . . . . 0.1937 
'X-RAY DIFFRACTION' 2.47 2.72  . . 134 1245 100.00 . . . . 0.2040 . . . . . . . . . . . 0.2130 
'X-RAY DIFFRACTION' 2.72 3.11  . . 144 1249 100.00 . . . . 0.2163 . . . . . . . . . . . 0.2246 
'X-RAY DIFFRACTION' 3.12 3.92  . . 137 1249 100.00 . . . . 0.2216 . . . . . . . . . . . 0.2150 
'X-RAY DIFFRACTION' 3.93 39.08 . . 140 1244 100.00 . . . . 0.2415 . . . . . . . . . . . 0.2424 
# 
_struct.entry_id                     9C90 
_struct.title                        'X-ray crystal structure of Methylorubrum extorquens Ho(III)-bound LanD' 
_struct.pdbx_model_details           ? 
_struct.pdbx_formula_weight          ? 
_struct.pdbx_formula_weight_method   ? 
_struct.pdbx_model_type_details      ? 
_struct.pdbx_CASP_flag               N 
# 
_struct_keywords.entry_id        9C90 
_struct_keywords.text            'lanthanide, holmium, methanol dehydrogenase, chaperone, METAL BINDING PROTEIN' 
_struct_keywords.pdbx_keywords   'METAL BINDING PROTEIN' 
# 
loop_
_struct_asym.id 
_struct_asym.pdbx_blank_PDB_chainid_flag 
_struct_asym.pdbx_modified 
_struct_asym.entity_id 
_struct_asym.details 
A N N 1 ? 
B N N 2 ? 
C N N 3 ? 
# 
_struct_ref.id                         1 
_struct_ref.db_name                    UNP 
_struct_ref.db_code                    C5B159_METEA 
_struct_ref.pdbx_db_accession          C5B159 
_struct_ref.pdbx_db_isoform            ? 
_struct_ref.entity_id                  1 
_struct_ref.pdbx_seq_one_letter_code   DDKAACADGIAAVKARVEKLAPEAVPQKLKRALKIAEREQGEGEFDECLEALDDAKRALPK 
_struct_ref.pdbx_align_begin           32 
# 
_struct_ref_seq.align_id                      1 
_struct_ref_seq.ref_id                        1 
_struct_ref_seq.pdbx_PDB_id_code              9C90 
_struct_ref_seq.pdbx_strand_id                A 
_struct_ref_seq.seq_align_beg                 1 
_struct_ref_seq.pdbx_seq_align_beg_ins_code   ? 
_struct_ref_seq.seq_align_end                 61 
_struct_ref_seq.pdbx_seq_align_end_ins_code   ? 
_struct_ref_seq.pdbx_db_accession             C5B159 
_struct_ref_seq.db_align_beg                  32 
_struct_ref_seq.pdbx_db_align_beg_ins_code    ? 
_struct_ref_seq.db_align_end                  92 
_struct_ref_seq.pdbx_db_align_end_ins_code    ? 
_struct_ref_seq.pdbx_auth_seq_align_beg       32 
_struct_ref_seq.pdbx_auth_seq_align_end       92 
# 
_pdbx_struct_assembly.id                   1 
_pdbx_struct_assembly.details              author_and_software_defined_assembly 
_pdbx_struct_assembly.method_details       PISA 
_pdbx_struct_assembly.oligomeric_details   dimeric 
_pdbx_struct_assembly.oligomeric_count     2 
# 
loop_
_pdbx_struct_assembly_prop.biol_id 
_pdbx_struct_assembly_prop.type 
_pdbx_struct_assembly_prop.value 
_pdbx_struct_assembly_prop.details 
1 'ABSA (A^2)' 720  ? 
1 MORE         -12  ? 
1 'SSA (A^2)'  7410 ? 
# 
_pdbx_struct_assembly_gen.assembly_id       1 
_pdbx_struct_assembly_gen.oper_expression   1,2 
_pdbx_struct_assembly_gen.asym_id_list      A,B,C 
# 
_pdbx_struct_assembly_auth_evidence.id                     1 
_pdbx_struct_assembly_auth_evidence.assembly_id            1 
_pdbx_struct_assembly_auth_evidence.experimental_support   none 
_pdbx_struct_assembly_auth_evidence.details                ? 
# 
loop_
_pdbx_struct_oper_list.id 
_pdbx_struct_oper_list.type 
_pdbx_struct_oper_list.name 
_pdbx_struct_oper_list.symmetry_operation 
_pdbx_struct_oper_list.matrix[1][1] 
_pdbx_struct_oper_list.matrix[1][2] 
_pdbx_struct_oper_list.matrix[1][3] 
_pdbx_struct_oper_list.vector[1] 
_pdbx_struct_oper_list.matrix[2][1] 
_pdbx_struct_oper_list.matrix[2][2] 
_pdbx_struct_oper_list.matrix[2][3] 
_pdbx_struct_oper_list.vector[2] 
_pdbx_struct_oper_list.matrix[3][1] 
_pdbx_struct_oper_list.matrix[3][2] 
_pdbx_struct_oper_list.matrix[3][3] 
_pdbx_struct_oper_list.vector[3] 
1 'identity operation'         1_555  x,y,z         1.0000000000  0.0000000000 0.0000000000 0.0000000000  0.0000000000 1.0000000000  0.0000000000 0.0000000000  0.0000000000 0.0000000000 1.0000000000  0.0000000000   
2 'crystal symmetry operation' 14_665 -x+1,-y+3/2,z -0.2161938114 0.5051950149 0.8354868239 -5.0167881033 0.5051950149 -0.6743812351 0.5385052894 26.0242916315 0.8354868239 0.5385052894 -0.1094249535 -11.0296806269 
# 
loop_
_struct_conf.conf_type_id 
_struct_conf.id 
_struct_conf.pdbx_PDB_helix_id 
_struct_conf.beg_label_comp_id 
_struct_conf.beg_label_asym_id 
_struct_conf.beg_label_seq_id 
_struct_conf.pdbx_beg_PDB_ins_code 
_struct_conf.end_label_comp_id 
_struct_conf.end_label_asym_id 
_struct_conf.end_label_seq_id 
_struct_conf.pdbx_end_PDB_ins_code 
_struct_conf.beg_auth_comp_id 
_struct_conf.beg_auth_asym_id 
_struct_conf.beg_auth_seq_id 
_struct_conf.end_auth_comp_id 
_struct_conf.end_auth_asym_id 
_struct_conf.end_auth_seq_id 
_struct_conf.pdbx_PDB_helix_class 
_struct_conf.details 
_struct_conf.pdbx_PDB_helix_length 
HELX_P HELX_P1 AA1 ASP A 1  ? GLU A 18 ? ASP A 32 GLU A 49 1 ? 18 
HELX_P HELX_P2 AA2 LYS A 19 ? LEU A 20 ? LYS A 50 LEU A 51 5 ? 2  
HELX_P HELX_P3 AA3 ALA A 21 ? VAL A 25 ? ALA A 52 VAL A 56 5 ? 5  
HELX_P HELX_P4 AA4 PRO A 26 ? GLU A 42 ? PRO A 57 GLU A 73 1 ? 17 
HELX_P HELX_P5 AA5 GLU A 44 ? ALA A 58 ? GLU A 75 ALA A 89 1 ? 15 
# 
_struct_conf_type.id          HELX_P 
_struct_conf_type.criteria    ? 
_struct_conf_type.reference   ? 
# 
loop_
_struct_conn.id 
_struct_conn.conn_type_id 
_struct_conn.pdbx_leaving_atom_flag 
_struct_conn.pdbx_PDB_id 
_struct_conn.ptnr1_label_asym_id 
_struct_conn.ptnr1_label_comp_id 
_struct_conn.ptnr1_label_seq_id 
_struct_conn.ptnr1_label_atom_id 
_struct_conn.pdbx_ptnr1_label_alt_id 
_struct_conn.pdbx_ptnr1_PDB_ins_code 
_struct_conn.pdbx_ptnr1_standard_comp_id 
_struct_conn.ptnr1_symmetry 
_struct_conn.ptnr2_label_asym_id 
_struct_conn.ptnr2_label_comp_id 
_struct_conn.ptnr2_label_seq_id 
_struct_conn.ptnr2_label_atom_id 
_struct_conn.pdbx_ptnr2_label_alt_id 
_struct_conn.pdbx_ptnr2_PDB_ins_code 
_struct_conn.ptnr1_auth_asym_id 
_struct_conn.ptnr1_auth_comp_id 
_struct_conn.ptnr1_auth_seq_id 
_struct_conn.ptnr2_auth_asym_id 
_struct_conn.ptnr2_auth_comp_id 
_struct_conn.ptnr2_auth_seq_id 
_struct_conn.ptnr2_symmetry 
_struct_conn.pdbx_ptnr3_label_atom_id 
_struct_conn.pdbx_ptnr3_label_seq_id 
_struct_conn.pdbx_ptnr3_label_comp_id 
_struct_conn.pdbx_ptnr3_label_asym_id 
_struct_conn.pdbx_ptnr3_label_alt_id 
_struct_conn.pdbx_ptnr3_PDB_ins_code 
_struct_conn.details 
_struct_conn.pdbx_dist_value 
_struct_conn.pdbx_value_order 
_struct_conn.pdbx_role 
disulf1 disulf ? ? A CYS 6  SG  ? ? ? 1_555 A CYS 48 SG ? ? A CYS 37 A CYS 79  1_555  ? ? ? ? ? ? ? 2.065 ? ? 
metalc1 metalc ? ? A GLU 39 OE1 ? ? ? 1_555 B HO3 .  HO ? ? A GLU 70 A HO3 101 1_555  ? ? ? ? ? ? ? 2.402 ? ? 
metalc2 metalc ? ? A GLU 39 OE2 ? ? ? 1_555 B HO3 .  HO ? ? A GLU 70 A HO3 101 1_555  ? ? ? ? ? ? ? 2.410 ? ? 
metalc3 metalc ? ? A GLU 39 OE1 ? ? ? 1_555 B HO3 .  HO ? ? A GLU 70 A HO3 101 14_665 ? ? ? ? ? ? ? 2.402 ? ? 
metalc4 metalc ? ? A GLU 39 OE2 ? ? ? 1_555 B HO3 .  HO ? ? A GLU 70 A HO3 101 14_665 ? ? ? ? ? ? ? 2.410 ? ? 
metalc5 metalc ? ? A GLU 42 OE1 ? ? ? 1_555 B HO3 .  HO ? ? A GLU 73 A HO3 101 1_555  ? ? ? ? ? ? ? 2.290 ? ? 
metalc6 metalc ? ? A GLU 42 OE1 ? ? ? 1_555 B HO3 .  HO ? ? A GLU 73 A HO3 101 14_665 ? ? ? ? ? ? ? 2.290 ? ? 
metalc7 metalc ? ? A GLU 44 OE2 ? ? ? 1_555 B HO3 .  HO ? ? A GLU 75 A HO3 101 1_555  ? ? ? ? ? ? ? 2.203 ? ? 
metalc8 metalc ? ? A GLU 44 OE2 ? ? ? 1_555 B HO3 .  HO ? ? A GLU 75 A HO3 101 14_665 ? ? ? ? ? ? ? 2.203 ? ? 
# 
loop_
_struct_conn_type.id 
_struct_conn_type.criteria 
_struct_conn_type.reference 
disulf ? ? 
metalc ? ? 
# 
loop_
_pdbx_struct_conn_angle.id 
_pdbx_struct_conn_angle.ptnr1_label_atom_id 
_pdbx_struct_conn_angle.ptnr1_label_alt_id 
_pdbx_struct_conn_angle.ptnr1_label_asym_id 
_pdbx_struct_conn_angle.ptnr1_label_comp_id 
_pdbx_struct_conn_angle.ptnr1_label_seq_id 
_pdbx_struct_conn_angle.ptnr1_auth_atom_id 
_pdbx_struct_conn_angle.ptnr1_auth_asym_id 
_pdbx_struct_conn_angle.ptnr1_auth_comp_id 
_pdbx_struct_conn_angle.ptnr1_auth_seq_id 
_pdbx_struct_conn_angle.ptnr1_PDB_ins_code 
_pdbx_struct_conn_angle.ptnr1_symmetry 
_pdbx_struct_conn_angle.ptnr2_label_atom_id 
_pdbx_struct_conn_angle.ptnr2_label_alt_id 
_pdbx_struct_conn_angle.ptnr2_label_asym_id 
_pdbx_struct_conn_angle.ptnr2_label_comp_id 
_pdbx_struct_conn_angle.ptnr2_label_seq_id 
_pdbx_struct_conn_angle.ptnr2_auth_atom_id 
_pdbx_struct_conn_angle.ptnr2_auth_asym_id 
_pdbx_struct_conn_angle.ptnr2_auth_comp_id 
_pdbx_struct_conn_angle.ptnr2_auth_seq_id 
_pdbx_struct_conn_angle.ptnr2_PDB_ins_code 
_pdbx_struct_conn_angle.ptnr2_symmetry 
_pdbx_struct_conn_angle.ptnr3_label_atom_id 
_pdbx_struct_conn_angle.ptnr3_label_alt_id 
_pdbx_struct_conn_angle.ptnr3_label_asym_id 
_pdbx_struct_conn_angle.ptnr3_label_comp_id 
_pdbx_struct_conn_angle.ptnr3_label_seq_id 
_pdbx_struct_conn_angle.ptnr3_auth_atom_id 
_pdbx_struct_conn_angle.ptnr3_auth_asym_id 
_pdbx_struct_conn_angle.ptnr3_auth_comp_id 
_pdbx_struct_conn_angle.ptnr3_auth_seq_id 
_pdbx_struct_conn_angle.ptnr3_PDB_ins_code 
_pdbx_struct_conn_angle.ptnr3_symmetry 
_pdbx_struct_conn_angle.value 
_pdbx_struct_conn_angle.value_esd 
1  OE1 ? A GLU 39 ? A GLU 70 ? 1_555 HO ? B HO3 . ? A HO3 101 ? 1_555 OE2 ? A GLU 39 ? A GLU 70 ? 1_555 54.2  ? 
2  OE1 ? A GLU 39 ? A GLU 70 ? 1_555 HO ? B HO3 . ? A HO3 101 ? 1_555 OE1 ? A GLU 39 ? A GLU 70 ? 1_555 0.0   ? 
3  OE2 ? A GLU 39 ? A GLU 70 ? 1_555 HO ? B HO3 . ? A HO3 101 ? 1_555 OE1 ? A GLU 39 ? A GLU 70 ? 1_555 54.2  ? 
4  OE1 ? A GLU 39 ? A GLU 70 ? 1_555 HO ? B HO3 . ? A HO3 101 ? 1_555 OE2 ? A GLU 39 ? A GLU 70 ? 1_555 54.2  ? 
5  OE2 ? A GLU 39 ? A GLU 70 ? 1_555 HO ? B HO3 . ? A HO3 101 ? 1_555 OE2 ? A GLU 39 ? A GLU 70 ? 1_555 0.0   ? 
6  OE1 ? A GLU 39 ? A GLU 70 ? 1_555 HO ? B HO3 . ? A HO3 101 ? 1_555 OE2 ? A GLU 39 ? A GLU 70 ? 1_555 54.2  ? 
7  OE1 ? A GLU 39 ? A GLU 70 ? 1_555 HO ? B HO3 . ? A HO3 101 ? 1_555 OE1 ? A GLU 42 ? A GLU 73 ? 1_555 80.2  ? 
8  OE2 ? A GLU 39 ? A GLU 70 ? 1_555 HO ? B HO3 . ? A HO3 101 ? 1_555 OE1 ? A GLU 42 ? A GLU 73 ? 1_555 78.6  ? 
9  OE1 ? A GLU 39 ? A GLU 70 ? 1_555 HO ? B HO3 . ? A HO3 101 ? 1_555 OE1 ? A GLU 42 ? A GLU 73 ? 1_555 80.2  ? 
10 OE2 ? A GLU 39 ? A GLU 70 ? 1_555 HO ? B HO3 . ? A HO3 101 ? 1_555 OE1 ? A GLU 42 ? A GLU 73 ? 1_555 78.6  ? 
11 OE1 ? A GLU 39 ? A GLU 70 ? 1_555 HO ? B HO3 . ? A HO3 101 ? 1_555 OE1 ? A GLU 42 ? A GLU 73 ? 1_555 80.2  ? 
12 OE2 ? A GLU 39 ? A GLU 70 ? 1_555 HO ? B HO3 . ? A HO3 101 ? 1_555 OE1 ? A GLU 42 ? A GLU 73 ? 1_555 78.6  ? 
13 OE1 ? A GLU 39 ? A GLU 70 ? 1_555 HO ? B HO3 . ? A HO3 101 ? 1_555 OE1 ? A GLU 42 ? A GLU 73 ? 1_555 80.2  ? 
14 OE2 ? A GLU 39 ? A GLU 70 ? 1_555 HO ? B HO3 . ? A HO3 101 ? 1_555 OE1 ? A GLU 42 ? A GLU 73 ? 1_555 78.6  ? 
15 OE1 ? A GLU 42 ? A GLU 73 ? 1_555 HO ? B HO3 . ? A HO3 101 ? 1_555 OE1 ? A GLU 42 ? A GLU 73 ? 1_555 0.0   ? 
16 OE1 ? A GLU 39 ? A GLU 70 ? 1_555 HO ? B HO3 . ? A HO3 101 ? 1_555 OE2 ? A GLU 44 ? A GLU 75 ? 1_555 73.1  ? 
17 OE2 ? A GLU 39 ? A GLU 70 ? 1_555 HO ? B HO3 . ? A HO3 101 ? 1_555 OE2 ? A GLU 44 ? A GLU 75 ? 1_555 126.2 ? 
18 OE1 ? A GLU 39 ? A GLU 70 ? 1_555 HO ? B HO3 . ? A HO3 101 ? 1_555 OE2 ? A GLU 44 ? A GLU 75 ? 1_555 73.1  ? 
19 OE2 ? A GLU 39 ? A GLU 70 ? 1_555 HO ? B HO3 . ? A HO3 101 ? 1_555 OE2 ? A GLU 44 ? A GLU 75 ? 1_555 126.2 ? 
20 OE1 ? A GLU 42 ? A GLU 73 ? 1_555 HO ? B HO3 . ? A HO3 101 ? 1_555 OE2 ? A GLU 44 ? A GLU 75 ? 1_555 83.0  ? 
21 OE1 ? A GLU 42 ? A GLU 73 ? 1_555 HO ? B HO3 . ? A HO3 101 ? 1_555 OE2 ? A GLU 44 ? A GLU 75 ? 1_555 83.0  ? 
22 OE1 ? A GLU 39 ? A GLU 70 ? 1_555 HO ? B HO3 . ? A HO3 101 ? 1_555 OE2 ? A GLU 44 ? A GLU 75 ? 1_555 73.1  ? 
23 OE2 ? A GLU 39 ? A GLU 70 ? 1_555 HO ? B HO3 . ? A HO3 101 ? 1_555 OE2 ? A GLU 44 ? A GLU 75 ? 1_555 126.2 ? 
24 OE1 ? A GLU 39 ? A GLU 70 ? 1_555 HO ? B HO3 . ? A HO3 101 ? 1_555 OE2 ? A GLU 44 ? A GLU 75 ? 1_555 73.1  ? 
25 OE2 ? A GLU 39 ? A GLU 70 ? 1_555 HO ? B HO3 . ? A HO3 101 ? 1_555 OE2 ? A GLU 44 ? A GLU 75 ? 1_555 126.2 ? 
26 OE1 ? A GLU 42 ? A GLU 73 ? 1_555 HO ? B HO3 . ? A HO3 101 ? 1_555 OE2 ? A GLU 44 ? A GLU 75 ? 1_555 83.0  ? 
27 OE1 ? A GLU 42 ? A GLU 73 ? 1_555 HO ? B HO3 . ? A HO3 101 ? 1_555 OE2 ? A GLU 44 ? A GLU 75 ? 1_555 83.0  ? 
28 OE2 ? A GLU 44 ? A GLU 75 ? 1_555 HO ? B HO3 . ? A HO3 101 ? 1_555 OE2 ? A GLU 44 ? A GLU 75 ? 1_555 0.0   ? 
# 
_pdbx_modification_feature.ordinal                            1 
_pdbx_modification_feature.label_comp_id                      CYS 
_pdbx_modification_feature.label_asym_id                      A 
_pdbx_modification_feature.label_seq_id                       6 
_pdbx_modification_feature.label_alt_id                       ? 
_pdbx_modification_feature.modified_residue_label_comp_id     CYS 
_pdbx_modification_feature.modified_residue_label_asym_id     A 
_pdbx_modification_feature.modified_residue_label_seq_id      48 
_pdbx_modification_feature.modified_residue_label_alt_id      ? 
_pdbx_modification_feature.auth_comp_id                       CYS 
_pdbx_modification_feature.auth_asym_id                       A 
_pdbx_modification_feature.auth_seq_id                        37 
_pdbx_modification_feature.PDB_ins_code                       ? 
_pdbx_modification_feature.symmetry                           1_555 
_pdbx_modification_feature.modified_residue_auth_comp_id      CYS 
_pdbx_modification_feature.modified_residue_auth_asym_id      A 
_pdbx_modification_feature.modified_residue_auth_seq_id       79 
_pdbx_modification_feature.modified_residue_PDB_ins_code      ? 
_pdbx_modification_feature.modified_residue_symmetry          1_555 
_pdbx_modification_feature.comp_id_linking_atom               SG 
_pdbx_modification_feature.modified_residue_id_linking_atom   SG 
_pdbx_modification_feature.modified_residue_id                . 
_pdbx_modification_feature.ref_pcm_id                         . 
_pdbx_modification_feature.ref_comp_id                        . 
_pdbx_modification_feature.type                               None 
_pdbx_modification_feature.category                           'Disulfide bridge' 
# 
_pdbx_entry_details.entry_id                   9C90 
_pdbx_entry_details.nonpolymer_details         ? 
_pdbx_entry_details.sequence_details           ? 
_pdbx_entry_details.compound_details           ? 
_pdbx_entry_details.source_details             ? 
_pdbx_entry_details.has_ligand_of_interest     Y 
_pdbx_entry_details.has_protein_modification   Y 
# 
_pdbx_validate_symm_contact.id                1 
_pdbx_validate_symm_contact.PDB_model_num     1 
_pdbx_validate_symm_contact.auth_atom_id_1    O 
_pdbx_validate_symm_contact.auth_asym_id_1    A 
_pdbx_validate_symm_contact.auth_comp_id_1    PRO 
_pdbx_validate_symm_contact.auth_seq_id_1     53 
_pdbx_validate_symm_contact.PDB_ins_code_1    ? 
_pdbx_validate_symm_contact.label_alt_id_1    ? 
_pdbx_validate_symm_contact.site_symmetry_1   1_555 
_pdbx_validate_symm_contact.auth_atom_id_2    NZ 
_pdbx_validate_symm_contact.auth_asym_id_2    A 
_pdbx_validate_symm_contact.auth_comp_id_2    LYS 
_pdbx_validate_symm_contact.auth_seq_id_2     61 
_pdbx_validate_symm_contact.PDB_ins_code_2    ? 
_pdbx_validate_symm_contact.label_alt_id_2    ? 
_pdbx_validate_symm_contact.site_symmetry_2   15_556 
_pdbx_validate_symm_contact.dist              2.17 
# 
loop_
_pdbx_struct_special_symmetry.id 
_pdbx_struct_special_symmetry.PDB_model_num 
_pdbx_struct_special_symmetry.auth_asym_id 
_pdbx_struct_special_symmetry.auth_comp_id 
_pdbx_struct_special_symmetry.auth_seq_id 
_pdbx_struct_special_symmetry.PDB_ins_code 
_pdbx_struct_special_symmetry.label_asym_id 
_pdbx_struct_special_symmetry.label_comp_id 
_pdbx_struct_special_symmetry.label_seq_id 
1 1 A HO3 101 ? B HO3 . 
2 1 A HOH 208 ? C HOH . 
# 
loop_
_pdbx_refine_tls.id 
_pdbx_refine_tls.pdbx_refine_id 
_pdbx_refine_tls.details 
_pdbx_refine_tls.method 
_pdbx_refine_tls.origin_x 
_pdbx_refine_tls.origin_y 
_pdbx_refine_tls.origin_z 
_pdbx_refine_tls.T[1][1] 
_pdbx_refine_tls.T[1][1]_esd 
_pdbx_refine_tls.T[1][2] 
_pdbx_refine_tls.T[1][2]_esd 
_pdbx_refine_tls.T[1][3] 
_pdbx_refine_tls.T[1][3]_esd 
_pdbx_refine_tls.T[2][2] 
_pdbx_refine_tls.T[2][2]_esd 
_pdbx_refine_tls.T[2][3] 
_pdbx_refine_tls.T[2][3]_esd 
_pdbx_refine_tls.T[3][3] 
_pdbx_refine_tls.T[3][3]_esd 
_pdbx_refine_tls.L[1][1] 
_pdbx_refine_tls.L[1][1]_esd 
_pdbx_refine_tls.L[1][2] 
_pdbx_refine_tls.L[1][2]_esd 
_pdbx_refine_tls.L[1][3] 
_pdbx_refine_tls.L[1][3]_esd 
_pdbx_refine_tls.L[2][2] 
_pdbx_refine_tls.L[2][2]_esd 
_pdbx_refine_tls.L[2][3] 
_pdbx_refine_tls.L[2][3]_esd 
_pdbx_refine_tls.L[3][3] 
_pdbx_refine_tls.L[3][3]_esd 
_pdbx_refine_tls.S[1][1] 
_pdbx_refine_tls.S[1][1]_esd 
_pdbx_refine_tls.S[1][2] 
_pdbx_refine_tls.S[1][2]_esd 
_pdbx_refine_tls.S[1][3] 
_pdbx_refine_tls.S[1][3]_esd 
_pdbx_refine_tls.S[2][1] 
_pdbx_refine_tls.S[2][1]_esd 
_pdbx_refine_tls.S[2][2] 
_pdbx_refine_tls.S[2][2]_esd 
_pdbx_refine_tls.S[2][3] 
_pdbx_refine_tls.S[2][3]_esd 
_pdbx_refine_tls.S[3][1] 
_pdbx_refine_tls.S[3][1]_esd 
_pdbx_refine_tls.S[3][2] 
_pdbx_refine_tls.S[3][2]_esd 
_pdbx_refine_tls.S[3][3] 
_pdbx_refine_tls.S[3][3]_esd 
1 'X-RAY DIFFRACTION' ? refined 5.1852  -3.1637  -1.7371 0.2000 ? 0.0418  ? 0.0792  ? 0.3361 ? -0.0897 ? 0.6408 ? 3.6022 ? -0.1178 ? 2.2608 ? 2.3944  ? -0.5249 ? 4.0809 ? -0.1538 ? 0.7499  ? -1.1979 ? -0.0627 ? 0.4803  ? 0.0886  ? 0.4399  ? 0.2175  ? -0.0959 ? 
2 'X-RAY DIFFRACTION' ? refined -9.1094 -11.4306 3.4561  0.3475 ? -0.1205 ? 0.0215  ? 0.1639 ? -0.0140 ? 0.8356 ? 6.7017 ? 4.7472  ? 0.3281 ? 3.3937  ? 0.1965  ? 0.1506 ? 0.2245  ? -0.1908 ? -2.9865 ? 1.1701  ? -0.7708 ? -0.6944 ? 0.4806  ? -0.0840 ? 0.1713  ? 
3 'X-RAY DIFFRACTION' ? refined -3.9847 3.9429   -2.9104 0.1023 ? -0.0190 ? -0.0007 ? 0.2011 ? -0.0370 ? 0.2234 ? 4.0329 ? 0.2966  ? 0.2959 ? 4.0454  ? -1.9286 ? 6.0640 ? -0.1702 ? 0.4161  ? -0.4237 ? -0.0715 ? -0.0410 ? -0.0850 ? -0.1283 ? 0.0638  ? 0.1880  ? 
4 'X-RAY DIFFRACTION' ? refined 1.4347  4.0826   3.6317  0.1614 ? 0.0071  ? -0.0022 ? 0.2932 ? 0.0318  ? 0.2081 ? 7.0638 ? 1.3844  ? 1.9768 ? 10.7402 ? -1.6979 ? 3.8995 ? 0.1868  ? -0.6183 ? -0.0535 ? 0.6946  ? 0.0779  ? -0.0327 ? -0.4571 ? -0.1682 ? -0.3231 ? 
# 
loop_
_pdbx_refine_tls_group.id 
_pdbx_refine_tls_group.pdbx_refine_id 
_pdbx_refine_tls_group.refine_tls_id 
_pdbx_refine_tls_group.beg_label_asym_id 
_pdbx_refine_tls_group.beg_label_seq_id 
_pdbx_refine_tls_group.beg_auth_asym_id 
_pdbx_refine_tls_group.beg_auth_seq_id 
_pdbx_refine_tls_group.beg_PDB_ins_code 
_pdbx_refine_tls_group.end_label_asym_id 
_pdbx_refine_tls_group.end_label_seq_id 
_pdbx_refine_tls_group.end_auth_asym_id 
_pdbx_refine_tls_group.end_auth_seq_id 
_pdbx_refine_tls_group.end_PDB_ins_code 
_pdbx_refine_tls_group.selection 
_pdbx_refine_tls_group.selection_details 
1 'X-RAY DIFFRACTION' 1 ? ? ? ? ? ? ? ? ? ? ? 
;chain 'A' and (resid 32 through 50 )
;
2 'X-RAY DIFFRACTION' 2 ? ? ? ? ? ? ? ? ? ? ? 
;chain 'A' and (resid 51 through 57 )
;
3 'X-RAY DIFFRACTION' 3 ? ? ? ? ? ? ? ? ? ? ? 
;chain 'A' and (resid 58 through 75 )
;
4 'X-RAY DIFFRACTION' 4 ? ? ? ? ? ? ? ? ? ? ? 
;chain 'A' and (resid 76 through 91 )
;
# 
_pdbx_unobs_or_zero_occ_residues.id               1 
_pdbx_unobs_or_zero_occ_residues.PDB_model_num    1 
_pdbx_unobs_or_zero_occ_residues.polymer_flag     Y 
_pdbx_unobs_or_zero_occ_residues.occupancy_flag   1 
_pdbx_unobs_or_zero_occ_residues.auth_asym_id     A 
_pdbx_unobs_or_zero_occ_residues.auth_comp_id     LYS 
_pdbx_unobs_or_zero_occ_residues.auth_seq_id      92 
_pdbx_unobs_or_zero_occ_residues.PDB_ins_code     ? 
_pdbx_unobs_or_zero_occ_residues.label_asym_id    A 
_pdbx_unobs_or_zero_occ_residues.label_comp_id    LYS 
_pdbx_unobs_or_zero_occ_residues.label_seq_id     61 
# 
loop_
_chem_comp_atom.comp_id 
_chem_comp_atom.atom_id 
_chem_comp_atom.type_symbol 
_chem_comp_atom.pdbx_aromatic_flag 
_chem_comp_atom.pdbx_stereo_config 
_chem_comp_atom.pdbx_ordinal 
ALA N    N  N N 1   
ALA CA   C  N S 2   
ALA C    C  N N 3   
ALA O    O  N N 4   
ALA CB   C  N N 5   
ALA OXT  O  N N 6   
ALA H    H  N N 7   
ALA H2   H  N N 8   
ALA HA   H  N N 9   
ALA HB1  H  N N 10  
ALA HB2  H  N N 11  
ALA HB3  H  N N 12  
ALA HXT  H  N N 13  
ARG N    N  N N 14  
ARG CA   C  N S 15  
ARG C    C  N N 16  
ARG O    O  N N 17  
ARG CB   C  N N 18  
ARG CG   C  N N 19  
ARG CD   C  N N 20  
ARG NE   N  N N 21  
ARG CZ   C  N N 22  
ARG NH1  N  N N 23  
ARG NH2  N  N N 24  
ARG OXT  O  N N 25  
ARG H    H  N N 26  
ARG H2   H  N N 27  
ARG HA   H  N N 28  
ARG HB2  H  N N 29  
ARG HB3  H  N N 30  
ARG HG2  H  N N 31  
ARG HG3  H  N N 32  
ARG HD2  H  N N 33  
ARG HD3  H  N N 34  
ARG HE   H  N N 35  
ARG HH11 H  N N 36  
ARG HH12 H  N N 37  
ARG HH21 H  N N 38  
ARG HH22 H  N N 39  
ARG HXT  H  N N 40  
ASP N    N  N N 41  
ASP CA   C  N S 42  
ASP C    C  N N 43  
ASP O    O  N N 44  
ASP CB   C  N N 45  
ASP CG   C  N N 46  
ASP OD1  O  N N 47  
ASP OD2  O  N N 48  
ASP OXT  O  N N 49  
ASP H    H  N N 50  
ASP H2   H  N N 51  
ASP HA   H  N N 52  
ASP HB2  H  N N 53  
ASP HB3  H  N N 54  
ASP HD2  H  N N 55  
ASP HXT  H  N N 56  
CYS N    N  N N 57  
CYS CA   C  N R 58  
CYS C    C  N N 59  
CYS O    O  N N 60  
CYS CB   C  N N 61  
CYS SG   S  N N 62  
CYS OXT  O  N N 63  
CYS H    H  N N 64  
CYS H2   H  N N 65  
CYS HA   H  N N 66  
CYS HB2  H  N N 67  
CYS HB3  H  N N 68  
CYS HG   H  N N 69  
CYS HXT  H  N N 70  
GLN N    N  N N 71  
GLN CA   C  N S 72  
GLN C    C  N N 73  
GLN O    O  N N 74  
GLN CB   C  N N 75  
GLN CG   C  N N 76  
GLN CD   C  N N 77  
GLN OE1  O  N N 78  
GLN NE2  N  N N 79  
GLN OXT  O  N N 80  
GLN H    H  N N 81  
GLN H2   H  N N 82  
GLN HA   H  N N 83  
GLN HB2  H  N N 84  
GLN HB3  H  N N 85  
GLN HG2  H  N N 86  
GLN HG3  H  N N 87  
GLN HE21 H  N N 88  
GLN HE22 H  N N 89  
GLN HXT  H  N N 90  
GLU N    N  N N 91  
GLU CA   C  N S 92  
GLU C    C  N N 93  
GLU O    O  N N 94  
GLU CB   C  N N 95  
GLU CG   C  N N 96  
GLU CD   C  N N 97  
GLU OE1  O  N N 98  
GLU OE2  O  N N 99  
GLU OXT  O  N N 100 
GLU H    H  N N 101 
GLU H2   H  N N 102 
GLU HA   H  N N 103 
GLU HB2  H  N N 104 
GLU HB3  H  N N 105 
GLU HG2  H  N N 106 
GLU HG3  H  N N 107 
GLU HE2  H  N N 108 
GLU HXT  H  N N 109 
GLY N    N  N N 110 
GLY CA   C  N N 111 
GLY C    C  N N 112 
GLY O    O  N N 113 
GLY OXT  O  N N 114 
GLY H    H  N N 115 
GLY H2   H  N N 116 
GLY HA2  H  N N 117 
GLY HA3  H  N N 118 
GLY HXT  H  N N 119 
HO3 HO   HO N N 120 
HOH O    O  N N 121 
HOH H1   H  N N 122 
HOH H2   H  N N 123 
ILE N    N  N N 124 
ILE CA   C  N S 125 
ILE C    C  N N 126 
ILE O    O  N N 127 
ILE CB   C  N S 128 
ILE CG1  C  N N 129 
ILE CG2  C  N N 130 
ILE CD1  C  N N 131 
ILE OXT  O  N N 132 
ILE H    H  N N 133 
ILE H2   H  N N 134 
ILE HA   H  N N 135 
ILE HB   H  N N 136 
ILE HG12 H  N N 137 
ILE HG13 H  N N 138 
ILE HG21 H  N N 139 
ILE HG22 H  N N 140 
ILE HG23 H  N N 141 
ILE HD11 H  N N 142 
ILE HD12 H  N N 143 
ILE HD13 H  N N 144 
ILE HXT  H  N N 145 
LEU N    N  N N 146 
LEU CA   C  N S 147 
LEU C    C  N N 148 
LEU O    O  N N 149 
LEU CB   C  N N 150 
LEU CG   C  N N 151 
LEU CD1  C  N N 152 
LEU CD2  C  N N 153 
LEU OXT  O  N N 154 
LEU H    H  N N 155 
LEU H2   H  N N 156 
LEU HA   H  N N 157 
LEU HB2  H  N N 158 
LEU HB3  H  N N 159 
LEU HG   H  N N 160 
LEU HD11 H  N N 161 
LEU HD12 H  N N 162 
LEU HD13 H  N N 163 
LEU HD21 H  N N 164 
LEU HD22 H  N N 165 
LEU HD23 H  N N 166 
LEU HXT  H  N N 167 
LYS N    N  N N 168 
LYS CA   C  N S 169 
LYS C    C  N N 170 
LYS O    O  N N 171 
LYS CB   C  N N 172 
LYS CG   C  N N 173 
LYS CD   C  N N 174 
LYS CE   C  N N 175 
LYS NZ   N  N N 176 
LYS OXT  O  N N 177 
LYS H    H  N N 178 
LYS H2   H  N N 179 
LYS HA   H  N N 180 
LYS HB2  H  N N 181 
LYS HB3  H  N N 182 
LYS HG2  H  N N 183 
LYS HG3  H  N N 184 
LYS HD2  H  N N 185 
LYS HD3  H  N N 186 
LYS HE2  H  N N 187 
LYS HE3  H  N N 188 
LYS HZ1  H  N N 189 
LYS HZ2  H  N N 190 
LYS HZ3  H  N N 191 
LYS HXT  H  N N 192 
PHE N    N  N N 193 
PHE CA   C  N S 194 
PHE C    C  N N 195 
PHE O    O  N N 196 
PHE CB   C  N N 197 
PHE CG   C  Y N 198 
PHE CD1  C  Y N 199 
PHE CD2  C  Y N 200 
PHE CE1  C  Y N 201 
PHE CE2  C  Y N 202 
PHE CZ   C  Y N 203 
PHE OXT  O  N N 204 
PHE H    H  N N 205 
PHE H2   H  N N 206 
PHE HA   H  N N 207 
PHE HB2  H  N N 208 
PHE HB3  H  N N 209 
PHE HD1  H  N N 210 
PHE HD2  H  N N 211 
PHE HE1  H  N N 212 
PHE HE2  H  N N 213 
PHE HZ   H  N N 214 
PHE HXT  H  N N 215 
PRO N    N  N N 216 
PRO CA   C  N S 217 
PRO C    C  N N 218 
PRO O    O  N N 219 
PRO CB   C  N N 220 
PRO CG   C  N N 221 
PRO CD   C  N N 222 
PRO OXT  O  N N 223 
PRO H    H  N N 224 
PRO HA   H  N N 225 
PRO HB2  H  N N 226 
PRO HB3  H  N N 227 
PRO HG2  H  N N 228 
PRO HG3  H  N N 229 
PRO HD2  H  N N 230 
PRO HD3  H  N N 231 
PRO HXT  H  N N 232 
VAL N    N  N N 233 
VAL CA   C  N S 234 
VAL C    C  N N 235 
VAL O    O  N N 236 
VAL CB   C  N N 237 
VAL CG1  C  N N 238 
VAL CG2  C  N N 239 
VAL OXT  O  N N 240 
VAL H    H  N N 241 
VAL H2   H  N N 242 
VAL HA   H  N N 243 
VAL HB   H  N N 244 
VAL HG11 H  N N 245 
VAL HG12 H  N N 246 
VAL HG13 H  N N 247 
VAL HG21 H  N N 248 
VAL HG22 H  N N 249 
VAL HG23 H  N N 250 
VAL HXT  H  N N 251 
# 
loop_
_chem_comp_bond.comp_id 
_chem_comp_bond.atom_id_1 
_chem_comp_bond.atom_id_2 
_chem_comp_bond.value_order 
_chem_comp_bond.pdbx_aromatic_flag 
_chem_comp_bond.pdbx_stereo_config 
_chem_comp_bond.pdbx_ordinal 
ALA N   CA   sing N N 1   
ALA N   H    sing N N 2   
ALA N   H2   sing N N 3   
ALA CA  C    sing N N 4   
ALA CA  CB   sing N N 5   
ALA CA  HA   sing N N 6   
ALA C   O    doub N N 7   
ALA C   OXT  sing N N 8   
ALA CB  HB1  sing N N 9   
ALA CB  HB2  sing N N 10  
ALA CB  HB3  sing N N 11  
ALA OXT HXT  sing N N 12  
ARG N   CA   sing N N 13  
ARG N   H    sing N N 14  
ARG N   H2   sing N N 15  
ARG CA  C    sing N N 16  
ARG CA  CB   sing N N 17  
ARG CA  HA   sing N N 18  
ARG C   O    doub N N 19  
ARG C   OXT  sing N N 20  
ARG CB  CG   sing N N 21  
ARG CB  HB2  sing N N 22  
ARG CB  HB3  sing N N 23  
ARG CG  CD   sing N N 24  
ARG CG  HG2  sing N N 25  
ARG CG  HG3  sing N N 26  
ARG CD  NE   sing N N 27  
ARG CD  HD2  sing N N 28  
ARG CD  HD3  sing N N 29  
ARG NE  CZ   sing N N 30  
ARG NE  HE   sing N N 31  
ARG CZ  NH1  sing N N 32  
ARG CZ  NH2  doub N N 33  
ARG NH1 HH11 sing N N 34  
ARG NH1 HH12 sing N N 35  
ARG NH2 HH21 sing N N 36  
ARG NH2 HH22 sing N N 37  
ARG OXT HXT  sing N N 38  
ASP N   CA   sing N N 39  
ASP N   H    sing N N 40  
ASP N   H2   sing N N 41  
ASP CA  C    sing N N 42  
ASP CA  CB   sing N N 43  
ASP CA  HA   sing N N 44  
ASP C   O    doub N N 45  
ASP C   OXT  sing N N 46  
ASP CB  CG   sing N N 47  
ASP CB  HB2  sing N N 48  
ASP CB  HB3  sing N N 49  
ASP CG  OD1  doub N N 50  
ASP CG  OD2  sing N N 51  
ASP OD2 HD2  sing N N 52  
ASP OXT HXT  sing N N 53  
CYS N   CA   sing N N 54  
CYS N   H    sing N N 55  
CYS N   H2   sing N N 56  
CYS CA  C    sing N N 57  
CYS CA  CB   sing N N 58  
CYS CA  HA   sing N N 59  
CYS C   O    doub N N 60  
CYS C   OXT  sing N N 61  
CYS CB  SG   sing N N 62  
CYS CB  HB2  sing N N 63  
CYS CB  HB3  sing N N 64  
CYS SG  HG   sing N N 65  
CYS OXT HXT  sing N N 66  
GLN N   CA   sing N N 67  
GLN N   H    sing N N 68  
GLN N   H2   sing N N 69  
GLN CA  C    sing N N 70  
GLN CA  CB   sing N N 71  
GLN CA  HA   sing N N 72  
GLN C   O    doub N N 73  
GLN C   OXT  sing N N 74  
GLN CB  CG   sing N N 75  
GLN CB  HB2  sing N N 76  
GLN CB  HB3  sing N N 77  
GLN CG  CD   sing N N 78  
GLN CG  HG2  sing N N 79  
GLN CG  HG3  sing N N 80  
GLN CD  OE1  doub N N 81  
GLN CD  NE2  sing N N 82  
GLN NE2 HE21 sing N N 83  
GLN NE2 HE22 sing N N 84  
GLN OXT HXT  sing N N 85  
GLU N   CA   sing N N 86  
GLU N   H    sing N N 87  
GLU N   H2   sing N N 88  
GLU CA  C    sing N N 89  
GLU CA  CB   sing N N 90  
GLU CA  HA   sing N N 91  
GLU C   O    doub N N 92  
GLU C   OXT  sing N N 93  
GLU CB  CG   sing N N 94  
GLU CB  HB2  sing N N 95  
GLU CB  HB3  sing N N 96  
GLU CG  CD   sing N N 97  
GLU CG  HG2  sing N N 98  
GLU CG  HG3  sing N N 99  
GLU CD  OE1  doub N N 100 
GLU CD  OE2  sing N N 101 
GLU OE2 HE2  sing N N 102 
GLU OXT HXT  sing N N 103 
GLY N   CA   sing N N 104 
GLY N   H    sing N N 105 
GLY N   H2   sing N N 106 
GLY CA  C    sing N N 107 
GLY CA  HA2  sing N N 108 
GLY CA  HA3  sing N N 109 
GLY C   O    doub N N 110 
GLY C   OXT  sing N N 111 
GLY OXT HXT  sing N N 112 
HOH O   H1   sing N N 113 
HOH O   H2   sing N N 114 
ILE N   CA   sing N N 115 
ILE N   H    sing N N 116 
ILE N   H2   sing N N 117 
ILE CA  C    sing N N 118 
ILE CA  CB   sing N N 119 
ILE CA  HA   sing N N 120 
ILE C   O    doub N N 121 
ILE C   OXT  sing N N 122 
ILE CB  CG1  sing N N 123 
ILE CB  CG2  sing N N 124 
ILE CB  HB   sing N N 125 
ILE CG1 CD1  sing N N 126 
ILE CG1 HG12 sing N N 127 
ILE CG1 HG13 sing N N 128 
ILE CG2 HG21 sing N N 129 
ILE CG2 HG22 sing N N 130 
ILE CG2 HG23 sing N N 131 
ILE CD1 HD11 sing N N 132 
ILE CD1 HD12 sing N N 133 
ILE CD1 HD13 sing N N 134 
ILE OXT HXT  sing N N 135 
LEU N   CA   sing N N 136 
LEU N   H    sing N N 137 
LEU N   H2   sing N N 138 
LEU CA  C    sing N N 139 
LEU CA  CB   sing N N 140 
LEU CA  HA   sing N N 141 
LEU C   O    doub N N 142 
LEU C   OXT  sing N N 143 
LEU CB  CG   sing N N 144 
LEU CB  HB2  sing N N 145 
LEU CB  HB3  sing N N 146 
LEU CG  CD1  sing N N 147 
LEU CG  CD2  sing N N 148 
LEU CG  HG   sing N N 149 
LEU CD1 HD11 sing N N 150 
LEU CD1 HD12 sing N N 151 
LEU CD1 HD13 sing N N 152 
LEU CD2 HD21 sing N N 153 
LEU CD2 HD22 sing N N 154 
LEU CD2 HD23 sing N N 155 
LEU OXT HXT  sing N N 156 
LYS N   CA   sing N N 157 
LYS N   H    sing N N 158 
LYS N   H2   sing N N 159 
LYS CA  C    sing N N 160 
LYS CA  CB   sing N N 161 
LYS CA  HA   sing N N 162 
LYS C   O    doub N N 163 
LYS C   OXT  sing N N 164 
LYS CB  CG   sing N N 165 
LYS CB  HB2  sing N N 166 
LYS CB  HB3  sing N N 167 
LYS CG  CD   sing N N 168 
LYS CG  HG2  sing N N 169 
LYS CG  HG3  sing N N 170 
LYS CD  CE   sing N N 171 
LYS CD  HD2  sing N N 172 
LYS CD  HD3  sing N N 173 
LYS CE  NZ   sing N N 174 
LYS CE  HE2  sing N N 175 
LYS CE  HE3  sing N N 176 
LYS NZ  HZ1  sing N N 177 
LYS NZ  HZ2  sing N N 178 
LYS NZ  HZ3  sing N N 179 
LYS OXT HXT  sing N N 180 
PHE N   CA   sing N N 181 
PHE N   H    sing N N 182 
PHE N   H2   sing N N 183 
PHE CA  C    sing N N 184 
PHE CA  CB   sing N N 185 
PHE CA  HA   sing N N 186 
PHE C   O    doub N N 187 
PHE C   OXT  sing N N 188 
PHE CB  CG   sing N N 189 
PHE CB  HB2  sing N N 190 
PHE CB  HB3  sing N N 191 
PHE CG  CD1  doub Y N 192 
PHE CG  CD2  sing Y N 193 
PHE CD1 CE1  sing Y N 194 
PHE CD1 HD1  sing N N 195 
PHE CD2 CE2  doub Y N 196 
PHE CD2 HD2  sing N N 197 
PHE CE1 CZ   doub Y N 198 
PHE CE1 HE1  sing N N 199 
PHE CE2 CZ   sing Y N 200 
PHE CE2 HE2  sing N N 201 
PHE CZ  HZ   sing N N 202 
PHE OXT HXT  sing N N 203 
PRO N   CA   sing N N 204 
PRO N   CD   sing N N 205 
PRO N   H    sing N N 206 
PRO CA  C    sing N N 207 
PRO CA  CB   sing N N 208 
PRO CA  HA   sing N N 209 
PRO C   O    doub N N 210 
PRO C   OXT  sing N N 211 
PRO CB  CG   sing N N 212 
PRO CB  HB2  sing N N 213 
PRO CB  HB3  sing N N 214 
PRO CG  CD   sing N N 215 
PRO CG  HG2  sing N N 216 
PRO CG  HG3  sing N N 217 
PRO CD  HD2  sing N N 218 
PRO CD  HD3  sing N N 219 
PRO OXT HXT  sing N N 220 
VAL N   CA   sing N N 221 
VAL N   H    sing N N 222 
VAL N   H2   sing N N 223 
VAL CA  C    sing N N 224 
VAL CA  CB   sing N N 225 
VAL CA  HA   sing N N 226 
VAL C   O    doub N N 227 
VAL C   OXT  sing N N 228 
VAL CB  CG1  sing N N 229 
VAL CB  CG2  sing N N 230 
VAL CB  HB   sing N N 231 
VAL CG1 HG11 sing N N 232 
VAL CG1 HG12 sing N N 233 
VAL CG1 HG13 sing N N 234 
VAL CG2 HG21 sing N N 235 
VAL CG2 HG22 sing N N 236 
VAL CG2 HG23 sing N N 237 
VAL OXT HXT  sing N N 238 
# 
_pdbx_audit_support.funding_organization   
'National Institutes of Health/National Institute of General Medical Sciences (NIH/NIGMS)' 
_pdbx_audit_support.country                'United States' 
_pdbx_audit_support.grant_number           ? 
_pdbx_audit_support.ordinal                1 
# 
_atom_sites.entry_id                    9C90 
_atom_sites.Cartn_transf_matrix[1][1]   ? 
_atom_sites.Cartn_transf_matrix[1][2]   ? 
_atom_sites.Cartn_transf_matrix[1][3]   ? 
_atom_sites.Cartn_transf_matrix[2][1]   ? 
_atom_sites.Cartn_transf_matrix[2][2]   ? 
_atom_sites.Cartn_transf_matrix[2][3]   ? 
_atom_sites.Cartn_transf_matrix[3][1]   ? 
_atom_sites.Cartn_transf_matrix[3][2]   ? 
_atom_sites.Cartn_transf_matrix[3][3]   ? 
_atom_sites.Cartn_transf_vector[1]      ? 
_atom_sites.Cartn_transf_vector[2]      ? 
_atom_sites.Cartn_transf_vector[3]      ? 
_atom_sites.Cartn_transform_axes        ? 
_atom_sites.fract_transf_matrix[1][1]   0.00432853 
_atom_sites.fract_transf_matrix[1][2]   0.00806604 
_atom_sites.fract_transf_matrix[1][3]   -0.00893808 
_atom_sites.fract_transf_matrix[2][1]   -0.00898894 
_atom_sites.fract_transf_matrix[2][2]   0.00848386 
_atom_sites.fract_transf_matrix[2][3]   0.00330297 
_atom_sites.fract_transf_matrix[3][1]   0.00800932 
_atom_sites.fract_transf_matrix[3][2]   0.00516233 
_atom_sites.fract_transf_matrix[3][3]   0.00853742 
_atom_sites.fract_transf_vector[1]      0.356624 
_atom_sites.fract_transf_vector[2]      0.635297 
_atom_sites.fract_transf_vector[3]      0.628801 
_atom_sites.solution_primary            ? 
_atom_sites.solution_secondary          ? 
_atom_sites.solution_hydrogens          ? 
_atom_sites.special_details             ? 
# 
loop_
_atom_type.symbol 
C  
HO 
N  
O  
S  
# 
loop_
_atom_site.group_PDB 
_atom_site.id 
_atom_site.type_symbol 
_atom_site.label_atom_id 
_atom_site.label_alt_id 
_atom_site.label_comp_id 
_atom_site.label_asym_id 
_atom_site.label_entity_id 
_atom_site.label_seq_id 
_atom_site.pdbx_PDB_ins_code 
_atom_site.Cartn_x 
_atom_site.Cartn_y 
_atom_site.Cartn_z 
_atom_site.occupancy 
_atom_site.B_iso_or_equiv 
_atom_site.pdbx_formal_charge 
_atom_site.auth_seq_id 
_atom_site.auth_comp_id 
_atom_site.auth_asym_id 
_atom_site.auth_atom_id 
_atom_site.pdbx_PDB_model_num 
ATOM   1   N  N   . ASP A 1 1  ? 15.426  5.498   -3.876  1.00 34.89 ? 32  ASP A N   1 
ATOM   2   C  CA  . ASP A 1 1  ? 14.752  6.766   -3.618  1.00 34.99 ? 32  ASP A CA  1 
ATOM   3   C  C   . ASP A 1 1  ? 13.280  6.509   -3.322  1.00 34.84 ? 32  ASP A C   1 
ATOM   4   O  O   . ASP A 1 1  ? 12.879  5.361   -3.186  1.00 34.41 ? 32  ASP A O   1 
ATOM   5   C  CB  . ASP A 1 1  ? 14.952  7.738   -4.798  1.00 35.49 ? 32  ASP A CB  1 
ATOM   6   C  CG  . ASP A 1 1  ? 14.391  7.209   -6.114  1.00 35.99 ? 32  ASP A CG  1 
ATOM   7   O  OD1 . ASP A 1 1  ? 13.828  6.095   -6.147  1.00 35.82 ? 32  ASP A OD1 1 
ATOM   8   O  OD2 . ASP A 1 1  ? 14.537  7.915   -7.146  1.00 36.84 ? 32  ASP A OD2 1 
ATOM   9   N  N   . ASP A 1 2  ? 12.480  7.570   -3.223  1.00 30.33 ? 33  ASP A N   1 
ATOM   10  C  CA  . ASP A 1 2  ? 11.074  7.380   -2.878  1.00 30.24 ? 33  ASP A CA  1 
ATOM   11  C  C   . ASP A 1 2  ? 10.351  6.541   -3.923  1.00 30.39 ? 33  ASP A C   1 
ATOM   12  O  O   . ASP A 1 2  ? 9.453   5.758   -3.585  1.00 30.10 ? 33  ASP A O   1 
ATOM   13  C  CB  . ASP A 1 2  ? 10.380  8.727   -2.721  1.00 30.34 ? 33  ASP A CB  1 
ATOM   14  C  CG  . ASP A 1 2  ? 10.688  9.393   -1.407  1.00 30.25 ? 33  ASP A CG  1 
ATOM   15  O  OD1 . ASP A 1 2  ? 11.332  8.778   -0.535  1.00 30.58 ? 33  ASP A OD1 1 
ATOM   16  O  OD2 . ASP A 1 2  ? 10.284  10.556  -1.250  1.00 29.82 ? 33  ASP A OD2 1 
ATOM   17  N  N   . LYS A 1 3  ? 10.713  6.704   -5.200  1.00 32.22 ? 34  LYS A N   1 
ATOM   18  C  CA  . LYS A 1 3  ? 10.057  5.935   -6.252  1.00 32.85 ? 34  LYS A CA  1 
ATOM   19  C  C   . LYS A 1 3  ? 10.307  4.443   -6.079  1.00 32.74 ? 34  LYS A C   1 
ATOM   20  O  O   . LYS A 1 3  ? 9.376   3.629   -6.156  1.00 32.94 ? 34  LYS A O   1 
ATOM   21  C  CB  . LYS A 1 3  ? 10.512  6.406   -7.633  1.00 33.75 ? 34  LYS A CB  1 
ATOM   22  C  CG  . LYS A 1 3  ? 9.914   5.577   -8.757  1.00 35.03 ? 34  LYS A CG  1 
ATOM   23  C  CD  . LYS A 1 3  ? 10.207  6.172   -10.126 1.00 36.35 ? 34  LYS A CD  1 
ATOM   24  C  CE  . LYS A 1 3  ? 9.705   5.276   -11.252 1.00 38.41 ? 34  LYS A CE  1 
ATOM   25  N  NZ  . LYS A 1 3  ? 9.998   5.867   -12.569 1.00 39.66 ? 34  LYS A NZ  1 
ATOM   26  N  N   . ALA A 1 4  ? 11.566  4.065   -5.840  1.00 36.08 ? 35  ALA A N   1 
ATOM   27  C  CA  . ALA A 1 4  ? 11.877  2.657   -5.633  1.00 35.60 ? 35  ALA A CA  1 
ATOM   28  C  C   . ALA A 1 4  ? 11.253  2.144   -4.347  1.00 34.61 ? 35  ALA A C   1 
ATOM   29  O  O   . ALA A 1 4  ? 10.721  1.028   -4.312  1.00 34.40 ? 35  ALA A O   1 
ATOM   30  C  CB  . ALA A 1 4  ? 13.390  2.447   -5.619  1.00 35.67 ? 35  ALA A CB  1 
ATOM   31  N  N   . ALA A 1 5  ? 11.295  2.951   -3.286  1.00 32.95 ? 36  ALA A N   1 
ATOM   32  C  CA  . ALA A 1 5  ? 10.698  2.550   -2.022  1.00 32.07 ? 36  ALA A CA  1 
ATOM   33  C  C   . ALA A 1 5  ? 9.189   2.374   -2.159  1.00 32.11 ? 36  ALA A C   1 
ATOM   34  O  O   . ALA A 1 5  ? 8.606   1.447   -1.580  1.00 31.23 ? 36  ALA A O   1 
ATOM   35  C  CB  . ALA A 1 5  ? 11.026  3.590   -0.952  1.00 32.39 ? 36  ALA A CB  1 
ATOM   36  N  N   . CYS A 1 6  ? 8.533   3.255   -2.917  1.00 27.98 ? 37  CYS A N   1 
ATOM   37  C  CA  . CYS A 1 6  ? 7.097   3.113   -3.129  1.00 28.24 ? 37  CYS A CA  1 
ATOM   38  C  C   . CYS A 1 6  ? 6.773   1.805   -3.843  1.00 28.74 ? 37  CYS A C   1 
ATOM   39  O  O   . CYS A 1 6  ? 5.890   1.050   -3.415  1.00 28.19 ? 37  CYS A O   1 
ATOM   40  C  CB  . CYS A 1 6  ? 6.558   4.312   -3.911  1.00 29.45 ? 37  CYS A CB  1 
ATOM   41  S  SG  . CYS A 1 6  ? 4.898   4.096   -4.578  1.00 29.73 ? 37  CYS A SG  1 
ATOM   42  N  N   . ALA A 1 7  ? 7.492   1.521   -4.934  1.00 35.47 ? 38  ALA A N   1 
ATOM   43  C  CA  . ALA A 1 7  ? 7.237   0.302   -5.695  1.00 36.88 ? 38  ALA A CA  1 
ATOM   44  C  C   . ALA A 1 7  ? 7.538   -0.928  -4.858  1.00 35.82 ? 38  ALA A C   1 
ATOM   45  O  O   . ALA A 1 7  ? 6.746   -1.877  -4.818  1.00 36.60 ? 38  ALA A O   1 
ATOM   46  C  CB  . ALA A 1 7  ? 8.080   0.291   -6.968  1.00 38.50 ? 38  ALA A CB  1 
ATOM   47  N  N   . ASP A 1 8  ? 8.685   -0.923  -4.174  1.00 44.15 ? 39  ASP A N   1 
ATOM   48  C  CA  . ASP A 1 8  ? 9.033   -2.021  -3.282  1.00 43.63 ? 39  ASP A CA  1 
ATOM   49  C  C   . ASP A 1 8  ? 8.004   -2.176  -2.168  1.00 42.61 ? 39  ASP A C   1 
ATOM   50  O  O   . ASP A 1 8  ? 7.604   -3.295  -1.830  1.00 43.56 ? 39  ASP A O   1 
ATOM   51  C  CB  . ASP A 1 8  ? 10.428  -1.790  -2.698  1.00 43.54 ? 39  ASP A CB  1 
ATOM   52  C  CG  . ASP A 1 8  ? 11.542  -1.895  -3.749  1.00 45.90 ? 39  ASP A CG  1 
ATOM   53  O  OD1 . ASP A 1 8  ? 11.259  -2.289  -4.906  1.00 47.82 ? 39  ASP A OD1 1 
ATOM   54  O  OD2 . ASP A 1 8  ? 12.717  -1.598  -3.419  1.00 46.54 ? 39  ASP A OD2 1 
ATOM   55  N  N   . GLY A 1 9  ? 7.554   -1.060  -1.595  1.00 34.70 ? 40  GLY A N   1 
ATOM   56  C  CA  . GLY A 1 9  ? 6.595   -1.141  -0.510  1.00 34.03 ? 40  GLY A CA  1 
ATOM   57  C  C   . GLY A 1 9  ? 5.246   -1.673  -0.955  1.00 34.98 ? 40  GLY A C   1 
ATOM   58  O  O   . GLY A 1 9  ? 4.607   -2.437  -0.229  1.00 35.19 ? 40  GLY A O   1 
ATOM   59  N  N   . ILE A 1 10 ? 4.782   -1.268  -2.142  1.00 31.15 ? 41  ILE A N   1 
ATOM   60  C  CA  . ILE A 1 10 ? 3.535   -1.817  -2.669  1.00 32.87 ? 41  ILE A CA  1 
ATOM   61  C  C   . ILE A 1 10 ? 3.647   -3.326  -2.820  1.00 34.69 ? 41  ILE A C   1 
ATOM   62  O  O   . ILE A 1 10 ? 2.743   -4.075  -2.430  1.00 35.75 ? 41  ILE A O   1 
ATOM   63  C  CB  . ILE A 1 10 ? 3.147   -1.131  -3.995  1.00 34.38 ? 41  ILE A CB  1 
ATOM   64  C  CG1 . ILE A 1 10 ? 2.762   0.333   -3.756  1.00 33.29 ? 41  ILE A CG1 1 
ATOM   65  C  CG2 . ILE A 1 10 ? 1.998   -1.873  -4.660  1.00 36.70 ? 41  ILE A CG2 1 
ATOM   66  C  CD1 . ILE A 1 10 ? 2.506   1.123   -5.010  1.00 34.84 ? 41  ILE A CD1 1 
ATOM   67  N  N   . ALA A 1 11 ? 4.766   -3.800  -3.359  1.00 40.12 ? 42  ALA A N   1 
ATOM   68  C  CA  . ALA A 1 11 ? 4.960   -5.238  -3.518  1.00 41.83 ? 42  ALA A CA  1 
ATOM   69  C  C   . ALA A 1 11 ? 5.067   -5.939  -2.169  1.00 41.10 ? 42  ALA A C   1 
ATOM   70  O  O   . ALA A 1 11 ? 4.526   -7.039  -1.992  1.00 43.20 ? 42  ALA A O   1 
ATOM   71  C  CB  . ALA A 1 11 ? 6.207   -5.499  -4.356  1.00 42.28 ? 42  ALA A CB  1 
ATOM   72  N  N   . ALA A 1 12 ? 5.759   -5.323  -1.210  1.00 41.42 ? 43  ALA A N   1 
ATOM   73  C  CA  . ALA A 1 12 ? 5.922   -5.942  0.100   1.00 41.54 ? 43  ALA A CA  1 
ATOM   74  C  C   . ALA A 1 12 ? 4.586   -6.073  0.816   1.00 42.21 ? 43  ALA A C   1 
ATOM   75  O  O   . ALA A 1 12 ? 4.260   -7.140  1.350   1.00 44.13 ? 43  ALA A O   1 
ATOM   76  C  CB  . ALA A 1 12 ? 6.913   -5.141  0.944   1.00 39.57 ? 43  ALA A CB  1 
ATOM   77  N  N   . VAL A 1 13 ? 3.793   -4.998  0.830   1.00 42.04 ? 44  VAL A N   1 
ATOM   78  C  CA  . VAL A 1 13 ? 2.489   -5.048  1.483   1.00 43.20 ? 44  VAL A CA  1 
ATOM   79  C  C   . VAL A 1 13 ? 1.572   -6.043  0.784   1.00 46.15 ? 44  VAL A C   1 
ATOM   80  O  O   . VAL A 1 13 ? 0.871   -6.824  1.436   1.00 48.76 ? 44  VAL A O   1 
ATOM   81  C  CB  . VAL A 1 13 ? 1.876   -3.637  1.584   1.00 41.38 ? 44  VAL A CB  1 
ATOM   82  C  CG1 . VAL A 1 13 ? 0.471   -3.710  2.151   1.00 42.70 ? 44  VAL A CG1 1 
ATOM   83  C  CG2 . VAL A 1 13 ? 2.770   -2.748  2.445   1.00 39.39 ? 44  VAL A CG2 1 
ATOM   84  N  N   . LYS A 1 14 ? 1.573   -6.044  -0.553  1.00 41.36 ? 45  LYS A N   1 
ATOM   85  C  CA  . LYS A 1 14 ? 0.728   -6.982  -1.285  1.00 44.93 ? 45  LYS A CA  1 
ATOM   86  C  C   . LYS A 1 14 ? 1.112   -8.421  -0.979  1.00 46.96 ? 45  LYS A C   1 
ATOM   87  O  O   . LYS A 1 14 ? 0.240   -9.271  -0.759  1.00 49.85 ? 45  LYS A O   1 
ATOM   88  C  CB  . LYS A 1 14 ? 0.826   -6.719  -2.786  1.00 46.03 ? 45  LYS A CB  1 
ATOM   89  C  CG  . LYS A 1 14 ? 0.055   -5.512  -3.259  1.00 44.88 ? 45  LYS A CG  1 
ATOM   90  C  CD  . LYS A 1 14 ? 0.225   -5.281  -4.752  1.00 46.58 ? 45  LYS A CD  1 
ATOM   91  C  CE  . LYS A 1 14 ? -0.548  -6.299  -5.565  1.00 50.18 ? 45  LYS A CE  1 
ATOM   92  N  NZ  . LYS A 1 14 ? -1.347  -5.642  -6.641  1.00 49.46 ? 45  LYS A NZ  1 
ATOM   93  N  N   . ALA A 1 15 ? 2.415   -8.713  -0.960  1.00 55.70 ? 46  ALA A N   1 
ATOM   94  C  CA  . ALA A 1 15 ? 2.875   -10.064 -0.664  1.00 58.49 ? 46  ALA A CA  1 
ATOM   95  C  C   . ALA A 1 15 ? 2.373   -10.532 0.695   1.00 58.97 ? 46  ALA A C   1 
ATOM   96  O  O   . ALA A 1 15 ? 1.961   -11.688 0.850   1.00 61.88 ? 46  ALA A O   1 
ATOM   97  C  CB  . ALA A 1 15 ? 4.400   -10.113 -0.725  1.00 58.50 ? 46  ALA A CB  1 
ATOM   98  N  N   . ARG A 1 16 ? 2.394   -9.645  1.690   1.00 57.02 ? 47  ARG A N   1 
ATOM   99  C  CA  . ARG A 1 16 ? 1.867   -9.979  3.008   1.00 57.59 ? 47  ARG A CA  1 
ATOM   100 C  C   . ARG A 1 16 ? 0.346   -10.123 2.978   1.00 59.41 ? 47  ARG A C   1 
ATOM   101 O  O   . ARG A 1 16 ? -0.211  -11.045 3.588   1.00 61.36 ? 47  ARG A O   1 
ATOM   102 C  CB  . ARG A 1 16 ? 2.304   -8.902  4.003   1.00 73.27 ? 47  ARG A CB  1 
ATOM   103 C  CG  . ARG A 1 16 ? 1.752   -9.038  5.416   1.00 73.73 ? 47  ARG A CG  1 
ATOM   104 C  CD  . ARG A 1 16 ? 2.749   -9.673  6.391   1.00 74.70 ? 47  ARG A CD  1 
ATOM   105 N  NE  . ARG A 1 16 ? 2.669   -9.051  7.709   1.00 73.55 ? 47  ARG A NE  1 
ATOM   106 C  CZ  . ARG A 1 16 ? 1.688   -9.255  8.581   1.00 74.77 ? 47  ARG A CZ  1 
ATOM   107 N  NH1 . ARG A 1 16 ? 0.698   -10.095 8.325   1.00 77.23 ? 47  ARG A NH1 1 
ATOM   108 N  NH2 . ARG A 1 16 ? 1.694   -8.588  9.732   1.00 73.79 ? 47  ARG A NH2 1 
ATOM   109 N  N   . VAL A 1 17 ? -0.341  -9.222  2.269   1.00 50.76 ? 48  VAL A N   1 
ATOM   110 C  CA  . VAL A 1 17 ? -1.797  -9.301  2.162   1.00 52.33 ? 48  VAL A CA  1 
ATOM   111 C  C   . VAL A 1 17 ? -2.218  -10.568 1.429   1.00 53.86 ? 48  VAL A C   1 
ATOM   112 O  O   . VAL A 1 17 ? -3.167  -11.252 1.832   1.00 54.61 ? 48  VAL A O   1 
ATOM   113 C  CB  . VAL A 1 17 ? -2.364  -8.034  1.493   1.00 51.39 ? 48  VAL A CB  1 
ATOM   114 C  CG1 . VAL A 1 17 ? -3.857  -8.194  1.224   1.00 51.06 ? 48  VAL A CG1 1 
ATOM   115 C  CG2 . VAL A 1 17 ? -2.099  -6.815  2.360   1.00 48.09 ? 48  VAL A CG2 1 
ATOM   116 N  N   . GLU A 1 18 ? -1.514  -10.908 0.347   1.00 63.43 ? 49  GLU A N   1 
ATOM   117 C  CA  . GLU A 1 18 ? -1.848  -12.089 -0.443  1.00 64.73 ? 49  GLU A CA  1 
ATOM   118 C  C   . GLU A 1 18 ? -1.674  -13.397 0.317   1.00 67.31 ? 49  GLU A C   1 
ATOM   119 O  O   . GLU A 1 18 ? -2.043  -14.451 -0.212  1.00 70.69 ? 49  GLU A O   1 
ATOM   120 C  CB  . GLU A 1 18 ? -1.049  -12.103 -1.747  1.00 64.47 ? 49  GLU A CB  1 
ATOM   121 C  CG  . GLU A 1 18 ? -1.477  -11.020 -2.728  1.00 64.39 ? 49  GLU A CG  1 
ATOM   122 C  CD  . GLU A 1 18 ? -0.454  -10.776 -3.826  1.00 64.02 ? 49  GLU A CD  1 
ATOM   123 O  OE1 . GLU A 1 18 ? 0.538   -11.534 -3.894  1.00 63.88 ? 49  GLU A OE1 1 
ATOM   124 O  OE2 . GLU A 1 18 ? -0.637  -9.821  -4.616  1.00 64.11 ? 49  GLU A OE2 1 
ATOM   125 N  N   . LYS A 1 19 ? -1.129  -13.368 1.530   1.00 62.61 ? 50  LYS A N   1 
ATOM   126 C  CA  . LYS A 1 19 ? -1.110  -14.540 2.390   1.00 65.57 ? 50  LYS A CA  1 
ATOM   127 C  C   . LYS A 1 19 ? -2.312  -14.592 3.323   1.00 66.50 ? 50  LYS A C   1 
ATOM   128 O  O   . LYS A 1 19 ? -2.369  -15.458 4.200   1.00 69.06 ? 50  LYS A O   1 
ATOM   129 C  CB  . LYS A 1 19 ? 0.190   -14.595 3.197   1.00 64.69 ? 50  LYS A CB  1 
ATOM   130 C  CG  . LYS A 1 19 ? 1.464   -14.590 2.355   1.00 64.23 ? 50  LYS A CG  1 
ATOM   131 C  CD  . LYS A 1 19 ? 1.394   -15.581 1.195   1.00 67.62 ? 50  LYS A CD  1 
ATOM   132 C  CE  . LYS A 1 19 ? 2.744   -15.711 0.506   1.00 67.91 ? 50  LYS A CE  1 
ATOM   133 N  NZ  . LYS A 1 19 ? 3.706   -14.663 0.961   1.00 64.36 ? 50  LYS A NZ  1 
ATOM   134 N  N   . LEU A 1 20 ? -3.264  -13.684 3.159   1.00 54.71 ? 51  LEU A N   1 
ATOM   135 C  CA  . LEU A 1 20 ? -4.484  -13.674 3.948   1.00 54.05 ? 51  LEU A CA  1 
ATOM   136 C  C   . LEU A 1 20 ? -5.622  -14.298 3.154   1.00 54.29 ? 51  LEU A C   1 
ATOM   137 O  O   . LEU A 1 20 ? -5.605  -14.310 1.920   1.00 53.41 ? 51  LEU A O   1 
ATOM   138 C  CB  . LEU A 1 20 ? -4.861  -12.240 4.309   1.00 49.46 ? 51  LEU A CB  1 
ATOM   139 C  CG  . LEU A 1 20 ? -3.940  -11.562 5.315   1.00 48.86 ? 51  LEU A CG  1 
ATOM   140 C  CD1 . LEU A 1 20 ? -4.403  -10.145 5.588   1.00 44.42 ? 51  LEU A CD1 1 
ATOM   141 C  CD2 . LEU A 1 20 ? -3.934  -12.383 6.585   1.00 53.42 ? 51  LEU A CD2 1 
ATOM   142 N  N   . ALA A 1 21 ? -6.607  -14.828 3.870   1.00 50.28 ? 52  ALA A N   1 
ATOM   143 C  CA  . ALA A 1 21 ? -7.830  -15.243 3.210   1.00 49.83 ? 52  ALA A CA  1 
ATOM   144 C  C   . ALA A 1 21 ? -8.442  -14.012 2.551   1.00 44.10 ? 52  ALA A C   1 
ATOM   145 O  O   . ALA A 1 21 ? -8.604  -12.980 3.215   1.00 41.18 ? 52  ALA A O   1 
ATOM   146 C  CB  . ALA A 1 21 ? -8.810  -15.826 4.225   1.00 52.41 ? 52  ALA A CB  1 
ATOM   147 N  N   . PRO A 1 22 ? -8.757  -14.067 1.251   1.00 48.46 ? 53  PRO A N   1 
ATOM   148 C  CA  . PRO A 1 22 ? -9.273  -12.868 0.569   1.00 43.83 ? 53  PRO A CA  1 
ATOM   149 C  C   . PRO A 1 22 ? -10.548 -12.337 1.182   1.00 41.88 ? 53  PRO A C   1 
ATOM   150 O  O   . PRO A 1 22 ? -10.699 -11.119 1.333   1.00 38.44 ? 53  PRO A O   1 
ATOM   151 C  CB  . PRO A 1 22 ? -9.473  -13.342 -0.880  1.00 43.73 ? 53  PRO A CB  1 
ATOM   152 C  CG  . PRO A 1 22 ? -9.599  -14.813 -0.777  1.00 48.83 ? 53  PRO A CG  1 
ATOM   153 C  CD  . PRO A 1 22 ? -8.727  -15.240 0.365   1.00 51.70 ? 53  PRO A CD  1 
ATOM   154 N  N   . GLU A 1 23 ? -11.462 -13.217 1.581   1.00 49.50 ? 54  GLU A N   1 
ATOM   155 C  CA  . GLU A 1 23 ? -12.670 -12.728 2.225   1.00 48.00 ? 54  GLU A CA  1 
ATOM   156 C  C   . GLU A 1 23 ? -12.387 -12.006 3.536   1.00 47.49 ? 54  GLU A C   1 
ATOM   157 O  O   . GLU A 1 23 ? -13.297 -11.358 4.064   1.00 45.96 ? 54  GLU A O   1 
ATOM   158 C  CB  . GLU A 1 23 ? -13.671 -13.865 2.445   1.00 51.27 ? 54  GLU A CB  1 
ATOM   159 C  CG  . GLU A 1 23 ? -13.234 -14.904 3.465   1.00 56.03 ? 54  GLU A CG  1 
ATOM   160 C  CD  . GLU A 1 23 ? -12.354 -15.979 2.870   1.00 59.47 ? 54  GLU A CD  1 
ATOM   161 O  OE1 . GLU A 1 23 ? -11.643 -15.701 1.881   1.00 57.95 ? 54  GLU A OE1 1 
ATOM   162 O  OE2 . GLU A 1 23 ? -12.381 -17.111 3.388   1.00 64.05 ? 54  GLU A OE2 1 
ATOM   163 N  N   . ALA A 1 24 ? -11.157 -12.076 4.060   1.00 48.10 ? 55  ALA A N   1 
ATOM   164 C  CA  . ALA A 1 24 ? -10.791 -11.439 5.321   1.00 48.13 ? 55  ALA A CA  1 
ATOM   165 C  C   . ALA A 1 24 ? -9.887  -10.220 5.158   1.00 45.09 ? 55  ALA A C   1 
ATOM   166 O  O   . ALA A 1 24 ? -9.362  -9.711  6.153   1.00 45.17 ? 55  ALA A O   1 
ATOM   167 C  CB  . ALA A 1 24 ? -10.111 -12.437 6.249   1.00 52.55 ? 55  ALA A CB  1 
ATOM   168 N  N   . VAL A 1 25 ? -9.685  -9.735  3.944   1.00 38.13 ? 56  VAL A N   1 
ATOM   169 C  CA  . VAL A 1 25 ? -8.835  -8.566  3.770   1.00 35.30 ? 56  VAL A CA  1 
ATOM   170 C  C   . VAL A 1 25 ? -9.658  -7.331  4.128   1.00 32.38 ? 56  VAL A C   1 
ATOM   171 O  O   . VAL A 1 25 ? -10.701 -7.103  3.504   1.00 30.54 ? 56  VAL A O   1 
ATOM   172 C  CB  . VAL A 1 25 ? -8.283  -8.513  2.338   1.00 33.66 ? 56  VAL A CB  1 
ATOM   173 C  CG1 . VAL A 1 25 ? -7.515  -7.246  2.125   1.00 30.72 ? 56  VAL A CG1 1 
ATOM   174 C  CG2 . VAL A 1 25 ? -7.396  -9.720  2.076   1.00 37.46 ? 56  VAL A CG2 1 
ATOM   175 N  N   . PRO A 1 26 ? -9.264  -6.537  5.131   1.00 32.92 ? 57  PRO A N   1 
ATOM   176 C  CA  . PRO A 1 26 ? -10.077 -5.374  5.514   1.00 29.97 ? 57  PRO A CA  1 
ATOM   177 C  C   . PRO A 1 26 ? -10.235 -4.399  4.359   1.00 26.37 ? 57  PRO A C   1 
ATOM   178 O  O   . PRO A 1 26 ? -9.320  -4.194  3.558   1.00 25.33 ? 57  PRO A O   1 
ATOM   179 C  CB  . PRO A 1 26 ? -9.280  -4.744  6.662   1.00 28.41 ? 57  PRO A CB  1 
ATOM   180 C  CG  . PRO A 1 26 ? -8.421  -5.859  7.188   1.00 32.08 ? 57  PRO A CG  1 
ATOM   181 C  CD  . PRO A 1 26 ? -8.085  -6.696  5.999   1.00 34.04 ? 57  PRO A CD  1 
ATOM   182 N  N   . GLN A 1 27 ? -11.413 -3.786  4.282   0.62 23.29 ? 58  GLN A N   1 
ATOM   183 C  CA  . GLN A 1 27 ? -11.634 -2.750  3.280   0.80 22.35 ? 58  GLN A CA  1 
ATOM   184 C  C   . GLN A 1 27 ? -10.646 -1.599  3.428   0.88 21.87 ? 58  GLN A C   1 
ATOM   185 O  O   . GLN A 1 27 ? -10.150 -1.058  2.427   0.65 21.08 ? 58  GLN A O   1 
ATOM   186 C  CB  . GLN A 1 27 ? -13.047 -2.220  3.423   0.65 23.44 ? 58  GLN A CB  1 
ATOM   187 C  CG  . GLN A 1 27 ? -13.397 -1.171  2.406   0.45 22.88 ? 58  GLN A CG  1 
ATOM   188 C  CD  . GLN A 1 27 ? -14.256 -1.714  1.283   0.30 24.47 ? 58  GLN A CD  1 
ATOM   189 O  OE1 . GLN A 1 27 ? -13.856 -2.636  0.572   0.14 25.04 ? 58  GLN A OE1 1 
ATOM   190 N  NE2 . GLN A 1 27 ? -15.443 -1.140  1.116   0.31 25.57 ? 58  GLN A NE2 1 
ATOM   191 N  N   . LYS A 1 28 ? -10.327 -1.219  4.671   0.65 19.97 ? 59  LYS A N   1 
ATOM   192 C  CA  . LYS A 1 28 ? -9.378  -0.129  4.879   0.81 20.52 ? 59  LYS A CA  1 
ATOM   193 C  C   . LYS A 1 28 ? -8.012  -0.454  4.296   0.81 20.07 ? 59  LYS A C   1 
ATOM   194 O  O   . LYS A 1 28 ? -7.312  0.438   3.798   0.73 19.89 ? 59  LYS A O   1 
ATOM   195 C  CB  . LYS A 1 28 ? -9.266  0.203   6.365   0.65 22.12 ? 59  LYS A CB  1 
ATOM   196 C  CG  . LYS A 1 28 ? -8.485  1.486   6.627   0.23 21.98 ? 59  LYS A CG  1 
ATOM   197 C  CD  . LYS A 1 28 ? -8.380  1.825   8.104   0.34 23.33 ? 59  LYS A CD  1 
ATOM   198 C  CE  . LYS A 1 28 ? -7.690  3.167   8.304   0.33 22.86 ? 59  LYS A CE  1 
ATOM   199 N  NZ  . LYS A 1 28 ? -6.425  3.256   7.522   0.23 21.85 ? 59  LYS A NZ  1 
ATOM   200 N  N   . LEU A 1 29 ? -7.620  -1.724  4.347   1.00 24.83 ? 60  LEU A N   1 
ATOM   201 C  CA  . LEU A 1 29 ? -6.351  -2.145  3.777   1.00 25.05 ? 60  LEU A CA  1 
ATOM   202 C  C   . LEU A 1 29 ? -6.379  -2.035  2.259   1.00 23.94 ? 60  LEU A C   1 
ATOM   203 O  O   . LEU A 1 29 ? -5.451  -1.488  1.646   1.00 23.76 ? 60  LEU A O   1 
ATOM   204 C  CB  . LEU A 1 29 ? -6.072  -3.579  4.225   1.00 26.01 ? 60  LEU A CB  1 
ATOM   205 C  CG  . LEU A 1 29 ? -4.849  -4.340  3.740   1.00 27.11 ? 60  LEU A CG  1 
ATOM   206 C  CD1 . LEU A 1 29 ? -3.626  -3.504  3.945   1.00 27.70 ? 60  LEU A CD1 1 
ATOM   207 C  CD2 . LEU A 1 29 ? -4.741  -5.627  4.530   1.00 27.99 ? 60  LEU A CD2 1 
ATOM   208 N  N   . LYS A 1 30 ? -7.456  -2.517  1.638   1.00 23.78 ? 61  LYS A N   1 
ATOM   209 C  CA  . LYS A 1 30 ? -7.595  -2.396  0.191   1.00 23.31 ? 61  LYS A CA  1 
ATOM   210 C  C   . LYS A 1 30 ? -7.570  -0.947  -0.230  1.00 22.02 ? 61  LYS A C   1 
ATOM   211 O  O   . LYS A 1 30 ? -6.907  -0.593  -1.206  1.00 21.92 ? 61  LYS A O   1 
ATOM   212 C  CB  . LYS A 1 30 ? -8.906  -3.002  -0.264  1.00 23.70 ? 61  LYS A CB  1 
ATOM   213 C  CG  . LYS A 1 30 ? -9.067  -4.367  0.237   0.66 25.23 ? 61  LYS A CG  1 
ATOM   214 C  CD  . LYS A 1 30 ? -10.275 -5.025  -0.284  0.54 26.78 ? 61  LYS A CD  1 
ATOM   215 C  CE  . LYS A 1 30 ? -10.076 -6.424  0.045   0.35 28.42 ? 61  LYS A CE  1 
ATOM   216 N  NZ  . LYS A 1 30 ? -9.204  -7.095  -0.948  0.47 29.79 ? 61  LYS A NZ  1 
ATOM   217 N  N   . ARG A 1 31 ? -8.296  -0.098  0.493   1.00 22.47 ? 62  ARG A N   1 
ATOM   218 C  CA  . ARG A 1 31 ? -8.349  1.314   0.138   1.00 22.26 ? 62  ARG A CA  1 
ATOM   219 C  C   . ARG A 1 31 ? -6.978  1.960   0.249   1.00 22.33 ? 62  ARG A C   1 
ATOM   220 O  O   . ARG A 1 31 ? -6.576  2.736   -0.627  1.00 22.16 ? 62  ARG A O   1 
ATOM   221 C  CB  . ARG A 1 31 ? -9.345  2.021   1.043   1.00 23.39 ? 62  ARG A CB  1 
ATOM   222 C  CG  . ARG A 1 31 ? -10.779 1.704   0.709   1.00 23.66 ? 62  ARG A CG  1 
ATOM   223 C  CD  . ARG A 1 31 ? -11.746 2.123   1.815   1.00 24.82 ? 62  ARG A CD  1 
ATOM   224 N  NE  . ARG A 1 31 ? -13.129 1.949   1.393   1.00 24.96 ? 62  ARG A NE  1 
ATOM   225 C  CZ  . ARG A 1 31 ? -14.183 2.310   2.101   1.00 25.70 ? 62  ARG A CZ  1 
ATOM   226 N  NH1 . ARG A 1 31 ? -14.057 2.813   3.322   1.00 26.34 ? 62  ARG A NH1 1 
ATOM   227 N  NH2 . ARG A 1 31 ? -15.390 2.170   1.574   1.00 26.82 ? 62  ARG A NH2 1 
ATOM   228 N  N   . ALA A 1 32 ? -6.234  1.657   1.315   1.00 21.00 ? 63  ALA A N   1 
ATOM   229 C  CA  . ALA A 1 32 ? -4.910  2.252   1.479   1.00 21.62 ? 63  ALA A CA  1 
ATOM   230 C  C   . ALA A 1 32 ? -3.979  1.837   0.348   1.00 20.46 ? 63  ALA A C   1 
ATOM   231 O  O   . ALA A 1 32 ? -3.221  2.657   -0.182  1.00 20.51 ? 63  ALA A O   1 
ATOM   232 C  CB  . ALA A 1 32 ? -4.319  1.856   2.830   1.00 23.43 ? 63  ALA A CB  1 
ATOM   233 N  N   . LEU A 1 33 ? -4.029  0.563   -0.039  1.00 21.71 ? 64  LEU A N   1 
ATOM   234 C  CA  . LEU A 1 33 ? -3.211  0.099   -1.153  1.00 22.23 ? 64  LEU A CA  1 
ATOM   235 C  C   . LEU A 1 33 ? -3.594  0.816   -2.437  1.00 21.43 ? 64  LEU A C   1 
ATOM   236 O  O   . LEU A 1 33 ? -2.722  1.218   -3.211  1.00 21.83 ? 64  LEU A O   1 
ATOM   237 C  CB  . LEU A 1 33 ? -3.374  -1.412  -1.329  1.00 24.36 ? 64  LEU A CB  1 
ATOM   238 C  CG  . LEU A 1 33 ? -2.266  -2.299  -0.774  0.46 27.01 ? 64  LEU A CG  1 
ATOM   239 C  CD1 . LEU A 1 33 ? -2.566  -3.757  -1.097  0.55 29.18 ? 64  LEU A CD1 1 
ATOM   240 C  CD2 . LEU A 1 33 ? -0.907  -1.884  -1.334  1.00 27.18 ? 64  LEU A CD2 1 
ATOM   241 N  N   . LYS A 1 34 ? -4.900  0.990   -2.678  1.00 25.43 ? 65  LYS A N   1 
ATOM   242 C  CA  . LYS A 1 34 ? -5.340  1.673   -3.890  1.00 25.37 ? 65  LYS A CA  1 
ATOM   243 C  C   . LYS A 1 34 ? -4.897  3.129   -3.896  1.00 25.01 ? 65  LYS A C   1 
ATOM   244 O  O   . LYS A 1 34 ? -4.533  3.662   -4.952  1.00 25.59 ? 65  LYS A O   1 
ATOM   245 C  CB  . LYS A 1 34 ? -6.858  1.629   -4.018  1.00 25.27 ? 65  LYS A CB  1 
ATOM   246 C  CG  . LYS A 1 34 ? -7.491  0.337   -4.497  1.00 26.51 ? 65  LYS A CG  1 
ATOM   247 C  CD  . LYS A 1 34 ? -9.029  0.557   -4.465  1.00 26.59 ? 65  LYS A CD  1 
ATOM   248 C  CE  . LYS A 1 34 ? -9.856  -0.448  -5.177  1.00 28.39 ? 65  LYS A CE  1 
ATOM   249 N  NZ  . LYS A 1 34 ? -11.288 -0.158  -5.008  1.00 28.77 ? 65  LYS A NZ  1 
ATOM   250 N  N   A ILE A 1 35 ? -4.969  3.798   -2.740  0.51 18.80 ? 66  ILE A N   1 
ATOM   251 N  N   B ILE A 1 35 ? -4.901  3.788   -2.731  0.49 18.80 ? 66  ILE A N   1 
ATOM   252 C  CA  A ILE A 1 35 ? -4.470  5.170   -2.655  0.51 19.89 ? 66  ILE A CA  1 
ATOM   253 C  CA  B ILE A 1 35 ? -4.445  5.180   -2.665  0.49 19.89 ? 66  ILE A CA  1 
ATOM   254 C  C   A ILE A 1 35 ? -2.984  5.204   -2.979  0.51 19.71 ? 66  ILE A C   1 
ATOM   255 C  C   B ILE A 1 35 ? -2.948  5.258   -2.906  0.49 19.69 ? 66  ILE A C   1 
ATOM   256 O  O   A ILE A 1 35 ? -2.530  6.018   -3.792  0.51 20.34 ? 66  ILE A O   1 
ATOM   257 O  O   B ILE A 1 35 ? -2.445  6.185   -3.555  0.49 20.26 ? 66  ILE A O   1 
ATOM   258 C  CB  A ILE A 1 35 ? -4.783  5.802   -1.283  0.51 21.70 ? 66  ILE A CB  1 
ATOM   259 C  CB  B ILE A 1 35 ? -4.834  5.829   -1.322  0.49 21.71 ? 66  ILE A CB  1 
ATOM   260 C  CG1 A ILE A 1 35 ? -6.297  5.999   -1.100  0.51 22.93 ? 66  ILE A CG1 1 
ATOM   261 C  CG1 B ILE A 1 35 ? -6.352  5.985   -1.221  0.49 22.96 ? 66  ILE A CG1 1 
ATOM   262 C  CG2 A ILE A 1 35 ? -4.027  7.126   -1.106  0.51 23.10 ? 66  ILE A CG2 1 
ATOM   263 C  CG2 B ILE A 1 35 ? -4.132  7.184   -1.149  0.49 23.11 ? 66  ILE A CG2 1 
ATOM   264 C  CD1 A ILE A 1 35 ? -6.929  7.044   -2.010  0.51 25.93 ? 66  ILE A CD1 1 
ATOM   265 C  CD1 B ILE A 1 35 ? -6.832  6.368   0.160   0.49 25.53 ? 66  ILE A CD1 1 
ATOM   266 N  N   . ALA A 1 36 ? -2.204  4.299   -2.368  1.00 19.17 ? 67  ALA A N   1 
ATOM   267 C  CA  . ALA A 1 36 ? -0.777  4.251   -2.653  1.00 19.72 ? 67  ALA A CA  1 
ATOM   268 C  C   . ALA A 1 36 ? -0.538  4.104   -4.149  1.00 19.99 ? 67  ALA A C   1 
ATOM   269 O  O   . ALA A 1 36 ? 0.283   4.823   -4.726  1.00 20.81 ? 67  ALA A O   1 
ATOM   270 C  CB  . ALA A 1 36 ? -0.109  3.110   -1.886  1.00 20.26 ? 67  ALA A CB  1 
ATOM   271 N  N   . GLU A 1 37 ? -1.301  3.223   -4.797  1.00 22.18 ? 68  GLU A N   1 
ATOM   272 C  CA  . GLU A 1 37 ? -1.105  2.995   -6.225  1.00 23.62 ? 68  GLU A CA  1 
ATOM   273 C  C   . GLU A 1 37 ? -1.517  4.210   -7.045  1.00 23.73 ? 68  GLU A C   1 
ATOM   274 O  O   . GLU A 1 37 ? -0.848  4.542   -8.039  1.00 25.26 ? 68  GLU A O   1 
ATOM   275 C  CB  . GLU A 1 37 ? -1.843  1.730   -6.659  1.00 24.92 ? 68  GLU A CB  1 
ATOM   276 C  CG  . GLU A 1 37 ? -1.188  0.480   -6.112  1.00 26.10 ? 68  GLU A CG  1 
ATOM   277 C  CD  . GLU A 1 37 ? -2.129  -0.716  -6.086  1.00 28.17 ? 68  GLU A CD  1 
ATOM   278 O  OE1 . GLU A 1 37 ? -3.275  -0.576  -6.542  1.00 28.39 ? 68  GLU A OE1 1 
ATOM   279 O  OE2 . GLU A 1 37 ? -1.706  -1.796  -5.614  1.00 29.55 ? 68  GLU A OE2 1 
ATOM   280 N  N   . ARG A 1 38 ? -2.589  4.902   -6.635  1.00 20.49 ? 69  ARG A N   1 
ATOM   281 C  CA  . ARG A 1 38 ? -2.989  6.123   -7.330  1.00 21.42 ? 69  ARG A CA  1 
ATOM   282 C  C   . ARG A 1 38 ? -1.887  7.158   -7.250  1.00 22.26 ? 69  ARG A C   1 
ATOM   283 O  O   . ARG A 1 38 ? -1.519  7.776   -8.256  1.00 23.90 ? 69  ARG A O   1 
ATOM   284 C  CB  . ARG A 1 38 ? -4.238  6.717   -6.700  1.00 21.04 ? 69  ARG A CB  1 
ATOM   285 C  CG  . ARG A 1 38 ? -4.688  8.012   -7.373  1.00 22.44 ? 69  ARG A CG  1 
ATOM   286 C  CD  . ARG A 1 38 ? -5.802  8.676   -6.586  1.00 23.03 ? 69  ARG A CD  1 
ATOM   287 N  NE  . ARG A 1 38 ? -5.277  9.243   -5.355  1.00 23.34 ? 69  ARG A NE  1 
ATOM   288 C  CZ  . ARG A 1 38 ? -6.031  9.585   -4.320  1.00 24.59 ? 69  ARG A CZ  1 
ATOM   289 N  NH1 . ARG A 1 38 ? -7.346  9.429   -4.348  1.00 25.56 ? 69  ARG A NH1 1 
ATOM   290 N  NH2 . ARG A 1 38 ? -5.450  10.103  -3.240  1.00 24.71 ? 69  ARG A NH2 1 
ATOM   291 N  N   . GLU A 1 39 ? -1.351  7.371   -6.050  1.00 19.36 ? 70  GLU A N   1 
ATOM   292 C  CA  . GLU A 1 39 ? -0.318  8.373   -5.868  1.00 19.90 ? 70  GLU A CA  1 
ATOM   293 C  C   . GLU A 1 39 ? 0.975   7.976   -6.574  1.00 20.52 ? 70  GLU A C   1 
ATOM   294 O  O   . GLU A 1 39 ? 1.671   8.835   -7.123  1.00 21.72 ? 70  GLU A O   1 
ATOM   295 C  CB  . GLU A 1 39 ? -0.122  8.625   -4.372  1.00 19.13 ? 70  GLU A CB  1 
ATOM   296 C  CG  . GLU A 1 39 ? -1.350  9.284   -3.741  1.00 19.51 ? 70  GLU A CG  1 
ATOM   297 C  CD  . GLU A 1 39 ? -1.721  10.617  -4.393  1.00 21.00 ? 70  GLU A CD  1 
ATOM   298 O  OE1 . GLU A 1 39 ? -0.810  11.440  -4.618  1.00 21.47 ? 70  GLU A OE1 1 
ATOM   299 O  OE2 . GLU A 1 39 ? -2.920  10.852  -4.688  1.00 21.41 ? 70  GLU A OE2 1 
ATOM   300 N  N   . GLN A 1 40 ? 1.307   6.679   -6.573  1.00 23.85 ? 71  GLN A N   1 
ATOM   301 C  CA  . GLN A 1 40 ? 2.436   6.203   -7.369  1.00 25.09 ? 71  GLN A CA  1 
ATOM   302 C  C   . GLN A 1 40 ? 2.261   6.592   -8.830  1.00 26.86 ? 71  GLN A C   1 
ATOM   303 O  O   . GLN A 1 40 ? 3.187   7.118   -9.455  1.00 27.73 ? 71  GLN A O   1 
ATOM   304 C  CB  . GLN A 1 40 ? 2.575   4.686   -7.227  1.00 25.35 ? 71  GLN A CB  1 
ATOM   305 C  CG  . GLN A 1 40 ? 3.638   4.091   -8.118  1.00 27.56 ? 71  GLN A CG  1 
ATOM   306 C  CD  . GLN A 1 40 ? 3.679   2.566   -8.074  1.00 28.62 ? 71  GLN A CD  1 
ATOM   307 O  OE1 . GLN A 1 40 ? 4.746   1.969   -7.895  1.00 30.31 ? 71  GLN A OE1 1 
ATOM   308 N  NE2 . GLN A 1 40 ? 2.523   1.938   -8.258  1.00 28.14 ? 71  GLN A NE2 1 
ATOM   309 N  N   . GLY A 1 41 ? 1.058   6.381   -9.374  1.00 24.22 ? 72  GLY A N   1 
ATOM   310 C  CA  . GLY A 1 41 ? 0.812   6.688   -10.772 1.00 26.42 ? 72  GLY A CA  1 
ATOM   311 C  C   . GLY A 1 41 ? 0.880   8.166   -11.076 1.00 27.49 ? 72  GLY A C   1 
ATOM   312 O  O   . GLY A 1 41 ? 1.176   8.556   -12.206 1.00 29.24 ? 72  GLY A O   1 
ATOM   313 N  N   . GLU A 1 42 ? 0.625   9.004   -10.077 1.00 25.22 ? 73  GLU A N   1 
ATOM   314 C  CA  . GLU A 1 42 ? 0.729   10.447  -10.224 1.00 26.62 ? 73  GLU A CA  1 
ATOM   315 C  C   . GLU A 1 42 ? 2.149   10.937  -10.047 1.00 26.56 ? 73  GLU A C   1 
ATOM   316 O  O   . GLU A 1 42 ? 2.399   12.140  -10.197 1.00 27.62 ? 73  GLU A O   1 
ATOM   317 C  CB  . GLU A 1 42 ? -0.167  11.128  -9.184  1.00 25.78 ? 73  GLU A CB  1 
ATOM   318 C  CG  . GLU A 1 42 ? -1.626  10.809  -9.397  1.00 24.84 ? 73  GLU A CG  1 
ATOM   319 C  CD  . GLU A 1 42 ? -2.537  11.378  -8.333  1.00 23.49 ? 73  GLU A CD  1 
ATOM   320 O  OE1 . GLU A 1 42 ? -2.061  11.939  -7.324  1.00 23.23 ? 73  GLU A OE1 1 
ATOM   321 O  OE2 . GLU A 1 42 ? -3.752  11.233  -8.533  1.00 23.00 ? 73  GLU A OE2 1 
ATOM   322 N  N   . GLY A 1 43 ? 3.077   10.039  -9.718  1.00 29.27 ? 74  GLY A N   1 
ATOM   323 C  CA  . GLY A 1 43 ? 4.442   10.418  -9.434  1.00 29.71 ? 74  GLY A CA  1 
ATOM   324 C  C   . GLY A 1 43 ? 4.638   11.001  -8.063  1.00 28.69 ? 74  GLY A C   1 
ATOM   325 O  O   . GLY A 1 43 ? 5.701   11.558  -7.789  1.00 29.64 ? 74  GLY A O   1 
ATOM   326 N  N   . GLU A 1 44 ? 3.639   10.883  -7.185  1.00 29.12 ? 75  GLU A N   1 
ATOM   327 C  CA  . GLU A 1 44 ? 3.780   11.337  -5.806  1.00 28.27 ? 75  GLU A CA  1 
ATOM   328 C  C   . GLU A 1 44 ? 4.247   10.159  -4.956  1.00 27.38 ? 75  GLU A C   1 
ATOM   329 O  O   . GLU A 1 44 ? 3.494   9.572   -4.176  1.00 26.01 ? 75  GLU A O   1 
ATOM   330 C  CB  . GLU A 1 44 ? 2.463   11.901  -5.304  1.00 27.83 ? 75  GLU A CB  1 
ATOM   331 C  CG  . GLU A 1 44 ? 1.802   12.885  -6.251  1.00 29.98 ? 75  GLU A CG  1 
ATOM   332 C  CD  . GLU A 1 44 ? 0.859   13.804  -5.504  1.00 30.49 ? 75  GLU A CD  1 
ATOM   333 O  OE1 . GLU A 1 44 ? 1.353   14.426  -4.557  1.00 29.90 ? 75  GLU A OE1 1 
ATOM   334 O  OE2 . GLU A 1 44 ? -0.361  13.868  -5.821  1.00 30.62 ? 75  GLU A OE2 1 
ATOM   335 N  N   . PHE A 1 45 ? 5.517   9.792   -5.164  1.00 29.76 ? 76  PHE A N   1 
ATOM   336 C  CA  . PHE A 1 45 ? 6.036   8.588   -4.535  1.00 27.71 ? 76  PHE A CA  1 
ATOM   337 C  C   . PHE A 1 45 ? 6.141   8.762   -3.032  1.00 27.24 ? 76  PHE A C   1 
ATOM   338 O  O   . PHE A 1 45 ? 6.006   7.787   -2.281  1.00 25.26 ? 76  PHE A O   1 
ATOM   339 C  CB  . PHE A 1 45 ? 7.375   8.220   -5.165  1.00 27.62 ? 76  PHE A CB  1 
ATOM   340 C  CG  . PHE A 1 45 ? 7.293   8.046   -6.647  1.00 29.14 ? 76  PHE A CG  1 
ATOM   341 C  CD1 . PHE A 1 45 ? 6.577   6.991   -7.185  1.00 28.66 ? 76  PHE A CD1 1 
ATOM   342 C  CD2 . PHE A 1 45 ? 7.904   8.946   -7.498  1.00 31.25 ? 76  PHE A CD2 1 
ATOM   343 C  CE1 . PHE A 1 45 ? 6.484   6.830   -8.548  1.00 30.74 ? 76  PHE A CE1 1 
ATOM   344 C  CE2 . PHE A 1 45 ? 7.821   8.794   -8.870  1.00 33.23 ? 76  PHE A CE2 1 
ATOM   345 C  CZ  . PHE A 1 45 ? 7.112   7.726   -9.394  1.00 32.83 ? 76  PHE A CZ  1 
ATOM   346 N  N   . ASP A 1 46 ? 6.335   9.998   -2.579  1.00 27.27 ? 77  ASP A N   1 
ATOM   347 C  CA  . ASP A 1 46 ? 6.316   10.264  -1.148  1.00 28.02 ? 77  ASP A CA  1 
ATOM   348 C  C   . ASP A 1 46 ? 4.929   10.008  -0.563  1.00 29.09 ? 77  ASP A C   1 
ATOM   349 O  O   . ASP A 1 46 ? 4.807   9.395   0.508   1.00 28.67 ? 77  ASP A O   1 
ATOM   350 C  CB  . ASP A 1 46 ? 6.822   11.683  -0.869  1.00 30.17 ? 77  ASP A CB  1 
ATOM   351 C  CG  . ASP A 1 46 ? 6.293   12.712  -1.861  1.00 31.44 ? 77  ASP A CG  1 
ATOM   352 O  OD1 . ASP A 1 46 ? 5.298   12.407  -2.572  1.00 31.03 ? 77  ASP A OD1 1 
ATOM   353 O  OD2 . ASP A 1 46 ? 6.876   13.826  -1.917  1.00 32.57 ? 77  ASP A OD2 1 
ATOM   354 N  N   A GLU A 1 47 ? 3.878   10.456  -1.257  0.49 27.20 ? 78  GLU A N   1 
ATOM   355 N  N   B GLU A 1 47 ? 3.874   10.449  -1.249  0.51 27.19 ? 78  GLU A N   1 
ATOM   356 C  CA  A GLU A 1 47 ? 2.514   10.239  -0.783  0.49 27.53 ? 78  GLU A CA  1 
ATOM   357 C  CA  B GLU A 1 47 ? 2.524   10.226  -0.738  0.51 27.51 ? 78  GLU A CA  1 
ATOM   358 C  C   A GLU A 1 47 ? 2.164   8.758   -0.787  0.49 24.83 ? 78  GLU A C   1 
ATOM   359 C  C   B GLU A 1 47 ? 2.153   8.753   -0.785  0.51 24.82 ? 78  GLU A C   1 
ATOM   360 O  O   A GLU A 1 47 ? 1.406   8.287   0.072   0.49 23.36 ? 78  GLU A O   1 
ATOM   361 O  O   B GLU A 1 47 ? 1.372   8.279   0.050   0.51 23.35 ? 78  GLU A O   1 
ATOM   362 C  CB  A GLU A 1 47 ? 1.537   10.984  -1.693  0.49 45.31 ? 78  GLU A CB  1 
ATOM   363 C  CB  B GLU A 1 47 ? 1.520   11.023  -1.559  0.51 45.35 ? 78  GLU A CB  1 
ATOM   364 C  CG  A GLU A 1 47 ? 1.705   12.485  -1.681  0.49 47.64 ? 78  GLU A CG  1 
ATOM   365 C  CG  B GLU A 1 47 ? 1.901   12.471  -1.708  0.51 47.61 ? 78  GLU A CG  1 
ATOM   366 C  CD  A GLU A 1 47 ? 1.271   13.080  -0.371  0.49 48.91 ? 78  GLU A CD  1 
ATOM   367 C  CD  B GLU A 1 47 ? 0.822   13.386  -1.224  0.51 49.44 ? 78  GLU A CD  1 
ATOM   368 O  OE1 A GLU A 1 47 ? 0.054   13.090  -0.100  0.49 49.50 ? 78  GLU A OE1 1 
ATOM   369 O  OE1 B GLU A 1 47 ? -0.024  12.924  -0.430  0.51 49.10 ? 78  GLU A OE1 1 
ATOM   370 O  OE2 A GLU A 1 47 ? 2.146   13.511  0.403   0.49 49.92 ? 78  GLU A OE2 1 
ATOM   371 O  OE2 B GLU A 1 47 ? 0.815   14.562  -1.645  0.51 51.75 ? 78  GLU A OE2 1 
ATOM   372 N  N   . CYS A 1 48 ? 2.689   8.025   -1.764  1.00 30.70 ? 79  CYS A N   1 
ATOM   373 C  CA  . CYS A 1 48 ? 2.513   6.586   -1.791  1.00 26.68 ? 79  CYS A CA  1 
ATOM   374 C  C   . CYS A 1 48 ? 3.068   5.959   -0.521  1.00 25.01 ? 79  CYS A C   1 
ATOM   375 O  O   . CYS A 1 48 ? 2.426   5.099   0.091   1.00 22.86 ? 79  CYS A O   1 
ATOM   376 C  CB  . CYS A 1 48 ? 3.232   6.036   -3.025  1.00 26.13 ? 79  CYS A CB  1 
ATOM   377 S  SG  . CYS A 1 48 ? 3.583   4.291   -2.998  1.00 22.59 ? 79  CYS A SG  1 
ATOM   378 N  N   . LEU A 1 49 ? 4.241   6.423   -0.075  1.00 26.33 ? 80  LEU A N   1 
ATOM   379 C  CA  . LEU A 1 49 ? 4.853   5.836   1.111   1.00 25.42 ? 80  LEU A CA  1 
ATOM   380 C  C   . LEU A 1 49 ? 4.009   6.093   2.353   1.00 27.48 ? 80  LEU A C   1 
ATOM   381 O  O   . LEU A 1 49 ? 3.899   5.225   3.227   1.00 26.43 ? 80  LEU A O   1 
ATOM   382 C  CB  . LEU A 1 49 ? 6.273   6.365   1.278   1.00 26.51 ? 80  LEU A CB  1 
ATOM   383 C  CG  . LEU A 1 49 ? 7.227   5.845   0.198   1.00 24.81 ? 80  LEU A CG  1 
ATOM   384 C  CD1 . LEU A 1 49 ? 8.459   6.696   0.136   1.00 26.37 ? 80  LEU A CD1 1 
ATOM   385 C  CD2 . LEU A 1 49 ? 7.615   4.393   0.434   1.00 22.20 ? 80  LEU A CD2 1 
ATOM   386 N  N   . GLU A 1 50 ? 3.389   7.267   2.441   1.00 23.94 ? 81  GLU A N   1 
ATOM   387 C  CA  . GLU A 1 50 ? 2.544   7.547   3.599   1.00 26.89 ? 81  GLU A CA  1 
ATOM   388 C  C   . GLU A 1 50 ? 1.268   6.713   3.578   1.00 24.68 ? 81  GLU A C   1 
ATOM   389 O  O   . GLU A 1 50 ? 0.794   6.273   4.632   1.00 25.75 ? 81  GLU A O   1 
ATOM   390 C  CB  . GLU A 1 50 ? 2.264   9.047   3.700   1.00 31.82 ? 81  GLU A CB  1 
ATOM   391 C  CG  . GLU A 1 50 ? 3.561   9.856   3.713   1.00 32.57 ? 81  GLU A CG  1 
ATOM   392 C  CD  . GLU A 1 50 ? 3.416   11.274  4.247   1.00 35.02 ? 81  GLU A CD  1 
ATOM   393 O  OE1 . GLU A 1 50 ? 2.366   11.608  4.847   1.00 35.90 ? 81  GLU A OE1 1 
ATOM   394 O  OE2 . GLU A 1 50 ? 4.380   12.057  4.067   1.00 34.88 ? 81  GLU A OE2 1 
ATOM   395 N  N   . ALA A 1 51 ? 0.713   6.459   2.385   1.00 28.53 ? 82  ALA A N   1 
ATOM   396 C  CA  . ALA A 1 51 ? -0.430  5.557   2.279   1.00 25.62 ? 82  ALA A CA  1 
ATOM   397 C  C   . ALA A 1 51 ? -0.034  4.121   2.599   1.00 23.30 ? 82  ALA A C   1 
ATOM   398 O  O   . ALA A 1 51 ? -0.828  3.369   3.174   1.00 23.19 ? 82  ALA A O   1 
ATOM   399 C  CB  . ALA A 1 51 ? -1.045  5.639   0.885   1.00 23.38 ? 82  ALA A CB  1 
ATOM   400 N  N   . LEU A 1 52 ? 1.189   3.724   2.245   1.00 28.57 ? 83  LEU A N   1 
ATOM   401 C  CA  . LEU A 1 52 ? 1.662   2.399   2.626   1.00 26.82 ? 83  LEU A CA  1 
ATOM   402 C  C   . LEU A 1 52 ? 1.787   2.266   4.139   1.00 29.44 ? 83  LEU A C   1 
ATOM   403 O  O   . LEU A 1 52 ? 1.557   1.182   4.691   1.00 29.06 ? 83  LEU A O   1 
ATOM   404 C  CB  . LEU A 1 52 ? 2.986   2.084   1.939   1.00 25.42 ? 83  LEU A CB  1 
ATOM   405 C  CG  . LEU A 1 52 ? 2.845   1.805   0.442   1.00 24.21 ? 83  LEU A CG  1 
ATOM   406 C  CD1 . LEU A 1 52 ? 4.216   1.733   -0.201  1.00 24.49 ? 83  LEU A CD1 1 
ATOM   407 C  CD2 . LEU A 1 52 ? 2.048   0.528   0.173   1.00 23.10 ? 83  LEU A CD2 1 
ATOM   408 N  N   . ASP A 1 53 ? 2.189   3.340   4.829   1.00 27.11 ? 84  ASP A N   1 
ATOM   409 C  CA  A ASP A 1 53 ? 2.202   3.304   6.288   0.46 30.33 ? 84  ASP A CA  1 
ATOM   410 C  CA  B ASP A 1 53 ? 2.199   3.329   6.290   0.54 30.35 ? 84  ASP A CA  1 
ATOM   411 C  C   . ASP A 1 53 ? 0.808   3.013   6.840   1.00 32.47 ? 84  ASP A C   1 
ATOM   412 O  O   . ASP A 1 53 ? 0.660   2.223   7.779   1.00 33.39 ? 84  ASP A O   1 
ATOM   413 C  CB  A ASP A 1 53 ? 2.755   4.615   6.853   0.46 33.77 ? 84  ASP A CB  1 
ATOM   414 C  CB  B ASP A 1 53 ? 2.675   4.695   6.790   0.54 33.71 ? 84  ASP A CB  1 
ATOM   415 C  CG  A ASP A 1 53 ? 4.270   4.724   6.719   0.46 33.16 ? 84  ASP A CG  1 
ATOM   416 C  CG  B ASP A 1 53 ? 3.126   4.678   8.235   0.54 36.16 ? 84  ASP A CG  1 
ATOM   417 O  OD1 A ASP A 1 53 ? 4.933   3.690   6.487   0.46 31.45 ? 84  ASP A OD1 1 
ATOM   418 O  OD1 B ASP A 1 53 ? 2.476   4.017   9.064   0.54 38.00 ? 84  ASP A OD1 1 
ATOM   419 O  OD2 A ASP A 1 53 ? 4.805   5.844   6.863   0.46 34.58 ? 84  ASP A OD2 1 
ATOM   420 O  OD2 B ASP A 1 53 ? 4.136   5.342   8.545   0.54 36.33 ? 84  ASP A OD2 1 
ATOM   421 N  N   . ASP A 1 54 ? -0.224  3.628   6.254   1.00 34.34 ? 85  ASP A N   1 
ATOM   422 C  CA  . ASP A 1 54 ? -1.593  3.336   6.669   1.00 36.04 ? 85  ASP A CA  1 
ATOM   423 C  C   . ASP A 1 54 ? -1.970  1.892   6.365   1.00 33.70 ? 85  ASP A C   1 
ATOM   424 O  O   . ASP A 1 54 ? -2.631  1.236   7.175   1.00 35.60 ? 85  ASP A O   1 
ATOM   425 C  CB  . ASP A 1 54 ? -2.576  4.293   5.994   1.00 35.59 ? 85  ASP A CB  1 
ATOM   426 C  CG  . ASP A 1 54 ? -2.421  5.734   6.462   1.00 38.42 ? 85  ASP A CG  1 
ATOM   427 O  OD1 . ASP A 1 54 ? -1.857  5.966   7.553   1.00 40.97 ? 85  ASP A OD1 1 
ATOM   428 O  OD2 . ASP A 1 54 ? -2.877  6.644   5.737   1.00 38.13 ? 85  ASP A OD2 1 
ATOM   429 N  N   . ALA A 1 55 ? -1.567  1.379   5.202   1.00 33.21 ? 86  ALA A N   1 
ATOM   430 C  CA  . ALA A 1 55 ? -1.878  -0.006  4.864   1.00 31.20 ? 86  ALA A CA  1 
ATOM   431 C  C   . ALA A 1 55 ? -1.266  -0.976  5.864   1.00 33.05 ? 86  ALA A C   1 
ATOM   432 O  O   . ALA A 1 55 ? -1.909  -1.951  6.264   1.00 34.75 ? 86  ALA A O   1 
ATOM   433 C  CB  . ALA A 1 55 ? -1.389  -0.326  3.454   1.00 26.91 ? 86  ALA A CB  1 
ATOM   434 N  N   . LYS A 1 56 ? -0.014  -0.738  6.262   1.00 39.34 ? 87  LYS A N   1 
ATOM   435 C  CA  . LYS A 1 56 ? 0.633   -1.624  7.224   1.00 40.25 ? 87  LYS A CA  1 
ATOM   436 C  C   . LYS A 1 56 ? -0.096  -1.612  8.558   1.00 44.20 ? 87  LYS A C   1 
ATOM   437 O  O   . LYS A 1 56 ? -0.275  -2.659  9.189   1.00 45.14 ? 87  LYS A O   1 
ATOM   438 C  CB  . LYS A 1 56 ? 2.096   -1.222  7.398   1.00 38.89 ? 87  LYS A CB  1 
ATOM   439 C  CG  . LYS A 1 56 ? 2.906   -1.361  6.134   1.00 35.78 ? 87  LYS A CG  1 
ATOM   440 C  CD  . LYS A 1 56 ? 4.079   -0.410  6.195   1.00 35.66 ? 87  LYS A CD  1 
ATOM   441 C  CE  . LYS A 1 56 ? 5.373   -1.063  5.867   1.00 36.56 ? 87  LYS A CE  1 
ATOM   442 N  NZ  . LYS A 1 56 ? 6.373   -0.435  6.736   1.00 37.97 ? 87  LYS A NZ  1 
ATOM   443 N  N   . ARG A 1 57 ? -0.540  -0.440  8.998   1.00 45.10 ? 88  ARG A N   1 
ATOM   444 C  CA  . ARG A 1 57 ? -1.284  -0.359  10.245  1.00 48.03 ? 88  ARG A CA  1 
ATOM   445 C  C   . ARG A 1 57 ? -2.687  -0.941  10.133  1.00 48.70 ? 88  ARG A C   1 
ATOM   446 O  O   . ARG A 1 57 ? -3.326  -1.174  11.165  1.00 51.05 ? 88  ARG A O   1 
ATOM   447 C  CB  . ARG A 1 57 ? -1.296  1.088   10.731  1.00 50.28 ? 88  ARG A CB  1 
ATOM   448 C  CG  . ARG A 1 57 ? 0.119   1.635   10.915  1.00 49.83 ? 88  ARG A CG  1 
ATOM   449 C  CD  . ARG A 1 57 ? 0.155   3.113   11.257  1.00 52.94 ? 88  ARG A CD  1 
ATOM   450 N  NE  . ARG A 1 57 ? -1.184  3.666   11.413  1.00 54.80 ? 88  ARG A NE  1 
ATOM   451 C  CZ  . ARG A 1 57 ? -1.742  4.519   10.565  1.00 51.26 ? 88  ARG A CZ  1 
ATOM   452 N  NH1 . ARG A 1 57 ? -1.080  4.981   9.516   1.00 46.26 ? 88  ARG A NH1 1 
ATOM   453 N  NH2 . ARG A 1 57 ? -2.996  4.919   10.776  1.00 53.11 ? 88  ARG A NH2 1 
ATOM   454 N  N   . ALA A 1 58 ? -3.167  -1.199  8.920   1.00 43.00 ? 89  ALA A N   1 
ATOM   455 C  CA  . ALA A 1 58 ? -4.451  -1.852  8.710   1.00 43.06 ? 89  ALA A CA  1 
ATOM   456 C  C   . ALA A 1 58 ? -4.331  -3.361  8.562   1.00 42.47 ? 89  ALA A C   1 
ATOM   457 O  O   . ALA A 1 58 ? -5.358  -4.038  8.439   1.00 42.54 ? 89  ALA A O   1 
ATOM   458 C  CB  . ALA A 1 58 ? -5.146  -1.271  7.474   1.00 41.07 ? 89  ALA A CB  1 
ATOM   459 N  N   . LEU A 1 59 ? -3.114  -3.902  8.561   1.00 51.44 ? 90  LEU A N   1 
ATOM   460 C  CA  . LEU A 1 59 ? -2.948  -5.344  8.480   1.00 51.00 ? 90  LEU A CA  1 
ATOM   461 C  C   . LEU A 1 59 ? -3.490  -5.983  9.756   1.00 53.54 ? 90  LEU A C   1 
ATOM   462 O  O   . LEU A 1 59 ? -3.218  -5.492  10.855  1.00 55.63 ? 90  LEU A O   1 
ATOM   463 C  CB  . LEU A 1 59 ? -1.468  -5.701  8.337   1.00 49.04 ? 90  LEU A CB  1 
ATOM   464 C  CG  . LEU A 1 59 ? -0.827  -5.530  6.960   1.00 46.27 ? 90  LEU A CG  1 
ATOM   465 C  CD1 . LEU A 1 59 ? 0.667   -5.727  7.069   1.00 44.76 ? 90  LEU A CD1 1 
ATOM   466 C  CD2 . LEU A 1 59 ? -1.427  -6.520  5.975   1.00 46.32 ? 90  LEU A CD2 1 
ATOM   467 N  N   . PRO A 1 60 ? -4.268  -7.078  9.641   1.00 53.17 ? 91  PRO A N   1 
ATOM   468 C  CA  . PRO A 1 60 ? -4.819  -7.778  10.808  1.00 58.01 ? 91  PRO A CA  1 
ATOM   469 C  C   . PRO A 1 60 ? -3.728  -8.165  11.797  1.00 60.19 ? 91  PRO A C   1 
ATOM   470 O  O   . PRO A 1 60 ? -2.615  -8.489  11.376  1.00 57.99 ? 91  PRO A O   1 
ATOM   471 C  CB  . PRO A 1 60 ? -5.434  -9.038  10.195  1.00 59.02 ? 91  PRO A CB  1 
ATOM   472 C  CG  . PRO A 1 60 ? -5.768  -8.658  8.808   1.00 55.26 ? 91  PRO A CG  1 
ATOM   473 C  CD  . PRO A 1 60 ? -4.691  -7.704  8.376   1.00 51.47 ? 91  PRO A CD  1 
HETATM 474 HO HO  . HO3 B 2 .  ? -2.376  13.097  -5.374  0.50 20.37 3 101 HO3 A HO  1 
HETATM 475 O  O   . HOH C 3 .  ? -5.461  -12.538 0.142   1.00 55.31 ? 201 HOH A O   1 
HETATM 476 O  O   . HOH C 3 .  ? 0.906   13.793  -11.383 1.00 38.33 ? 202 HOH A O   1 
HETATM 477 O  O   . HOH C 3 .  ? 9.794   12.301  -3.142  1.00 48.65 ? 203 HOH A O   1 
HETATM 478 O  O   . HOH C 3 .  ? 0.290   12.193  3.186   1.00 51.28 ? 204 HOH A O   1 
HETATM 479 O  O   . HOH C 3 .  ? 4.745   13.063  1.140   1.00 48.09 ? 205 HOH A O   1 
HETATM 480 O  O   . HOH C 3 .  ? 7.155   3.355   -7.797  1.00 41.20 ? 206 HOH A O   1 
HETATM 481 O  O   . HOH C 3 .  ? 0.307   2.699   -9.873  1.00 48.89 ? 207 HOH A O   1 
HETATM 482 O  O   . HOH C 3 .  ? -7.162  -11.164 -1.615  0.50 51.18 ? 208 HOH A O   1 
# 
loop_
_atom_site_anisotrop.id 
_atom_site_anisotrop.type_symbol 
_atom_site_anisotrop.pdbx_label_atom_id 
_atom_site_anisotrop.pdbx_label_alt_id 
_atom_site_anisotrop.pdbx_label_comp_id 
_atom_site_anisotrop.pdbx_label_asym_id 
_atom_site_anisotrop.pdbx_label_seq_id 
_atom_site_anisotrop.pdbx_PDB_ins_code 
_atom_site_anisotrop.U[1][1] 
_atom_site_anisotrop.U[2][2] 
_atom_site_anisotrop.U[3][3] 
_atom_site_anisotrop.U[1][2] 
_atom_site_anisotrop.U[1][3] 
_atom_site_anisotrop.U[2][3] 
_atom_site_anisotrop.pdbx_auth_seq_id 
_atom_site_anisotrop.pdbx_auth_comp_id 
_atom_site_anisotrop.pdbx_auth_asym_id 
_atom_site_anisotrop.pdbx_auth_atom_id 
1   N  N   . ASP A 1  ? 0.2345 0.6475 0.4439 -0.0653 0.0437  -0.0491 32  ASP A N   
2   C  CA  . ASP A 1  ? 0.2682 0.6360 0.4254 -0.0783 0.0213  -0.0182 32  ASP A CA  
3   C  C   . ASP A 1  ? 0.2863 0.6026 0.4349 -0.0607 0.0208  -0.0177 32  ASP A C   
4   O  O   . ASP A 1  ? 0.2702 0.5825 0.4547 -0.0408 0.0359  -0.0370 32  ASP A O   
5   C  CB  . ASP A 1  ? 0.2736 0.6806 0.3945 -0.1161 0.0138  -0.0103 32  ASP A CB  
6   C  CG  . ASP A 1  ? 0.2660 0.7123 0.3892 -0.1265 0.0300  -0.0358 32  ASP A CG  
7   O  OD1 . ASP A 1  ? 0.2555 0.6964 0.4091 -0.1051 0.0454  -0.0611 32  ASP A OD1 
8   O  OD2 . ASP A 1  ? 0.2745 0.7577 0.3673 -0.1579 0.0255  -0.0299 32  ASP A OD2 
9   N  N   . ASP A 2  ? 0.2573 0.5351 0.3600 -0.0679 0.0019  0.0049  33  ASP A N   
10  C  CA  . ASP A 2  ? 0.2721 0.5078 0.3692 -0.0495 0.0015  0.0077  33  ASP A CA  
11  C  C   . ASP A 2  ? 0.2577 0.5220 0.3752 -0.0547 0.0174  -0.0172 33  ASP A C   
12  O  O   . ASP A 2  ? 0.2531 0.4972 0.3934 -0.0363 0.0256  -0.0240 33  ASP A O   
13  C  CB  . ASP A 2  ? 0.3044 0.5000 0.3483 -0.0551 -0.0229 0.0334  33  ASP A CB  
14  C  CG  . ASP A 2  ? 0.3262 0.4740 0.3494 -0.0386 -0.0402 0.0556  33  ASP A CG  
15  O  OD1 . ASP A 2  ? 0.3225 0.4666 0.3729 -0.0218 -0.0327 0.0534  33  ASP A OD1 
16  O  OD2 . ASP A 2  ? 0.3481 0.4596 0.3252 -0.0418 -0.0637 0.0747  33  ASP A OD2 
17  N  N   . LYS A 3  ? 0.2681 0.5802 0.3760 -0.0812 0.0208  -0.0300 34  LYS A N   
18  C  CA  . LYS A 3  ? 0.2624 0.6015 0.3844 -0.0869 0.0335  -0.0562 34  LYS A CA  
19  C  C   . LYS A 3  ? 0.2393 0.5898 0.4150 -0.0671 0.0532  -0.0852 34  LYS A C   
20  O  O   . LYS A 3  ? 0.2399 0.5752 0.4364 -0.0569 0.0588  -0.0984 34  LYS A O   
21  C  CB  . LYS A 3  ? 0.2642 0.6570 0.3614 -0.1189 0.0337  -0.0643 34  LYS A CB  
22  C  CG  . LYS A 3  ? 0.2665 0.6893 0.3751 -0.1243 0.0461  -0.0951 34  LYS A CG  
23  C  CD  . LYS A 3  ? 0.2777 0.7521 0.3514 -0.1569 0.0445  -0.0990 34  LYS A CD  
24  C  CE  . LYS A 3  ? 0.2899 0.7964 0.3733 -0.1607 0.0567  -0.1341 34  LYS A CE  
25  N  NZ  . LYS A 3  ? 0.3046 0.8569 0.3455 -0.1901 0.0545  -0.1355 34  LYS A NZ  
26  N  N   . ALA A 4  ? 0.2647 0.6412 0.4651 -0.0617 0.0617  -0.0947 35  ALA A N   
27  C  CA  . ALA A 4  ? 0.2396 0.6218 0.4914 -0.0399 0.0771  -0.1225 35  ALA A CA  
28  C  C   . ALA A 4  ? 0.2394 0.5636 0.5121 -0.0143 0.0740  -0.1087 35  ALA A C   
29  O  O   . ALA A 4  ? 0.2306 0.5401 0.5364 -0.0010 0.0813  -0.1260 35  ALA A O   
30  C  CB  . ALA A 4  ? 0.2247 0.6393 0.4913 -0.0365 0.0828  -0.1308 35  ALA A CB  
31  N  N   . ALA A 5  ? 0.2367 0.5270 0.4883 -0.0081 0.0620  -0.0768 36  ALA A N   
32  C  CA  . ALA A 5  ? 0.2377 0.4779 0.5028 0.0159  0.0598  -0.0605 36  ALA A CA  
33  C  C   . ALA A 5  ? 0.2471 0.4647 0.5082 0.0168  0.0596  -0.0567 36  ALA A C   
34  O  O   . ALA A 5  ? 0.2335 0.4276 0.5253 0.0325  0.0652  -0.0569 36  ALA A O   
35  C  CB  . ALA A 5  ? 0.2620 0.4732 0.4956 0.0218  0.0452  -0.0292 36  ALA A CB  
36  N  N   . CYS A 6  ? 0.2041 0.4300 0.4290 -0.0009 0.0519  -0.0513 37  CYS A N   
37  C  CA  . CYS A 6  ? 0.2123 0.4245 0.4364 -0.0009 0.0507  -0.0482 37  CYS A CA  
38  C  C   . CYS A 6  ? 0.1996 0.4280 0.4643 -0.0038 0.0621  -0.0776 37  CYS A C   
39  O  O   . CYS A 6  ? 0.1906 0.3981 0.4822 0.0062  0.0650  -0.0747 37  CYS A O   
40  C  CB  . CYS A 6  ? 0.2402 0.4606 0.4183 -0.0196 0.0377  -0.0386 37  CYS A CB  
41  S  SG  . CYS A 6  ? 0.2424 0.4637 0.4237 -0.0252 0.0356  -0.0418 37  CYS A SG  
42  N  N   . ALA A 7  ? 0.2709 0.5375 0.5395 -0.0177 0.0678  -0.1062 38  ALA A N   
43  C  CA  . ALA A 7  ? 0.2733 0.5526 0.5753 -0.0191 0.0759  -0.1393 38  ALA A CA  
44  C  C   . ALA A 7  ? 0.2521 0.5066 0.6022 0.0026  0.0822  -0.1471 38  ALA A C   
45  O  O   . ALA A 7  ? 0.2590 0.4928 0.6388 0.0066  0.0822  -0.1549 38  ALA A O   
46  C  CB  . ALA A 7  ? 0.2802 0.6099 0.5725 -0.0344 0.0819  -0.1699 38  ALA A CB  
47  N  N   . ASP A 8  ? 0.3552 0.6094 0.7129 0.0154  0.0850  -0.1428 39  ASP A N   
48  C  CA  . ASP A 8  ? 0.3522 0.5686 0.7369 0.0352  0.0841  -0.1406 39  ASP A CA  
49  C  C   . ASP A 8  ? 0.3510 0.5245 0.7435 0.0446  0.0802  -0.1110 39  ASP A C   
50  O  O   . ASP A 8  ? 0.3631 0.5084 0.7836 0.0509  0.0790  -0.1133 39  ASP A O   
51  C  CB  . ASP A 8  ? 0.3521 0.5732 0.7291 0.0447  0.0831  -0.1330 39  ASP A CB  
52  C  CG  . ASP A 8  ? 0.3676 0.6337 0.7427 0.0378  0.0882  -0.1615 39  ASP A CG  
53  O  OD1 . ASP A 8  ? 0.3837 0.6723 0.7611 0.0280  0.0924  -0.1903 39  ASP A OD1 
54  O  OD2 . ASP A 8  ? 0.3714 0.6534 0.7434 0.0424  0.0880  -0.1557 39  ASP A OD2 
55  N  N   . GLY A 9  ? 0.2599 0.4299 0.6285 0.0453  0.0774  -0.0826 40  GLY A N   
56  C  CA  . GLY A 9  ? 0.2638 0.3982 0.6311 0.0558  0.0744  -0.0526 40  GLY A CA  
57  C  C   . GLY A 9  ? 0.2678 0.4026 0.6589 0.0478  0.0763  -0.0556 40  GLY A C   
58  O  O   . GLY A 9  ? 0.2730 0.3815 0.6826 0.0535  0.0760  -0.0406 40  GLY A O   
59  N  N   . ILE A 10 ? 0.2156 0.3762 0.5919 0.0298  0.0741  -0.0711 41  ILE A N   
60  C  CA  . ILE A 10 ? 0.2308 0.3924 0.6259 0.0188  0.0722  -0.0758 41  ILE A CA  
61  C  C   . ILE A 10 ? 0.2418 0.3902 0.6858 0.0196  0.0742  -0.0986 41  ILE A C   
62  O  O   . ILE A 10 ? 0.2515 0.3812 0.7257 0.0187  0.0722  -0.0872 41  ILE A O   
63  C  CB  . ILE A 10 ? 0.2498 0.4412 0.6154 -0.0016 0.0668  -0.0907 41  ILE A CB  
64  C  CG1 . ILE A 10 ? 0.2503 0.4445 0.5701 -0.0014 0.0599  -0.0633 41  ILE A CG1 
65  C  CG2 . ILE A 10 ? 0.2698 0.4644 0.6602 -0.0145 0.0629  -0.1019 41  ILE A CG2 
66  C  CD1 . ILE A 10 ? 0.2725 0.4932 0.5583 -0.0216 0.0518  -0.0736 41  ILE A CD1 
67  N  N   . ALA A 11 ? 0.3044 0.4623 0.7577 0.0219  0.0771  -0.1303 42  ALA A N   
68  C  CA  . ALA A 11 ? 0.3171 0.4568 0.8155 0.0267  0.0761  -0.1562 42  ALA A CA  
69  C  C   . ALA A 11 ? 0.3119 0.4116 0.8380 0.0430  0.0748  -0.1319 42  ALA A C   
70  O  O   . ALA A 11 ? 0.3340 0.4066 0.9009 0.0428  0.0698  -0.1341 42  ALA A O   
71  C  CB  . ALA A 11 ? 0.3142 0.4789 0.8134 0.0307  0.0803  -0.1966 42  ALA A CB  
72  N  N   . ALA A 12 ? 0.3311 0.4210 0.8218 0.0526  0.0749  -0.1052 43  ALA A N   
73  C  CA  . ALA A 12 ? 0.3430 0.3964 0.8391 0.0628  0.0709  -0.0789 43  ALA A CA  
74  C  C   . ALA A 12 ? 0.3517 0.3893 0.8628 0.0600  0.0714  -0.0473 43  ALA A C   
75  O  O   . ALA A 12 ? 0.3732 0.3850 0.9187 0.0601  0.0678  -0.0380 43  ALA A O   
76  C  CB  . ALA A 12 ? 0.3327 0.3856 0.7853 0.0724  0.0698  -0.0600 43  ALA A CB  
77  N  N   . VAL A 13 ? 0.3517 0.4075 0.8381 0.0571  0.0748  -0.0290 44  VAL A N   
78  C  CA  . VAL A 13 ? 0.3636 0.4153 0.8626 0.0554  0.0767  0.0026  44  VAL A CA  
79  C  C   . VAL A 13 ? 0.3804 0.4354 0.9376 0.0419  0.0746  -0.0095 44  VAL A C   
80  O  O   . VAL A 13 ? 0.4084 0.4469 0.9973 0.0388  0.0731  0.0132  44  VAL A O   
81  C  CB  . VAL A 13 ? 0.3485 0.4210 0.8027 0.0574  0.0784  0.0214  44  VAL A CB  
82  C  CG1 . VAL A 13 ? 0.3589 0.4372 0.8261 0.0562  0.0813  0.0515  44  VAL A CG1 
83  C  CG2 . VAL A 13 ? 0.3457 0.4063 0.7446 0.0700  0.0762  0.0338  44  VAL A CG2 
84  N  N   . LYS A 14 ? 0.3153 0.3871 0.8692 0.0276  0.0702  -0.0441 45  LYS A N   
85  C  CA  . LYS A 14 ? 0.3509 0.4179 0.9385 0.0088  0.0617  -0.0588 45  LYS A CA  
86  C  C   . LYS A 14 ? 0.3745 0.4024 1.0074 0.0119  0.0550  -0.0685 45  LYS A C   
87  O  O   . LYS A 14 ? 0.4054 0.4150 1.0735 -0.0004 0.0472  -0.0545 45  LYS A O   
88  C  CB  . LYS A 14 ? 0.3626 0.4542 0.9322 -0.0047 0.0577  -0.0980 45  LYS A CB  
89  C  CG  . LYS A 14 ? 0.3487 0.4741 0.8824 -0.0145 0.0579  -0.0867 45  LYS A CG  
90  C  CD  . LYS A 14 ? 0.3692 0.5189 0.8816 -0.0291 0.0530  -0.1242 45  LYS A CD  
91  C  CE  . LYS A 14 ? 0.4064 0.5501 0.9499 -0.0470 0.0417  -0.1461 45  LYS A CE  
92  N  NZ  . LYS A 14 ? 0.3953 0.5701 0.9137 -0.0655 0.0344  -0.1537 45  LYS A NZ  
93  N  N   . ALA A 15 ? 0.4891 0.5039 1.1231 0.0278  0.0561  -0.0915 46  ALA A N   
94  C  CA  . ALA A 15 ? 0.5243 0.4975 1.2006 0.0350  0.0470  -0.1028 46  ALA A CA  
95  C  C   . ALA A 15 ? 0.5326 0.4764 1.2316 0.0373  0.0451  -0.0567 46  ALA A C   
96  O  O   . ALA A 15 ? 0.5682 0.4803 1.3024 0.0276  0.0324  -0.0524 46  ALA A O   
97  C  CB  . ALA A 15 ? 0.5304 0.5071 1.1854 0.0507  0.0481  -0.1262 46  ALA A CB  
98  N  N   . ARG A 16 ? 0.5145 0.4741 1.1779 0.0446  0.0551  -0.0203 47  ARG A N   
99  C  CA  . ARG A 16 ? 0.5247 0.4708 1.1929 0.0436  0.0555  0.0253  47  ARG A CA  
100 C  C   . ARG A 16 ? 0.5343 0.4858 1.2371 0.0282  0.0558  0.0507  47  ARG A C   
101 O  O   . ARG A 16 ? 0.5549 0.4842 1.2921 0.0184  0.0493  0.0768  47  ARG A O   
102 C  CB  . ARG A 16 ? 0.7380 0.7004 1.3456 0.0549  0.0650  0.0498  47  ARG A CB  
103 C  CG  . ARG A 16 ? 0.7467 0.7066 1.3482 0.0561  0.0689  0.0942  47  ARG A CG  
104 C  CD  . ARG A 16 ? 0.7710 0.7108 1.3565 0.0632  0.0627  0.0987  47  ARG A CD  
105 N  NE  . ARG A 16 ? 0.7674 0.7171 1.3101 0.0707  0.0698  0.1296  47  ARG A NE  
106 C  CZ  . ARG A 16 ? 0.7757 0.7342 1.3310 0.0679  0.0759  0.1652  47  ARG A CZ  
107 N  NH1 . ARG A 16 ? 0.7883 0.7461 1.4002 0.0554  0.0739  0.1800  47  ARG A NH1 
108 N  NH2 . ARG A 16 ? 0.7742 0.7448 1.2845 0.0773  0.0830  0.1858  47  ARG A NH2 
109 N  N   . VAL A 17 ? 0.4197 0.4099 1.0989 0.0189  0.0606  0.0449  48  VAL A N   
110 C  CA  . VAL A 17 ? 0.4266 0.4381 1.1237 -0.0016 0.0590  0.0670  48  VAL A CA  
111 C  C   . VAL A 17 ? 0.4386 0.4261 1.1816 -0.0247 0.0423  0.0484  48  VAL A C   
112 O  O   . VAL A 17 ? 0.4379 0.4210 1.2161 -0.0422 0.0365  0.0772  48  VAL A O   
113 C  CB  . VAL A 17 ? 0.4116 0.4680 1.0731 -0.0038 0.0647  0.0616  48  VAL A CB  
114 C  CG1 . VAL A 17 ? 0.3902 0.4731 1.0767 -0.0255 0.0608  0.0794  48  VAL A CG1 
115 C  CG2 . VAL A 17 ? 0.3790 0.4517 0.9964 0.0191  0.0774  0.0846  48  VAL A CG2 
116 N  N   . GLU A 18 ? 0.5649 0.5375 1.3075 -0.0256 0.0333  0.0000  49  GLU A N   
117 C  CA  . GLU A 18 ? 0.5782 0.5228 1.3586 -0.0451 0.0141  -0.0253 49  GLU A CA  
118 C  C   . GLU A 18 ? 0.6145 0.5066 1.4366 -0.0460 0.0015  -0.0106 49  GLU A C   
119 O  O   . GLU A 18 ? 0.6582 0.5286 1.4992 -0.0591 -0.0181 -0.0259 49  GLU A O   
120 C  CB  . GLU A 18 ? 0.5805 0.5247 1.3445 -0.0407 0.0091  -0.0835 49  GLU A CB  
121 C  CG  . GLU A 18 ? 0.5755 0.5682 1.3029 -0.0495 0.0149  -0.0980 49  GLU A CG  
122 C  CD  . GLU A 18 ? 0.5764 0.5801 1.2758 -0.0406 0.0164  -0.1489 49  GLU A CD  
123 O  OE1 . GLU A 18 ? 0.5796 0.5549 1.2926 -0.0266 0.0126  -0.1774 49  GLU A OE1 
124 O  OE2 . GLU A 18 ? 0.5764 0.6193 1.2403 -0.0469 0.0211  -0.1594 49  GLU A OE2 
125 N  N   . LYS A 19 ? 0.5607 0.4442 1.3743 -0.0272 0.0096  0.0194  50  LYS A N   
126 C  CA  . LYS A 19 ? 0.6020 0.4579 1.4316 -0.0272 -0.0032 0.0423  50  LYS A CA  
127 C  C   . LYS A 19 ? 0.6042 0.4776 1.4449 -0.0420 0.0001  0.0970  50  LYS A C   
128 O  O   . LYS A 19 ? 0.6392 0.4947 1.4900 -0.0439 -0.0085 0.1232  50  LYS A O   
129 C  CB  . LYS A 19 ? 0.6019 0.4472 1.4090 -0.0024 0.0008  0.0421  50  LYS A CB  
130 C  CG  . LYS A 19 ? 0.6032 0.4426 1.3948 0.0136  -0.0016 -0.0093 50  LYS A CG  
131 C  CD  . LYS A 19 ? 0.6463 0.4615 1.4614 0.0052  -0.0207 -0.0507 50  LYS A CD  
132 C  CE  . LYS A 19 ? 0.6555 0.4710 1.4537 0.0247  -0.0221 -0.0984 50  LYS A CE  
133 N  NZ  . LYS A 19 ? 0.6128 0.4578 1.3749 0.0416  -0.0040 -0.0933 50  LYS A NZ  
134 N  N   . LEU A 20 ? 0.4751 0.3823 1.2216 -0.0236 -0.0899 0.0591  51  LEU A N   
135 C  CA  . LEU A 20 ? 0.5090 0.3759 1.1687 -0.0440 -0.0784 0.0792  51  LEU A CA  
136 C  C   . LEU A 20 ? 0.4915 0.3742 1.1972 -0.0382 -0.0449 0.0275  51  LEU A C   
137 O  O   . LEU A 20 ? 0.4440 0.3761 1.2093 -0.0203 -0.0254 -0.0297 51  LEU A O   
138 C  CB  . LEU A 20 ? 0.5009 0.3556 1.0229 -0.0587 -0.0740 0.0888  51  LEU A CB  
139 C  CG  . LEU A 20 ? 0.5224 0.3640 0.9699 -0.0698 -0.1026 0.1419  51  LEU A CG  
140 C  CD1 . LEU A 20 ? 0.5088 0.3483 0.8306 -0.0833 -0.0916 0.1418  51  LEU A CD1 
141 C  CD2 . LEU A 20 ? 0.5942 0.4049 1.0305 -0.0892 -0.1176 0.1898  51  LEU A CD2 
142 N  N   . ALA A 21 ? 0.4631 0.3107 1.1365 -0.0559 -0.0375 0.0465  52  ALA A N   
143 C  CA  . ALA A 21 ? 0.4460 0.3087 1.1388 -0.0533 -0.0052 0.0007  52  ALA A CA  
144 C  C   . ALA A 21 ? 0.3905 0.2800 1.0051 -0.0529 0.0159  -0.0369 52  ALA A C   
145 O  O   . ALA A 21 ? 0.3961 0.2627 0.9058 -0.0705 0.0102  -0.0118 52  ALA A O   
146 C  CB  . ALA A 21 ? 0.5086 0.3247 1.1581 -0.0773 -0.0030 0.0320  52  ALA A CB  
147 N  N   . PRO A 22 ? 0.4107 0.3567 1.0738 -0.0352 0.0399  -0.0958 53  PRO A N   
148 C  CA  . PRO A 22 ? 0.3645 0.3461 0.9546 -0.0336 0.0553  -0.1274 53  PRO A CA  
149 C  C   . PRO A 22 ? 0.3786 0.3352 0.8774 -0.0526 0.0667  -0.1156 53  PRO A C   
150 O  O   . PRO A 22 ? 0.3613 0.3211 0.7782 -0.0601 0.0647  -0.1102 53  PRO A O   
151 C  CB  . PRO A 22 ? 0.3248 0.3686 0.9682 -0.0199 0.0759  -0.1810 53  PRO A CB  
152 C  CG  . PRO A 22 ? 0.3578 0.3958 1.1018 -0.0192 0.0823  -0.1836 53  PRO A CG  
153 C  CD  . PRO A 22 ? 0.3975 0.3857 1.1811 -0.0205 0.0552  -0.1344 53  PRO A CD  
154 N  N   . GLU A 23 ? 0.4775 0.4111 0.9922 -0.0617 0.0780  -0.1109 54  GLU A N   
155 C  CA  . GLU A 23 ? 0.4936 0.4048 0.9256 -0.0809 0.0887  -0.1006 54  GLU A CA  
156 C  C   . GLU A 23 ? 0.5326 0.3962 0.8756 -0.1077 0.0697  -0.0516 54  GLU A C   
157 O  O   . GLU A 23 ? 0.5392 0.3951 0.8118 -0.1245 0.0780  -0.0463 54  GLU A O   
158 C  CB  . GLU A 23 ? 0.5291 0.4237 0.9953 -0.0867 0.1029  -0.1039 54  GLU A CB  
159 C  CG  . GLU A 23 ? 0.5987 0.4397 1.0905 -0.1011 0.0837  -0.0608 54  GLU A CG  
160 C  CD  . GLU A 23 ? 0.5964 0.4556 1.2075 -0.0797 0.0773  -0.0713 54  GLU A CD  
161 O  OE1 . GLU A 23 ? 0.5459 0.4519 1.2038 -0.0589 0.0798  -0.1023 54  GLU A OE1 
162 O  OE2 . GLU A 23 ? 0.6467 0.4776 1.3091 -0.0851 0.0695  -0.0495 54  GLU A OE2 
163 N  N   . ALA A 24 ? 0.5469 0.3864 0.8942 -0.1116 0.0453  -0.0162 55  ALA A N   
164 C  CA  . ALA A 24 ? 0.5914 0.3914 0.8459 -0.1402 0.0299  0.0318  55  ALA A CA  
165 C  C   . ALA A 24 ? 0.5595 0.3782 0.7754 -0.1346 0.0196  0.0360  55  ALA A C   
166 O  O   . ALA A 24 ? 0.5916 0.3855 0.7392 -0.1505 0.0131  0.0718  55  ALA A O   
167 C  CB  . ALA A 24 ? 0.6535 0.4139 0.9291 -0.1493 0.0115  0.0770  55  ALA A CB  
168 N  N   . VAL A 25 ? 0.4416 0.3087 0.6985 -0.1096 0.0239  -0.0040 56  VAL A N   
169 C  CA  . VAL A 25 ? 0.4109 0.2981 0.6325 -0.1056 0.0114  0.0002  56  VAL A CA  
170 C  C   . VAL A 25 ? 0.4005 0.2960 0.5337 -0.1232 0.0217  -0.0005 56  VAL A C   
171 O  O   . VAL A 25 ? 0.3648 0.2920 0.5036 -0.1117 0.0408  -0.0360 56  VAL A O   
172 C  CB  . VAL A 25 ? 0.3488 0.2915 0.6386 -0.0748 0.0110  -0.0453 56  VAL A CB  
173 C  CG1 . VAL A 25 ? 0.3170 0.2871 0.5629 -0.0718 -0.0039 -0.0435 56  VAL A CG1 
174 C  CG2 . VAL A 25 ? 0.3652 0.3033 0.7547 -0.0575 -0.0008 -0.0440 56  VAL A CG2 
175 N  N   . PRO A 26 ? 0.4268 0.3095 0.5147 -0.1299 0.0247  0.0312  57  PRO A N   
176 C  CA  . PRO A 26 ? 0.4047 0.3097 0.4246 -0.1316 0.0305  0.0272  57  PRO A CA  
177 C  C   . PRO A 26 ? 0.3468 0.2974 0.3578 -0.1159 0.0340  -0.0119 57  PRO A C   
178 O  O   . PRO A 26 ? 0.3183 0.2939 0.3504 -0.1052 0.0195  -0.0210 57  PRO A O   
179 C  CB  . PRO A 26 ? 0.4117 0.3056 0.3620 -0.1340 0.0185  0.0599  57  PRO A CB  
180 C  CG  . PRO A 26 ? 0.4608 0.3212 0.4367 -0.1379 0.0058  0.0937  57  PRO A CG  
181 C  CD  . PRO A 26 ? 0.4627 0.3179 0.5129 -0.1319 0.0015  0.0765  57  PRO A CD  
182 N  N   . GLN A 27 ? 0.1709 0.2602 0.4537 -0.0630 0.0510  0.0286  58  GLN A N   
183 C  CA  . GLN A 27 ? 0.1537 0.2668 0.4289 -0.0556 0.0445  0.0126  58  GLN A CA  
184 C  C   . GLN A 27 ? 0.1632 0.2637 0.4041 -0.0349 0.0421  0.0094  58  GLN A C   
185 O  O   . GLN A 27 ? 0.1569 0.2560 0.3881 -0.0312 0.0340  -0.0057 58  GLN A O   
186 C  CB  . GLN A 27 ? 0.1468 0.3077 0.4360 -0.0556 0.0498  0.0222  58  GLN A CB  
187 C  CG  . GLN A 27 ? 0.1328 0.3198 0.4165 -0.0463 0.0418  0.0103  58  GLN A CG  
188 C  CD  . GLN A 27 ? 0.1403 0.3501 0.4394 -0.0655 0.0297  0.0022  58  GLN A CD  
189 O  OE1 . GLN A 27 ? 0.1564 0.3400 0.4552 -0.0823 0.0210  -0.0112 58  GLN A OE1 
190 N  NE2 . GLN A 27 ? 0.1345 0.3927 0.4445 -0.0617 0.0290  0.0096  58  GLN A NE2 
191 N  N   . LYS A 28 ? 0.1500 0.2398 0.3692 -0.0241 0.0480  0.0240  59  LYS A N   
192 C  CA  . LYS A 28 ? 0.1743 0.2475 0.3580 -0.0103 0.0424  0.0214  59  LYS A CA  
193 C  C   . LYS A 28 ? 0.1742 0.2281 0.3605 -0.0129 0.0331  0.0136  59  LYS A C   
194 O  O   . LYS A 28 ? 0.1789 0.2297 0.3472 -0.0079 0.0256  0.0064  59  LYS A O   
195 C  CB  . LYS A 28 ? 0.2086 0.2693 0.3626 -0.0021 0.0482  0.0371  59  LYS A CB  
196 C  CG  . LYS A 28 ? 0.2280 0.2684 0.3388 0.0084  0.0401  0.0332  59  LYS A CG  
197 C  CD  . LYS A 28 ? 0.2643 0.2871 0.3350 0.0147  0.0441  0.0454  59  LYS A CD  
198 C  CE  . LYS A 28 ? 0.2839 0.2787 0.3061 0.0208  0.0331  0.0384  59  LYS A CE  
199 N  NZ  . LYS A 28 ? 0.2700 0.2585 0.3019 0.0108  0.0161  0.0335  59  LYS A NZ  
200 N  N   . LEU A 29 ? 0.2312 0.2721 0.4403 -0.0199 0.0344  0.0165  60  LEU A N   
201 C  CA  . LEU A 29 ? 0.2359 0.2632 0.4529 -0.0171 0.0295  0.0099  60  LEU A CA  
202 C  C   . LEU A 29 ? 0.2168 0.2530 0.4399 -0.0199 0.0278  -0.0120 60  LEU A C   
203 O  O   . LEU A 29 ? 0.2157 0.2564 0.4304 -0.0144 0.0240  -0.0183 60  LEU A O   
204 C  CB  . LEU A 29 ? 0.2480 0.2530 0.4872 -0.0197 0.0334  0.0192  60  LEU A CB  
205 C  CG  . LEU A 29 ? 0.2621 0.2506 0.5173 -0.0115 0.0328  0.0147  60  LEU A CG  
206 C  CD1 . LEU A 29 ? 0.2686 0.2709 0.5130 -0.0012 0.0259  0.0219  60  LEU A CD1 
207 C  CD2 . LEU A 29 ? 0.2772 0.2374 0.5491 -0.0111 0.0362  0.0312  60  LEU A CD2 
208 N  N   . LYS A 30 ? 0.2083 0.2511 0.4442 -0.0307 0.0294  -0.0222 61  LYS A N   
209 C  CA  . LYS A 30 ? 0.1997 0.2521 0.4339 -0.0354 0.0256  -0.0433 61  LYS A CA  
210 C  C   . LYS A 30 ? 0.1835 0.2572 0.3962 -0.0284 0.0203  -0.0440 61  LYS A C   
211 O  O   . LYS A 30 ? 0.1846 0.2615 0.3867 -0.0263 0.0178  -0.0548 61  LYS A O   
212 C  CB  . LYS A 30 ? 0.1964 0.2584 0.4458 -0.0524 0.0235  -0.0505 61  LYS A CB  
213 C  CG  . LYS A 30 ? 0.2183 0.2535 0.4870 -0.0634 0.0275  -0.0467 61  LYS A CG  
214 C  CD  . LYS A 30 ? 0.2312 0.2736 0.5127 -0.0856 0.0223  -0.0536 61  LYS A CD  
215 C  CE  . LYS A 30 ? 0.2639 0.2631 0.5529 -0.0941 0.0253  -0.0522 61  LYS A CE  
216 N  NZ  . LYS A 30 ? 0.2973 0.2582 0.5764 -0.0907 0.0253  -0.0770 61  LYS A NZ  
217 N  N   . ARG A 31 ? 0.1882 0.2737 0.3918 -0.0236 0.0201  -0.0318 62  ARG A N   
218 C  CA  . ARG A 31 ? 0.1902 0.2854 0.3701 -0.0151 0.0149  -0.0315 62  ARG A CA  
219 C  C   . ARG A 31 ? 0.2034 0.2821 0.3629 -0.0105 0.0112  -0.0284 62  ARG A C   
220 O  O   . ARG A 31 ? 0.2046 0.2877 0.3498 -0.0103 0.0058  -0.0329 62  ARG A O   
221 C  CB  . ARG A 31 ? 0.2044 0.3078 0.3764 -0.0057 0.0188  -0.0194 62  ARG A CB  
222 C  CG  . ARG A 31 ? 0.1887 0.3249 0.3853 -0.0099 0.0208  -0.0190 62  ARG A CG  
223 C  CD  . ARG A 31 ? 0.1988 0.3491 0.3953 0.0022  0.0311  -0.0042 62  ARG A CD  
224 N  NE  . ARG A 31 ? 0.1752 0.3706 0.4025 -0.0013 0.0320  -0.0004 62  ARG A NE  
225 C  CZ  . ARG A 31 ? 0.1717 0.3959 0.4087 0.0112  0.0432  0.0133  62  ARG A CZ  
226 N  NH1 . ARG A 31 ? 0.1946 0.4004 0.4057 0.0284  0.0561  0.0219  62  ARG A NH1 
227 N  NH2 . ARG A 31 ? 0.1579 0.4323 0.4290 0.0066  0.0412  0.0186  62  ARG A NH2 
228 N  N   . ALA A 32 ? 0.1923 0.2551 0.3507 -0.0088 0.0125  -0.0181 63  ALA A N   
229 C  CA  . ALA A 32 ? 0.2077 0.2622 0.3516 -0.0084 0.0059  -0.0121 63  ALA A CA  
230 C  C   . ALA A 32 ? 0.1837 0.2503 0.3435 -0.0110 0.0069  -0.0205 63  ALA A C   
231 O  O   . ALA A 32 ? 0.1859 0.2596 0.3339 -0.0135 0.0020  -0.0189 63  ALA A O   
232 C  CB  . ALA A 32 ? 0.2353 0.2769 0.3780 -0.0076 0.0046  0.0024  63  ALA A CB  
233 N  N   . LEU A 33 ? 0.1911 0.2583 0.3755 -0.0104 0.0146  -0.0294 64  LEU A N   
234 C  CA  . LEU A 33 ? 0.1912 0.2672 0.3860 -0.0083 0.0200  -0.0409 64  LEU A CA  
235 C  C   . LEU A 33 ? 0.1823 0.2728 0.3593 -0.0130 0.0181  -0.0532 64  LEU A C   
236 O  O   . LEU A 33 ? 0.1844 0.2895 0.3557 -0.0123 0.0201  -0.0544 64  LEU A O   
237 C  CB  . LEU A 33 ? 0.2165 0.2766 0.4325 -0.0058 0.0287  -0.0521 64  LEU A CB  
238 C  CG  . LEU A 33 ? 0.2459 0.2965 0.4839 0.0058  0.0345  -0.0430 64  LEU A CG  
239 C  CD1 . LEU A 33 ? 0.2782 0.2998 0.5305 0.0085  0.0433  -0.0572 64  LEU A CD1 
240 C  CD2 . LEU A 33 ? 0.2382 0.3135 0.4811 0.0144  0.0378  -0.0402 64  LEU A CD2 
241 N  N   . LYS A 34 ? 0.2347 0.3268 0.4046 -0.0179 0.0142  -0.0592 65  LYS A N   
242 C  CA  . LYS A 34 ? 0.2347 0.3427 0.3867 -0.0219 0.0096  -0.0676 65  LYS A CA  
243 C  C   . LYS A 34 ? 0.2364 0.3477 0.3661 -0.0201 0.0031  -0.0542 65  LYS A C   
244 O  O   . LYS A 34 ? 0.2448 0.3683 0.3593 -0.0232 0.0017  -0.0565 65  LYS A O   
245 C  CB  . LYS A 34 ? 0.2295 0.3463 0.3842 -0.0267 0.0039  -0.0713 65  LYS A CB  
246 C  CG  . LYS A 34 ? 0.2406 0.3563 0.4103 -0.0371 0.0050  -0.0876 65  LYS A CG  
247 C  CD  . LYS A 34 ? 0.2313 0.3692 0.4099 -0.0437 -0.0034 -0.0832 65  LYS A CD  
248 C  CE  . LYS A 34 ? 0.2482 0.3929 0.4374 -0.0614 -0.0092 -0.0983 65  LYS A CE  
249 N  NZ  . LYS A 34 ? 0.2363 0.4142 0.4424 -0.0672 -0.0177 -0.0873 65  LYS A NZ  
250 N  N   A ILE A 35 ? 0.1651 0.2617 0.2876 -0.0166 -0.0011 -0.0403 66  ILE A N   
251 N  N   B ILE A 35 ? 0.1651 0.2614 0.2878 -0.0167 -0.0009 -0.0401 66  ILE A N   
252 C  CA  A ILE A 35 ? 0.1908 0.2774 0.2873 -0.0177 -0.0090 -0.0284 66  ILE A CA  
253 C  CA  B ILE A 35 ? 0.1909 0.2776 0.2873 -0.0179 -0.0090 -0.0284 66  ILE A CA  
254 C  C   A ILE A 35 ? 0.1843 0.2801 0.2846 -0.0251 -0.0082 -0.0233 66  ILE A C   
255 C  C   B ILE A 35 ? 0.1848 0.2792 0.2841 -0.0252 -0.0088 -0.0223 66  ILE A C   
256 O  O   A ILE A 35 ? 0.1950 0.2979 0.2800 -0.0315 -0.0116 -0.0185 66  ILE A O   
257 O  O   B ILE A 35 ? 0.1964 0.2946 0.2789 -0.0323 -0.0136 -0.0154 66  ILE A O   
258 C  CB  A ILE A 35 ? 0.2281 0.2882 0.3080 -0.0125 -0.0132 -0.0184 66  ILE A CB  
259 C  CB  B ILE A 35 ? 0.2283 0.2887 0.3077 -0.0123 -0.0132 -0.0187 66  ILE A CB  
260 C  CG1 A ILE A 35 ? 0.2445 0.3050 0.3215 -0.0016 -0.0109 -0.0205 66  ILE A CG1 
261 C  CG1 B ILE A 35 ? 0.2438 0.3066 0.3218 -0.0016 -0.0109 -0.0212 66  ILE A CG1 
262 C  CG2 A ILE A 35 ? 0.2637 0.3013 0.3126 -0.0184 -0.0235 -0.0078 66  ILE A CG2 
263 C  CG2 B ILE A 35 ? 0.2645 0.3015 0.3120 -0.0176 -0.0235 -0.0081 66  ILE A CG2 
264 C  CD1 A ILE A 35 ? 0.2876 0.3506 0.3470 0.0039  -0.0168 -0.0191 66  ILE A CD1 
265 C  CD1 B ILE A 35 ? 0.2891 0.3295 0.3514 0.0083  -0.0085 -0.0145 66  ILE A CD1 
266 N  N   . ALA A 36 ? 0.1682 0.2683 0.2918 -0.0237 -0.0033 -0.0214 67  ALA A N   
267 C  CA  . ALA A 36 ? 0.1638 0.2845 0.3008 -0.0278 -0.0010 -0.0136 67  ALA A CA  
268 C  C   . ALA A 36 ? 0.1591 0.3039 0.2966 -0.0277 0.0088  -0.0237 67  ALA A C   
269 O  O   . ALA A 36 ? 0.1652 0.3287 0.2965 -0.0357 0.0082  -0.0138 67  ALA A O   
270 C  CB  . ALA A 36 ? 0.1588 0.2844 0.3266 -0.0204 0.0044  -0.0099 67  ALA A CB  
271 N  N   . GLU A 37 ? 0.1864 0.3297 0.3267 -0.0215 0.0169  -0.0430 68  GLU A N   
272 C  CA  . GLU A 37 ? 0.2011 0.3635 0.3328 -0.0210 0.0266  -0.0562 68  GLU A CA  
273 C  C   . GLU A 37 ? 0.2105 0.3797 0.3113 -0.0303 0.0181  -0.0507 68  GLU A C   
274 O  O   . GLU A 37 ? 0.2262 0.4177 0.3157 -0.0340 0.0245  -0.0485 68  GLU A O   
275 C  CB  . GLU A 37 ? 0.2201 0.3708 0.3559 -0.0159 0.0337  -0.0802 68  GLU A CB  
276 C  CG  . GLU A 37 ? 0.2292 0.3696 0.3931 -0.0043 0.0452  -0.0848 68  GLU A CG  
277 C  CD  . GLU A 37 ? 0.2634 0.3754 0.4315 -0.0042 0.0467  -0.1041 68  GLU A CD  
278 O  OE1 . GLU A 37 ? 0.2729 0.3815 0.4245 -0.0150 0.0381  -0.1140 68  GLU A OE1 
279 O  OE2 . GLU A 37 ? 0.2802 0.3735 0.4690 0.0060  0.0552  -0.1072 68  GLU A OE2 
280 N  N   . ARG A 38 ? 0.1800 0.3314 0.2670 -0.0321 0.0051  -0.0459 69  ARG A N   
281 C  CA  . ARG A 38 ? 0.2011 0.3533 0.2594 -0.0373 -0.0044 -0.0366 69  ARG A CA  
282 C  C   . ARG A 38 ? 0.2155 0.3669 0.2635 -0.0468 -0.0075 -0.0166 69  ARG A C   
283 O  O   . ARG A 38 ? 0.2375 0.4034 0.2674 -0.0545 -0.0071 -0.0088 69  ARG A O   
284 C  CB  . ARG A 38 ? 0.2058 0.3375 0.2560 -0.0316 -0.0156 -0.0321 69  ARG A CB  
285 C  CG  . ARG A 38 ? 0.2351 0.3617 0.2558 -0.0321 -0.0263 -0.0196 69  ARG A CG  
286 C  CD  . ARG A 38 ? 0.2519 0.3562 0.2671 -0.0198 -0.0343 -0.0130 69  ARG A CD  
287 N  NE  . ARG A 38 ? 0.2699 0.3397 0.2770 -0.0190 -0.0357 -0.0043 69  ARG A NE  
288 C  CZ  . ARG A 38 ? 0.2957 0.3412 0.2973 -0.0060 -0.0369 -0.0026 69  ARG A CZ  
289 N  NH1 . ARG A 38 ? 0.3001 0.3593 0.3119 0.0085  -0.0356 -0.0057 69  ARG A NH1 
290 N  NH2 . ARG A 38 ? 0.3147 0.3246 0.2993 -0.0080 -0.0395 0.0030  69  ARG A NH2 
291 N  N   . GLU A 39 ? 0.1810 0.3162 0.2384 -0.0491 -0.0121 -0.0062 70  GLU A N   
292 C  CA  . GLU A 39 ? 0.1920 0.3240 0.2401 -0.0640 -0.0195 0.0138  70  GLU A CA  
293 C  C   . GLU A 39 ? 0.1784 0.3541 0.2471 -0.0709 -0.0075 0.0194  70  GLU A C   
294 O  O   . GLU A 39 ? 0.1930 0.3811 0.2510 -0.0864 -0.0101 0.0363  70  GLU A O   
295 C  CB  . GLU A 39 ? 0.1919 0.2949 0.2399 -0.0668 -0.0300 0.0211  70  GLU A CB  
296 C  CG  . GLU A 39 ? 0.2208 0.2799 0.2405 -0.0579 -0.0387 0.0178  70  GLU A CG  
297 C  CD  . GLU A 39 ? 0.2596 0.2941 0.2442 -0.0621 -0.0477 0.0270  70  GLU A CD  
298 O  OE1 . GLU A 39 ? 0.2723 0.2999 0.2435 -0.0806 -0.0554 0.0422  70  GLU A OE1 
299 O  OE2 . GLU A 39 ? 0.2725 0.2960 0.2449 -0.0474 -0.0478 0.0216  70  GLU A OE2 
300 N  N   . GLN A 40 ? 0.2027 0.4018 0.3015 -0.0587 0.0069  0.0067  71  GLN A N   
301 C  CA  . GLN A 40 ? 0.1967 0.4409 0.3155 -0.0574 0.0239  0.0091  71  GLN A CA  
302 C  C   . GLN A 40 ? 0.2228 0.4835 0.3142 -0.0614 0.0317  0.0057  71  GLN A C   
303 O  O   . GLN A 40 ? 0.2229 0.5166 0.3143 -0.0721 0.0382  0.0222  71  GLN A O   
304 C  CB  . GLN A 40 ? 0.1876 0.4402 0.3355 -0.0371 0.0397  -0.0086 71  GLN A CB  
305 C  CG  . GLN A 40 ? 0.1949 0.4916 0.3609 -0.0275 0.0624  -0.0106 71  GLN A CG  
306 C  CD  . GLN A 40 ? 0.2029 0.4940 0.3906 -0.0034 0.0792  -0.0317 71  GLN A CD  
307 O  OE1 . GLN A 40 ? 0.2030 0.5230 0.4257 0.0106  0.0928  -0.0245 71  GLN A OE1 
308 N  NE2 . GLN A 40 ? 0.2158 0.4696 0.3839 0.0013  0.0778  -0.0563 71  GLN A NE2 
309 N  N   . GLY A 41 ? 0.2038 0.4453 0.2710 -0.0552 0.0296  -0.0125 72  GLY A N   
310 C  CA  . GLY A 41 ? 0.2369 0.4943 0.2726 -0.0590 0.0344  -0.0161 72  GLY A CA  
311 C  C   . GLY A 41 ? 0.2606 0.5134 0.2704 -0.0756 0.0217  0.0096  72  GLY A C   
312 O  O   . GLY A 41 ? 0.2824 0.5589 0.2697 -0.0829 0.0283  0.0172  72  GLY A O   
313 N  N   . GLU A 42 ? 0.2438 0.4622 0.2523 -0.0819 0.0041  0.0236  73  GLU A N   
314 C  CA  . GLU A 42 ? 0.2768 0.4759 0.2587 -0.0981 -0.0098 0.0486  73  GLU A CA  
315 C  C   . GLU A 42 ? 0.2649 0.4838 0.2605 -0.1183 -0.0080 0.0715  73  GLU A C   
316 O  O   . GLU A 42 ? 0.2918 0.4924 0.2652 -0.1375 -0.0198 0.0948  73  GLU A O   
317 C  CB  . GLU A 42 ? 0.2885 0.4335 0.2575 -0.0935 -0.0281 0.0505  73  GLU A CB  
318 C  CG  . GLU A 42 ? 0.2829 0.4178 0.2430 -0.0751 -0.0312 0.0345  73  GLU A CG  
319 C  CD  . GLU A 42 ? 0.2837 0.3731 0.2357 -0.0644 -0.0436 0.0356  73  GLU A CD  
320 O  OE1 . GLU A 42 ? 0.2929 0.3498 0.2400 -0.0707 -0.0502 0.0440  73  GLU A OE1 
321 O  OE2 . GLU A 42 ? 0.2784 0.3677 0.2277 -0.0495 -0.0464 0.0275  73  GLU A OE2 
322 N  N   . GLY A 43 ? 0.2742 0.5303 0.3079 -0.1150 0.0053  0.0675  74  GLY A N   
323 C  CA  . GLY A 43 ? 0.2614 0.5482 0.3192 -0.1346 0.0053  0.0918  74  GLY A CA  
324 C  C   . GLY A 43 ? 0.2593 0.5100 0.3208 -0.1487 -0.0169 0.1030  74  GLY A C   
325 O  O   . GLY A 43 ? 0.2669 0.5242 0.3350 -0.1641 -0.0252 0.1217  74  GLY A O   
326 N  N   . GLU A 44 ? 0.2859 0.4867 0.3337 -0.1354 -0.0277 0.0870  75  GLU A N   
327 C  CA  . GLU A 44 ? 0.2894 0.4521 0.3326 -0.1459 -0.0472 0.0933  75  GLU A CA  
328 C  C   . GLU A 44 ? 0.2555 0.4458 0.3389 -0.1342 -0.0415 0.0864  75  GLU A C   
329 O  O   . GLU A 44 ? 0.2472 0.4116 0.3293 -0.1171 -0.0424 0.0706  75  GLU A O   
330 C  CB  . GLU A 44 ? 0.3193 0.4156 0.3226 -0.1352 -0.0586 0.0819  75  GLU A CB  
331 C  CG  . GLU A 44 ? 0.3674 0.4374 0.3342 -0.1371 -0.0622 0.0878  75  GLU A CG  
332 C  CD  . GLU A 44 ? 0.4111 0.4091 0.3381 -0.1305 -0.0772 0.0852  75  GLU A CD  
333 O  OE1 . GLU A 44 ? 0.4216 0.3819 0.3325 -0.1464 -0.0917 0.0925  75  GLU A OE1 
334 O  OE2 . GLU A 44 ? 0.4236 0.4043 0.3356 -0.1086 -0.0745 0.0754  75  GLU A OE2 
335 N  N   . PHE A 45 ? 0.3483 0.3943 0.3883 -0.0617 0.0649  0.0554  76  PHE A N   
336 C  CA  . PHE A 45 ? 0.3011 0.3803 0.3715 -0.0537 0.0676  0.0360  76  PHE A CA  
337 C  C   . PHE A 45 ? 0.2842 0.3655 0.3853 -0.0493 0.0477  0.0261  76  PHE A C   
338 O  O   . PHE A 45 ? 0.2500 0.3480 0.3617 -0.0391 0.0379  0.0158  76  PHE A O   
339 C  CB  . PHE A 45 ? 0.2823 0.3880 0.3793 -0.0647 0.0960  0.0332  76  PHE A CB  
340 C  CG  . PHE A 45 ? 0.3215 0.4188 0.3668 -0.0702 0.1217  0.0395  76  PHE A CG  
341 C  CD1 . PHE A 45 ? 0.3319 0.4224 0.3346 -0.0582 0.1189  0.0281  76  PHE A CD1 
342 C  CD2 . PHE A 45 ? 0.3550 0.4457 0.3867 -0.0900 0.1462  0.0582  76  PHE A CD2 
343 C  CE1 . PHE A 45 ? 0.3868 0.4592 0.3221 -0.0651 0.1385  0.0304  76  PHE A CE1 
344 C  CE2 . PHE A 45 ? 0.4074 0.4845 0.3706 -0.0977 0.1715  0.0652  76  PHE A CE2 
345 C  CZ  . PHE A 45 ? 0.4245 0.4898 0.3331 -0.0848 0.1668  0.0488  76  PHE A CZ  
346 N  N   . ASP A 46 ? 0.2902 0.3480 0.3979 -0.0580 0.0392  0.0296  77  ASP A N   
347 C  CA  . ASP A 46 ? 0.3017 0.3479 0.4152 -0.0544 0.0187  0.0157  77  ASP A CA  
348 C  C   . ASP A 46 ? 0.3294 0.3650 0.4110 -0.0340 0.0138  0.0099  77  ASP A C   
349 O  O   . ASP A 46 ? 0.3234 0.3675 0.3984 -0.0275 0.0051  -0.0004 77  ASP A O   
350 C  CB  . ASP A 46 ? 0.3365 0.3493 0.4606 -0.0690 0.0086  0.0163  77  ASP A CB  
351 C  CG  . ASP A 46 ? 0.3671 0.3498 0.4775 -0.0722 0.0164  0.0337  77  ASP A CG  
352 O  OD1 . ASP A 46 ? 0.3706 0.3536 0.4550 -0.0599 0.0237  0.0431  77  ASP A OD1 
353 O  OD2 . ASP A 46 ? 0.3840 0.3404 0.5131 -0.0891 0.0096  0.0407  77  ASP A OD2 
354 N  N   A GLU A 47 ? 0.3159 0.3353 0.3821 -0.0251 0.0187  0.0203  78  GLU A N   
355 N  N   B GLU A 47 ? 0.3159 0.3352 0.3818 -0.0250 0.0187  0.0201  78  GLU A N   
356 C  CA  A GLU A 47 ? 0.3238 0.3417 0.3804 -0.0053 0.0181  0.0185  78  GLU A CA  
357 C  CA  B GLU A 47 ? 0.3236 0.3417 0.3801 -0.0052 0.0180  0.0180  78  GLU A CA  
358 C  C   A GLU A 47 ? 0.2777 0.3294 0.3363 0.0003  0.0183  0.0208  78  GLU A C   
359 C  C   B GLU A 47 ? 0.2776 0.3294 0.3362 0.0005  0.0183  0.0208  78  GLU A C   
360 O  O   A GLU A 47 ? 0.2558 0.3176 0.3141 0.0118  0.0192  0.0180  78  GLU A O   
361 O  O   B GLU A 47 ? 0.2555 0.3176 0.3141 0.0121  0.0192  0.0185  78  GLU A O   
362 C  CB  A GLU A 47 ? 0.5554 0.5526 0.6134 0.0014  0.0164  0.0350  78  GLU A CB  
363 C  CB  B GLU A 47 ? 0.5562 0.5523 0.6146 0.0025  0.0166  0.0332  78  GLU A CB  
364 C  CG  A GLU A 47 ? 0.5972 0.5528 0.6603 -0.0020 0.0125  0.0357  78  GLU A CG  
365 C  CG  B GLU A 47 ? 0.5967 0.5531 0.6591 -0.0051 0.0126  0.0354  78  GLU A CG  
366 C  CD  A GLU A 47 ? 0.6199 0.5538 0.6848 0.0138  0.0153  0.0130  78  GLU A CD  
367 C  CD  B GLU A 47 ? 0.6252 0.5521 0.7010 0.0149  0.0111  0.0307  78  GLU A CD  
368 O  OE1 A GLU A 47 ? 0.6225 0.5583 0.6998 0.0354  0.0222  0.0123  78  GLU A OE1 
369 O  OE1 B GLU A 47 ? 0.6143 0.5566 0.6947 0.0339  0.0203  0.0195  78  GLU A OE1 
370 O  OE2 A GLU A 47 ? 0.6425 0.5576 0.6966 0.0042  0.0110  -0.0051 78  GLU A OE2 
371 O  OE2 B GLU A 47 ? 0.6637 0.5522 0.7504 0.0119  0.0029  0.0395  78  GLU A OE2 
372 N  N   . CYS A 48 ? 0.3466 0.4130 0.4068 -0.0078 0.0199  0.0258  79  CYS A N   
373 C  CA  . CYS A 48 ? 0.2855 0.3759 0.3522 -0.0036 0.0164  0.0244  79  CYS A CA  
374 C  C   . CYS A 48 ? 0.2543 0.3603 0.3358 -0.0035 0.0106  0.0161  79  CYS A C   
375 O  O   . CYS A 48 ? 0.2219 0.3401 0.3066 0.0030  0.0044  0.0200  79  CYS A O   
376 C  CB  . CYS A 48 ? 0.2790 0.3739 0.3399 -0.0116 0.0243  0.0225  79  CYS A CB  
377 S  SG  . CYS A 48 ? 0.2203 0.3367 0.3014 -0.0070 0.0207  0.0114  79  CYS A SG  
378 N  N   . LEU A 49 ? 0.2682 0.3723 0.3601 -0.0134 0.0085  0.0087  80  LEU A N   
379 C  CA  . LEU A 49 ? 0.2495 0.3640 0.3524 -0.0167 -0.0069 0.0046  80  LEU A CA  
380 C  C   . LEU A 49 ? 0.2926 0.3930 0.3587 -0.0109 -0.0113 0.0033  80  LEU A C   
381 O  O   . LEU A 49 ? 0.2786 0.3887 0.3370 -0.0108 -0.0217 0.0084  80  LEU A O   
382 C  CB  . LEU A 49 ? 0.2538 0.3688 0.3845 -0.0311 -0.0151 -0.0004 80  LEU A CB  
383 C  CG  . LEU A 49 ? 0.2079 0.3482 0.3866 -0.0351 -0.0020 0.0007  80  LEU A CG  
384 C  CD1 . LEU A 49 ? 0.2137 0.3574 0.4310 -0.0513 -0.0021 0.0013  80  LEU A CD1 
385 C  CD2 . LEU A 49 ? 0.1545 0.3192 0.3700 -0.0289 -0.0119 0.0001  80  LEU A CD2 
386 N  N   . GLU A 50 ? 0.2639 0.3393 0.3063 -0.0057 -0.0012 -0.0025 81  GLU A N   
387 C  CA  . GLU A 50 ? 0.3186 0.3796 0.3233 0.0034  0.0055  -0.0090 81  GLU A CA  
388 C  C   . GLU A 50 ? 0.2799 0.3651 0.2928 0.0159  0.0191  0.0052  81  GLU A C   
389 O  O   . GLU A 50 ? 0.3000 0.3906 0.2879 0.0185  0.0257  0.0079  81  GLU A O   
390 C  CB  . GLU A 50 ? 0.3994 0.4227 0.3870 0.0091  0.0144  -0.0239 81  GLU A CB  
391 C  CG  . GLU A 50 ? 0.4168 0.4148 0.4058 -0.0082 -0.0043 -0.0344 81  GLU A CG  
392 C  CD  . GLU A 50 ? 0.4740 0.4212 0.4356 -0.0051 -0.0040 -0.0554 81  GLU A CD  
393 O  OE1 . GLU A 50 ? 0.5002 0.4303 0.4334 0.0135  0.0149  -0.0676 81  GLU A OE1 
394 O  OE2 . GLU A 50 ? 0.4756 0.3991 0.4504 -0.0215 -0.0215 -0.0601 81  GLU A OE2 
395 N  N   . ALA A 51 ? 0.3135 0.4119 0.3588 0.0207  0.0213  0.0170  82  ALA A N   
396 C  CA  . ALA A 51 ? 0.2610 0.3840 0.3283 0.0280  0.0253  0.0336  82  ALA A CA  
397 C  C   . ALA A 51 ? 0.2228 0.3653 0.2972 0.0192  0.0117  0.0425  82  ALA A C   
398 O  O   . ALA A 51 ? 0.2128 0.3727 0.2958 0.0209  0.0152  0.0577  82  ALA A O   
399 C  CB  . ALA A 51 ? 0.2235 0.3474 0.3172 0.0311  0.0195  0.0435  82  ALA A CB  
400 N  N   . LEU A 52 ? 0.2883 0.4289 0.3684 0.0102  -0.0030 0.0357  83  LEU A N   
401 C  CA  . LEU A 52 ? 0.2560 0.4098 0.3531 0.0042  -0.0197 0.0436  83  LEU A CA  
402 C  C   . LEU A 52 ? 0.2994 0.4516 0.3673 -0.0015 -0.0254 0.0506  83  LEU A C   
403 O  O   . LEU A 52 ? 0.2887 0.4516 0.3639 -0.0058 -0.0363 0.0685  83  LEU A O   
404 C  CB  . LEU A 52 ? 0.2293 0.3839 0.3527 -0.0005 -0.0294 0.0326  83  LEU A CB  
405 C  CG  . LEU A 52 ? 0.2100 0.3632 0.3467 0.0034  -0.0226 0.0263  83  LEU A CG  
406 C  CD1 . LEU A 52 ? 0.2047 0.3611 0.3647 0.0005  -0.0176 0.0121  83  LEU A CD1 
407 C  CD2 . LEU A 52 ? 0.1891 0.3460 0.3425 0.0065  -0.0346 0.0349  83  LEU A CD2 
408 N  N   . ASP A 53 ? 0.2895 0.4224 0.3182 -0.0041 -0.0219 0.0374  84  ASP A N   
409 C  CA  A ASP A 53 ? 0.3517 0.4731 0.3277 -0.0110 -0.0270 0.0415  84  ASP A CA  
410 C  CA  B ASP A 53 ? 0.3522 0.4733 0.3276 -0.0109 -0.0267 0.0411  84  ASP A CA  
411 C  C   . ASP A 53 ? 0.3816 0.5146 0.3375 -0.0041 -0.0007 0.0560  84  ASP A C   
412 O  O   . ASP A 53 ? 0.4005 0.5384 0.3298 -0.0128 -0.0059 0.0751  84  ASP A O   
413 C  CB  A ASP A 53 ? 0.4222 0.5102 0.3509 -0.0147 -0.0286 0.0184  84  ASP A CB  
414 C  CB  B ASP A 53 ? 0.4212 0.5089 0.3507 -0.0134 -0.0257 0.0174  84  ASP A CB  
415 C  CG  A ASP A 53 ? 0.4083 0.4897 0.3618 -0.0287 -0.0616 0.0123  84  ASP A CG  
416 C  CG  B ASP A 53 ? 0.4832 0.5470 0.3440 -0.0264 -0.0443 0.0160  84  ASP A CG  
417 O  OD1 A ASP A 53 ? 0.3640 0.4669 0.3642 -0.0341 -0.0824 0.0260  84  ASP A OD1 
418 O  OD1 B ASP A 53 ? 0.5178 0.5868 0.3391 -0.0281 -0.0360 0.0320  84  ASP A OD1 
419 O  OD2 A ASP A 53 ? 0.4413 0.4958 0.3768 -0.0342 -0.0674 -0.0060 84  ASP A OD2 
420 O  OD2 B ASP A 53 ? 0.4998 0.5374 0.3433 -0.0378 -0.0695 0.0010  84  ASP A OD2 
421 N  N   . ASP A 54 ? 0.3966 0.5361 0.3719 0.0106  0.0267  0.0516  85  ASP A N   
422 C  CA  . ASP A 54 ? 0.4084 0.5698 0.3910 0.0183  0.0554  0.0687  85  ASP A CA  
423 C  C   . ASP A 54 ? 0.3533 0.5434 0.3836 0.0103  0.0409  0.0985  85  ASP A C   
424 O  O   . ASP A 54 ? 0.3739 0.5810 0.3978 0.0049  0.0539  0.1220  85  ASP A O   
425 C  CB  . ASP A 54 ? 0.3900 0.5550 0.4071 0.0367  0.0802  0.0604  85  ASP A CB  
426 C  CG  . ASP A 54 ? 0.4519 0.5825 0.4252 0.0472  0.0986  0.0309  85  ASP A CG  
427 O  OD1 . ASP A 54 ? 0.5158 0.6215 0.4193 0.0406  0.1004  0.0166  85  ASP A OD1 
428 O  OD2 . ASP A 54 ? 0.4395 0.5626 0.4467 0.0611  0.1069  0.0223  85  ASP A OD2 
429 N  N   . ALA A 55 ? 0.3313 0.5236 0.4069 0.0084  0.0156  0.0979  86  ALA A N   
430 C  CA  . ALA A 55 ? 0.2854 0.4937 0.4065 0.0010  -0.0036 0.1207  86  ALA A CA  
431 C  C   . ALA A 55 ? 0.3154 0.5213 0.4191 -0.0128 -0.0217 0.1381  86  ALA A C   
432 O  O   . ALA A 55 ? 0.3249 0.5452 0.4501 -0.0212 -0.0253 0.1675  86  ALA A O   
433 C  CB  . ALA A 55 ? 0.2232 0.4222 0.3771 0.0025  -0.0257 0.1073  86  ALA A CB  
434 N  N   . LYS A 56 ? 0.4116 0.5991 0.4839 -0.0173 -0.0382 0.1246  87  LYS A N   
435 C  CA  . LYS A 56 ? 0.4301 0.6113 0.4879 -0.0315 -0.0651 0.1451  87  LYS A CA  
436 C  C   . LYS A 56 ? 0.4999 0.6828 0.4967 -0.0406 -0.0463 0.1682  87  LYS A C   
437 O  O   . LYS A 56 ? 0.5099 0.6972 0.5080 -0.0541 -0.0604 0.2021  87  LYS A O   
438 C  CB  . LYS A 56 ? 0.4231 0.5865 0.4681 -0.0352 -0.0901 0.1273  87  LYS A CB  
439 C  CG  . LYS A 56 ? 0.3610 0.5280 0.4704 -0.0271 -0.1008 0.1077  87  LYS A CG  
440 C  CD  . LYS A 56 ? 0.3660 0.5229 0.4660 -0.0294 -0.1085 0.0868  87  LYS A CD  
441 C  CE  . LYS A 56 ? 0.3636 0.5114 0.5141 -0.0280 -0.1237 0.0774  87  LYS A CE  
442 N  NZ  . LYS A 56 ? 0.3899 0.5287 0.5240 -0.0392 -0.1470 0.0765  87  LYS A NZ  
443 N  N   . ARG A 57 ? 0.5317 0.7086 0.4731 -0.0333 -0.0119 0.1505  88  ARG A N   
444 C  CA  . ARG A 57 ? 0.5914 0.7689 0.4647 -0.0395 0.0185  0.1669  88  ARG A CA  
445 C  C   . ARG A 57 ? 0.5713 0.7857 0.4934 -0.0373 0.0504  0.1959  88  ARG A C   
446 O  O   . ARG A 57 ? 0.6139 0.8317 0.4941 -0.0448 0.0770  0.2142  88  ARG A O   
447 C  CB  . ARG A 57 ? 0.6524 0.8048 0.4532 -0.0292 0.0478  0.1317  88  ARG A CB  
448 C  CG  . ARG A 57 ? 0.6735 0.7879 0.4321 -0.0370 0.0088  0.1073  88  ARG A CG  
449 C  CD  . ARG A 57 ? 0.7452 0.8255 0.4406 -0.0275 0.0304  0.0678  88  ARG A CD  
450 N  NE  . ARG A 57 ? 0.7683 0.8596 0.4544 -0.0091 0.0888  0.0603  88  ARG A NE  
451 C  CZ  . ARG A 57 ? 0.7033 0.8011 0.4433 0.0120  0.1129  0.0406  88  ARG A CZ  
452 N  NH1 . ARG A 57 ? 0.6260 0.7159 0.4156 0.0148  0.0864  0.0265  88  ARG A NH1 
453 N  NH2 . ARG A 57 ? 0.7186 0.8322 0.4672 0.0303  0.1655  0.0380  88  ARG A NH2 
454 N  N   . ALA A 58 ? 0.4623 0.6979 0.4737 -0.0284 0.0449  0.1964  89  ALA A N   
455 C  CA  . ALA A 58 ? 0.4289 0.7004 0.5066 -0.0301 0.0624  0.2274  89  ALA A CA  
456 C  C   . ALA A 58 ? 0.4050 0.6782 0.5305 -0.0471 0.0226  0.2577  89  ALA A C   
457 O  O   . ALA A 58 ? 0.3810 0.6726 0.5627 -0.0490 0.0247  0.2766  89  ALA A O   
458 C  CB  . ALA A 58 ? 0.3762 0.6618 0.5225 -0.0129 0.0690  0.2111  89  ALA A CB  
459 N  N   . LEU A 59 ? 0.5320 0.7799 0.6425 -0.0559 -0.0184 0.2567  90  LEU A N   
460 C  CA  . LEU A 59 ? 0.5112 0.7539 0.6727 -0.0695 -0.0567 0.2794  90  LEU A CA  
461 C  C   . LEU A 59 ? 0.5498 0.7993 0.6852 -0.0847 -0.0464 0.3084  90  LEU A C   
462 O  O   . LEU A 59 ? 0.6087 0.8447 0.6602 -0.0891 -0.0298 0.3074  90  LEU A O   
463 C  CB  . LEU A 59 ? 0.4986 0.7080 0.6567 -0.0713 -0.0949 0.2581  90  LEU A CB  
464 C  CG  . LEU A 59 ? 0.4612 0.6466 0.6505 -0.0566 -0.1015 0.2145  90  LEU A CG  
465 C  CD1 . LEU A 59 ? 0.4556 0.6094 0.6359 -0.0553 -0.1222 0.1930  90  LEU A CD1 
466 C  CD2 . LEU A 59 ? 0.4532 0.6170 0.6896 -0.0579 -0.1059 0.2097  90  LEU A CD2 
467 N  N   . PRO A 60 ? 0.5180 0.7837 0.7184 -0.0936 -0.0577 0.3340  91  PRO A N   
468 C  CA  . PRO A 60 ? 0.5841 0.8561 0.7639 -0.1093 -0.0482 0.3666  91  PRO A CA  
469 C  C   . PRO A 60 ? 0.6430 0.8835 0.7606 -0.1246 -0.0730 0.3740  91  PRO A C   
470 O  O   . PRO A 60 ? 0.6153 0.8336 0.7543 -0.1258 -0.1125 0.3599  91  PRO A O   
471 C  CB  . PRO A 60 ? 0.5597 0.8462 0.8366 -0.1167 -0.0782 0.3885  91  PRO A CB  
472 C  CG  . PRO A 60 ? 0.4914 0.7842 0.8242 -0.0998 -0.0838 0.3672  91  PRO A CG  
473 C  CD  . PRO A 60 ? 0.4634 0.7369 0.7551 -0.0902 -0.0823 0.3329  91  PRO A CD  
474 HO HO  . HO3 B .  ? 0.2764 0.2812 0.2163 -0.0712 -0.0290 0.0175  101 HO3 A HO  
# 
